data_5T1Q
#
_entry.id   5T1Q
#
_cell.length_a   63.570
_cell.length_b   66.838
_cell.length_c   102.737
_cell.angle_alpha   108.70
_cell.angle_beta   104.72
_cell.angle_gamma   90.25
#
_symmetry.space_group_name_H-M   'P 1'
#
loop_
_entity.id
_entity.type
_entity.pdbx_description
1 polymer 'N-acetylmuramoyl-L-alanine amidase domain-containing protein SAOUHSC_02979'
2 non-polymer 'SODIUM ION'
3 non-polymer 'TRIETHYLENE GLYCOL'
4 water water
#
_entity_poly.entity_id   1
_entity_poly.type   'polypeptide(L)'
_entity_poly.pdbx_seq_one_letter_code
;TKNPQLPTQDELKHKSKPAQSFNNDVNQKDTRATSLFETDPSISNNDDSGQFNVVDSKDTRQFVKSIAKDAHRIGQDNDI
YASV(MSE)IAQAILESDSGRSALAKSPNHNLFGIKGAFEGNSVPFNTLEADGNQLYSINAGFRKYPSTKESLKDYSDLI
KNGIDGNRTIYKPTWKSEADSYKDATSHLSKTYATDPNYAKKLNSIIKHYQLTQFDDER(MSE)PDLDKYERSIKDYDDS
SDEFKPFREVSDS(MSE)PYPHGQCTWYVYNR(MSE)KQFGTSISGDLGDAHNWNNRAQYRDYQVSHTPKRHAAVVFEAG
QFGADQHYGHVAFVEKVNSDGSIVISESNVKGLGIISHRTINAAAAEELSYITGK
;
_entity_poly.pdbx_strand_id   A,B,C,D
#
# COMPACT_ATOMS: atom_id res chain seq x y z
N LYS A 2 0.82 20.54 17.36
CA LYS A 2 0.58 19.14 17.85
C LYS A 2 1.38 18.09 17.08
N ASN A 3 2.65 18.42 16.78
CA ASN A 3 3.58 17.52 16.04
C ASN A 3 3.70 16.13 16.70
N PRO A 4 3.19 15.07 16.03
CA PRO A 4 3.25 13.71 16.58
C PRO A 4 4.65 13.13 16.89
N GLN A 5 5.69 13.60 16.18
CA GLN A 5 7.05 13.12 16.44
C GLN A 5 7.65 13.63 17.75
N LEU A 6 7.03 14.62 18.37
CA LEU A 6 7.54 15.17 19.62
C LEU A 6 6.66 14.69 20.77
N PRO A 7 7.11 14.89 22.03
CA PRO A 7 6.29 14.46 23.16
C PRO A 7 4.96 15.20 23.25
N THR A 8 3.89 14.47 23.45
CA THR A 8 2.56 15.05 23.61
C THR A 8 2.38 15.42 25.08
N GLN A 9 1.29 16.13 25.36
CA GLN A 9 0.98 16.56 26.73
C GLN A 9 0.77 15.34 27.64
N ASP A 10 0.08 14.33 27.13
CA ASP A 10 -0.21 13.11 27.90
C ASP A 10 1.07 12.29 28.16
N GLU A 11 1.98 12.29 27.19
CA GLU A 11 3.26 11.58 27.32
C GLU A 11 4.19 12.26 28.33
N LEU A 12 4.15 13.59 28.38
CA LEU A 12 4.99 14.37 29.30
C LEU A 12 4.57 14.26 30.77
N LYS A 13 3.28 14.09 31.02
CA LYS A 13 2.77 13.95 32.39
C LYS A 13 3.25 12.66 33.05
N HIS A 14 3.42 11.61 32.25
CA HIS A 14 3.91 10.32 32.75
C HIS A 14 5.42 10.11 32.51
N LYS A 15 6.14 11.17 32.15
CA LYS A 15 7.59 11.06 31.87
C LYS A 15 8.38 10.48 33.04
N SER A 16 9.47 9.80 32.72
CA SER A 16 10.31 9.16 33.73
C SER A 16 11.77 9.47 33.52
N LYS A 17 12.58 9.18 34.53
CA LYS A 17 14.02 9.26 34.37
C LYS A 17 14.40 8.05 33.54
N PRO A 18 15.43 8.18 32.69
CA PRO A 18 15.80 7.02 31.89
C PRO A 18 16.19 5.84 32.75
N ALA A 19 15.66 4.66 32.43
CA ALA A 19 16.00 3.46 33.18
C ALA A 19 17.47 3.07 32.94
N GLN A 20 18.17 2.72 34.01
CA GLN A 20 19.56 2.26 33.95
C GLN A 20 19.70 0.74 34.00
N SER A 21 18.60 0.05 34.29
CA SER A 21 18.60 -1.41 34.37
C SER A 21 17.25 -1.97 33.97
N PHE A 22 17.23 -3.24 33.61
CA PHE A 22 15.97 -3.89 33.24
C PHE A 22 15.41 -4.58 34.47
N ASN A 23 14.10 -4.75 34.46
CA ASN A 23 13.43 -5.48 35.53
C ASN A 23 12.25 -6.21 34.86
N ASN A 24 11.29 -6.68 35.67
CA ASN A 24 10.12 -7.37 35.10
C ASN A 24 9.19 -6.41 34.30
N ASP A 25 9.26 -5.10 34.59
CA ASP A 25 8.42 -4.09 33.90
C ASP A 25 9.10 -3.49 32.66
N VAL A 26 10.34 -3.02 32.82
CA VAL A 26 11.14 -2.42 31.75
C VAL A 26 12.10 -3.49 31.19
N ASN A 27 11.92 -3.85 29.93
CA ASN A 27 12.69 -4.94 29.32
C ASN A 27 13.22 -4.60 27.94
N GLN A 28 13.96 -5.54 27.36
CA GLN A 28 14.55 -5.36 26.03
C GLN A 28 13.55 -5.15 24.90
N LYS A 29 12.36 -5.72 25.03
CA LYS A 29 11.35 -5.61 23.97
C LYS A 29 10.74 -4.21 23.86
N ASP A 30 10.87 -3.38 24.90
CA ASP A 30 10.30 -2.02 24.86
C ASP A 30 11.33 -0.91 25.14
N THR A 31 12.60 -1.19 24.89
CA THR A 31 13.64 -0.20 25.06
C THR A 31 14.37 -0.04 23.75
N ARG A 32 14.46 1.20 23.30
CA ARG A 32 15.13 1.52 22.05
C ARG A 32 16.64 1.54 22.17
N ALA A 33 17.28 1.53 21.01
CA ALA A 33 18.70 1.70 20.89
C ALA A 33 18.86 2.73 19.77
N THR A 34 19.68 3.73 20.02
CA THR A 34 20.00 4.78 19.03
C THR A 34 21.51 4.96 19.03
N SER A 35 22.05 5.58 17.99
CA SER A 35 23.50 5.74 17.88
C SER A 35 24.12 6.56 18.99
N LEU A 36 25.32 6.17 19.39
CA LEU A 36 26.09 6.87 20.38
C LEU A 36 27.19 7.66 19.68
N PHE A 37 27.60 8.75 20.31
CA PHE A 37 28.59 9.67 19.78
C PHE A 37 29.58 10.10 20.84
N GLU A 38 30.78 10.43 20.39
CA GLU A 38 31.82 10.94 21.27
C GLU A 38 32.20 12.32 20.75
N THR A 39 32.72 13.17 21.62
N THR A 39 32.76 13.15 21.62
CA THR A 39 33.16 14.51 21.21
CA THR A 39 33.16 14.50 21.22
C THR A 39 34.40 14.39 20.34
C THR A 39 34.41 14.40 20.35
N ASP A 40 34.41 15.11 19.23
CA ASP A 40 35.53 15.12 18.27
C ASP A 40 36.79 15.65 18.97
N PRO A 41 37.86 14.82 19.04
CA PRO A 41 39.09 15.29 19.70
C PRO A 41 39.79 16.50 19.04
N SER A 42 39.47 16.79 17.77
CA SER A 42 40.10 17.94 17.08
C SER A 42 39.73 19.27 17.73
N ILE A 43 40.72 20.13 17.87
CA ILE A 43 40.51 21.45 18.47
C ILE A 43 39.70 22.29 17.47
N SER A 44 38.48 22.66 17.88
CA SER A 44 37.59 23.44 17.03
C SER A 44 38.11 24.88 16.86
N ASN A 45 37.65 25.54 15.80
CA ASN A 45 38.04 26.92 15.54
C ASN A 45 37.47 27.87 16.59
N ASN A 46 36.27 27.58 17.08
CA ASN A 46 35.62 28.40 18.11
C ASN A 46 34.77 27.53 19.03
N ASP A 47 34.24 28.14 20.09
CA ASP A 47 33.43 27.42 21.08
C ASP A 47 32.12 26.78 20.56
N ASP A 48 31.63 27.23 19.40
CA ASP A 48 30.37 26.71 18.81
C ASP A 48 30.57 25.75 17.60
N SER A 49 31.78 25.71 17.03
CA SER A 49 32.03 24.90 15.81
C SER A 49 32.45 23.43 16.04
N GLY A 50 32.31 22.94 17.28
CA GLY A 50 32.67 21.55 17.59
C GLY A 50 31.78 20.50 16.93
N GLN A 51 32.37 19.35 16.62
CA GLN A 51 31.67 18.25 15.98
C GLN A 51 31.62 17.01 16.87
N PHE A 52 30.84 16.02 16.42
CA PHE A 52 30.76 14.74 17.10
C PHE A 52 31.30 13.66 16.19
N ASN A 53 31.92 12.66 16.79
CA ASN A 53 32.40 11.51 16.05
C ASN A 53 31.48 10.37 16.33
N VAL A 54 31.17 9.64 15.27
CA VAL A 54 30.36 8.45 15.37
C VAL A 54 31.24 7.35 15.96
N VAL A 55 30.60 6.35 16.55
CA VAL A 55 31.31 5.16 17.02
C VAL A 55 31.37 4.27 15.78
N ASP A 56 32.54 4.17 15.17
CA ASP A 56 32.77 3.37 13.96
C ASP A 56 32.35 1.91 14.20
N SER A 57 31.81 1.25 13.17
CA SER A 57 31.27 -0.10 13.34
C SER A 57 31.07 -0.85 12.03
N LYS A 58 31.28 -2.17 12.04
CA LYS A 58 31.04 -2.97 10.83
C LYS A 58 29.53 -3.19 10.65
N ASP A 59 28.77 -3.20 11.75
CA ASP A 59 27.31 -3.32 11.65
C ASP A 59 26.73 -2.15 10.85
N THR A 60 27.24 -0.95 11.12
CA THR A 60 26.77 0.26 10.41
C THR A 60 27.06 0.16 8.91
N ARG A 61 28.26 -0.30 8.56
CA ARG A 61 28.65 -0.48 7.15
C ARG A 61 27.69 -1.44 6.44
N GLN A 62 27.43 -2.59 7.07
CA GLN A 62 26.51 -3.57 6.48
C GLN A 62 25.05 -3.06 6.46
N PHE A 63 24.66 -2.29 7.47
CA PHE A 63 23.31 -1.71 7.49
C PHE A 63 23.14 -0.71 6.34
N VAL A 64 24.18 0.07 6.07
CA VAL A 64 24.14 1.01 4.96
C VAL A 64 23.92 0.25 3.65
N LYS A 65 24.63 -0.87 3.47
CA LYS A 65 24.48 -1.67 2.24
C LYS A 65 23.11 -2.32 2.11
N SER A 66 22.48 -2.64 3.24
CA SER A 66 21.15 -3.26 3.23
C SER A 66 20.06 -2.31 2.74
N ILE A 67 20.30 -0.99 2.78
CA ILE A 67 19.29 0.00 2.35
C ILE A 67 19.76 1.11 1.41
N ALA A 68 21.05 1.14 1.06
CA ALA A 68 21.57 2.22 0.19
C ALA A 68 20.88 2.25 -1.19
N LYS A 69 20.55 1.07 -1.73
CA LYS A 69 19.89 1.01 -3.03
C LYS A 69 18.48 1.59 -2.96
N ASP A 70 17.68 1.15 -2.00
CA ASP A 70 16.32 1.65 -1.85
C ASP A 70 16.30 3.15 -1.50
N ALA A 71 17.25 3.57 -0.66
CA ALA A 71 17.36 5.00 -0.29
C ALA A 71 17.74 5.85 -1.49
N HIS A 72 18.64 5.34 -2.33
CA HIS A 72 19.04 6.05 -3.55
C HIS A 72 17.88 6.29 -4.52
N ARG A 73 17.12 5.24 -4.83
CA ARG A 73 15.97 5.31 -5.75
C ARG A 73 14.88 6.22 -5.16
N ILE A 74 14.56 6.01 -3.88
CA ILE A 74 13.57 6.83 -3.17
C ILE A 74 13.99 8.31 -3.19
N GLY A 75 15.28 8.57 -3.02
CA GLY A 75 15.80 9.93 -3.06
C GLY A 75 15.55 10.66 -4.38
N GLN A 76 15.96 10.04 -5.49
CA GLN A 76 15.80 10.65 -6.83
C GLN A 76 14.35 10.88 -7.20
N ASP A 77 13.50 9.89 -6.93
CA ASP A 77 12.08 9.95 -7.28
C ASP A 77 11.27 10.97 -6.48
N ASN A 78 11.47 11.01 -5.17
CA ASN A 78 10.70 11.88 -4.29
C ASN A 78 11.39 13.18 -3.85
N ASP A 79 12.49 13.57 -4.49
CA ASP A 79 13.17 14.84 -4.15
C ASP A 79 13.72 14.88 -2.69
N ILE A 80 14.32 13.78 -2.27
CA ILE A 80 14.87 13.65 -0.90
C ILE A 80 16.37 13.31 -0.94
N TYR A 81 17.13 13.88 0.00
CA TYR A 81 18.55 13.53 0.13
C TYR A 81 18.63 12.13 0.72
N ALA A 82 19.14 11.19 -0.07
CA ALA A 82 19.33 9.82 0.39
C ALA A 82 20.27 9.80 1.60
N SER A 83 21.24 10.71 1.60
CA SER A 83 22.20 10.84 2.69
C SER A 83 21.52 11.17 4.01
N VAL A 84 20.58 12.09 3.98
CA VAL A 84 19.85 12.46 5.19
C VAL A 84 19.00 11.26 5.62
N ILE A 86 19.46 8.00 4.98
CA ILE A 86 20.29 6.89 5.48
C ILE A 86 20.85 7.23 6.87
N ALA A 87 21.24 8.48 7.06
CA ALA A 87 21.76 8.93 8.33
C ALA A 87 20.72 8.85 9.42
N GLN A 88 19.49 9.26 9.10
CA GLN A 88 18.39 9.17 10.06
C GLN A 88 18.10 7.71 10.40
N ALA A 89 18.15 6.83 9.40
CA ALA A 89 17.96 5.40 9.63
C ALA A 89 19.03 4.89 10.58
N ILE A 90 20.30 5.23 10.31
CA ILE A 90 21.42 4.84 11.16
C ILE A 90 21.24 5.33 12.62
N LEU A 91 20.92 6.61 12.76
CA LEU A 91 20.78 7.24 14.08
C LEU A 91 19.63 6.68 14.90
N GLU A 92 18.43 6.66 14.30
CA GLU A 92 17.21 6.22 14.96
C GLU A 92 17.12 4.73 15.25
N SER A 93 17.77 3.89 14.44
CA SER A 93 17.74 2.43 14.64
C SER A 93 19.03 1.85 15.21
N ASP A 94 20.03 2.71 15.44
CA ASP A 94 21.38 2.29 15.91
C ASP A 94 21.95 1.28 14.92
N SER A 95 21.99 1.67 13.67
CA SER A 95 22.51 0.83 12.58
C SER A 95 21.81 -0.52 12.49
N GLY A 96 20.50 -0.50 12.68
CA GLY A 96 19.67 -1.70 12.58
C GLY A 96 19.55 -2.58 13.81
N ARG A 97 20.27 -2.23 14.88
CA ARG A 97 20.30 -3.07 16.09
C ARG A 97 19.14 -2.89 17.08
N SER A 98 18.43 -1.76 17.01
CA SER A 98 17.31 -1.53 17.94
C SER A 98 16.18 -2.55 17.78
N ALA A 99 15.53 -2.89 18.89
CA ALA A 99 14.41 -3.82 18.87
C ALA A 99 13.24 -3.25 18.05
N LEU A 100 13.20 -1.93 17.95
CA LEU A 100 12.18 -1.21 17.16
C LEU A 100 12.45 -1.36 15.65
N ALA A 101 13.72 -1.57 15.29
CA ALA A 101 14.11 -1.69 13.87
C ALA A 101 14.13 -3.09 13.31
N LYS A 102 14.21 -4.13 14.15
CA LYS A 102 14.20 -5.49 13.62
C LYS A 102 12.84 -6.16 13.78
N SER A 103 12.72 -7.40 13.33
CA SER A 103 11.46 -8.13 13.40
C SER A 103 10.94 -8.15 14.84
N PRO A 104 9.63 -8.01 15.04
CA PRO A 104 8.62 -7.86 13.98
C PRO A 104 8.18 -6.41 13.77
N ASN A 105 8.97 -5.43 14.24
CA ASN A 105 8.55 -4.03 14.18
C ASN A 105 9.02 -3.29 12.92
N HIS A 106 10.26 -3.55 12.50
CA HIS A 106 10.82 -3.02 11.23
C HIS A 106 10.80 -1.47 11.05
N ASN A 107 10.69 -0.72 12.15
CA ASN A 107 10.62 0.74 12.10
C ASN A 107 12.06 1.28 12.20
N LEU A 108 12.60 1.68 11.05
CA LEU A 108 13.98 2.15 10.96
C LEU A 108 14.21 3.61 11.27
N PHE A 109 13.15 4.41 11.25
CA PHE A 109 13.28 5.86 11.45
C PHE A 109 12.70 6.41 12.73
N GLY A 110 12.27 5.54 13.63
CA GLY A 110 11.68 5.97 14.89
C GLY A 110 10.45 6.84 14.71
N ILE A 111 9.61 6.48 13.75
CA ILE A 111 8.39 7.24 13.48
C ILE A 111 7.30 6.77 14.43
N LYS A 112 6.73 7.73 15.17
CA LYS A 112 5.66 7.45 16.14
C LYS A 112 4.29 7.29 15.46
N GLY A 113 3.34 6.68 16.18
CA GLY A 113 1.98 6.45 15.69
C GLY A 113 1.71 5.00 15.36
N ALA A 114 0.92 4.78 14.32
CA ALA A 114 0.56 3.44 13.84
C ALA A 114 0.59 3.42 12.31
N PHE A 115 0.83 2.23 11.75
CA PHE A 115 0.88 2.05 10.30
C PHE A 115 -0.11 0.96 9.93
N GLU A 116 -1.13 1.33 9.14
CA GLU A 116 -2.18 0.39 8.71
C GLU A 116 -2.84 -0.27 9.95
N GLY A 117 -2.95 0.52 11.03
CA GLY A 117 -3.55 0.07 12.29
C GLY A 117 -2.63 -0.68 13.25
N ASN A 118 -1.37 -0.92 12.86
CA ASN A 118 -0.43 -1.67 13.70
C ASN A 118 0.54 -0.72 14.42
N SER A 119 0.79 -0.99 15.70
CA SER A 119 1.61 -0.14 16.52
C SER A 119 2.34 -0.95 17.60
N VAL A 120 3.42 -0.39 18.14
CA VAL A 120 4.21 -1.06 19.19
C VAL A 120 4.73 -0.03 20.21
N PRO A 121 4.48 -0.27 21.52
CA PRO A 121 4.92 0.68 22.54
C PRO A 121 6.40 0.55 22.91
N PHE A 122 7.08 1.69 22.99
CA PHE A 122 8.50 1.75 23.37
C PHE A 122 8.81 2.94 24.22
N ASN A 123 9.77 2.75 25.13
CA ASN A 123 10.31 3.83 25.92
C ASN A 123 11.29 4.52 24.99
N THR A 124 11.25 5.84 24.95
CA THR A 124 12.07 6.59 24.03
C THR A 124 12.69 7.77 24.78
N LEU A 125 13.97 8.03 24.51
CA LEU A 125 14.70 9.05 25.21
C LEU A 125 14.54 10.43 24.59
N GLU A 126 14.37 11.40 25.45
CA GLU A 126 14.15 12.77 25.06
C GLU A 126 15.12 13.64 25.84
N ALA A 127 15.20 14.90 25.45
CA ALA A 127 16.07 15.84 26.13
C ALA A 127 15.48 17.25 26.10
N ASP A 128 15.65 17.96 27.21
CA ASP A 128 15.26 19.36 27.37
C ASP A 128 16.63 20.00 27.67
N GLY A 129 17.40 20.18 26.61
CA GLY A 129 18.78 20.67 26.73
C GLY A 129 19.62 19.51 27.24
N ASN A 130 20.13 19.64 28.46
CA ASN A 130 20.92 18.58 29.11
C ASN A 130 20.07 17.76 30.12
N GLN A 131 18.79 18.11 30.26
CA GLN A 131 17.88 17.39 31.16
C GLN A 131 17.28 16.23 30.37
N LEU A 132 17.69 14.99 30.70
CA LEU A 132 17.21 13.80 30.00
C LEU A 132 15.99 13.18 30.66
N TYR A 133 15.08 12.66 29.83
CA TYR A 133 13.92 11.98 30.34
C TYR A 133 13.47 10.93 29.33
N SER A 134 12.46 10.17 29.72
CA SER A 134 11.94 9.09 28.92
C SER A 134 10.43 9.20 28.88
N ILE A 135 9.86 8.78 27.75
CA ILE A 135 8.40 8.71 27.61
C ILE A 135 8.08 7.38 26.94
N ASN A 136 6.91 6.85 27.25
CA ASN A 136 6.43 5.62 26.68
C ASN A 136 5.44 6.02 25.57
N ALA A 137 5.75 5.68 24.32
CA ALA A 137 4.90 6.04 23.19
C ALA A 137 4.74 4.93 22.16
N GLY A 138 3.66 5.03 21.38
CA GLY A 138 3.37 4.07 20.32
C GLY A 138 4.15 4.39 19.07
N PHE A 139 4.81 3.39 18.52
CA PHE A 139 5.59 3.53 17.29
C PHE A 139 4.96 2.68 16.22
N ARG A 140 5.14 3.12 14.97
CA ARG A 140 4.59 2.44 13.83
C ARG A 140 5.24 1.08 13.67
N LYS A 141 4.42 0.05 13.50
CA LYS A 141 4.85 -1.33 13.32
C LYS A 141 4.55 -1.68 11.86
N TYR A 142 5.60 -2.02 11.11
CA TYR A 142 5.48 -2.33 9.70
C TYR A 142 5.64 -3.82 9.43
N PRO A 143 5.08 -4.31 8.31
CA PRO A 143 5.26 -5.74 7.96
C PRO A 143 6.72 -6.07 7.62
N SER A 144 7.44 -5.08 7.10
CA SER A 144 8.85 -5.23 6.73
C SER A 144 9.51 -3.85 6.61
N THR A 145 10.81 -3.83 6.37
CA THR A 145 11.53 -2.57 6.20
C THR A 145 11.18 -1.87 4.88
N LYS A 146 10.54 -2.59 3.97
CA LYS A 146 10.09 -1.99 2.71
C LYS A 146 9.09 -0.85 3.00
N GLU A 147 8.10 -1.13 3.83
CA GLU A 147 7.08 -0.14 4.18
C GLU A 147 7.62 0.97 5.08
N SER A 148 8.72 0.72 5.80
CA SER A 148 9.34 1.73 6.67
C SER A 148 9.99 2.82 5.84
N LEU A 149 10.81 2.42 4.86
CA LEU A 149 11.48 3.35 3.95
C LEU A 149 10.47 4.21 3.18
N LYS A 150 9.40 3.56 2.71
CA LYS A 150 8.32 4.22 1.98
C LYS A 150 7.59 5.21 2.91
N ASP A 151 7.34 4.79 4.15
CA ASP A 151 6.60 5.62 5.09
C ASP A 151 7.40 6.87 5.52
N TYR A 152 8.73 6.74 5.56
CA TYR A 152 9.58 7.90 5.86
C TYR A 152 9.45 8.93 4.76
N SER A 153 9.56 8.47 3.51
CA SER A 153 9.45 9.36 2.36
C SER A 153 8.09 10.03 2.31
N ASP A 154 7.04 9.29 2.68
CA ASP A 154 5.69 9.84 2.72
C ASP A 154 5.55 10.92 3.78
N LEU A 155 6.23 10.74 4.92
CA LEU A 155 6.17 11.72 6.00
C LEU A 155 6.83 13.03 5.58
N ILE A 156 8.02 12.94 4.98
CA ILE A 156 8.76 14.12 4.54
C ILE A 156 8.00 14.90 3.44
N LYS A 157 7.35 14.17 2.53
CA LYS A 157 6.64 14.80 1.41
C LYS A 157 5.26 15.31 1.76
N ASN A 158 4.51 14.57 2.57
CA ASN A 158 3.13 14.96 2.94
C ASN A 158 3.00 15.73 4.25
N GLY A 159 3.96 15.57 5.16
CA GLY A 159 3.93 16.30 6.42
C GLY A 159 2.89 15.86 7.42
N ILE A 160 2.33 16.82 8.17
CA ILE A 160 1.35 16.53 9.22
C ILE A 160 0.13 17.46 9.15
N ASP A 161 -0.87 17.12 9.97
CA ASP A 161 -2.10 17.89 10.07
C ASP A 161 -1.78 19.25 10.71
N GLY A 162 -2.24 20.33 10.07
CA GLY A 162 -1.97 21.69 10.54
C GLY A 162 -0.60 22.21 10.15
N ASN A 163 0.20 21.40 9.43
CA ASN A 163 1.52 21.81 8.97
C ASN A 163 2.04 20.80 7.92
N ARG A 164 1.41 20.81 6.75
CA ARG A 164 1.76 19.90 5.64
C ARG A 164 3.17 20.08 5.09
N THR A 165 3.75 21.26 5.30
CA THR A 165 5.08 21.54 4.82
C THR A 165 6.12 21.57 5.96
N ILE A 166 5.82 20.88 7.06
CA ILE A 166 6.73 20.87 8.20
C ILE A 166 8.15 20.37 7.82
N TYR A 167 8.24 19.45 6.86
CA TYR A 167 9.54 18.93 6.41
C TYR A 167 9.92 19.40 5.01
N LYS A 168 9.17 20.36 4.46
CA LYS A 168 9.45 20.91 3.12
C LYS A 168 10.88 21.47 3.00
N PRO A 169 11.39 22.17 4.04
CA PRO A 169 12.78 22.66 3.99
C PRO A 169 13.88 21.58 3.89
N THR A 170 13.57 20.29 4.08
CA THR A 170 14.57 19.23 3.91
C THR A 170 14.59 18.72 2.47
N TRP A 171 13.57 19.12 1.69
CA TRP A 171 13.46 18.73 0.29
C TRP A 171 14.68 19.24 -0.44
N LYS A 172 15.15 18.46 -1.39
CA LYS A 172 16.39 18.78 -2.13
C LYS A 172 16.25 20.11 -2.88
N SER A 173 15.07 20.36 -3.44
CA SER A 173 14.79 21.62 -4.16
C SER A 173 14.73 22.86 -3.25
N GLU A 174 14.61 22.66 -1.93
CA GLU A 174 14.53 23.77 -0.95
C GLU A 174 15.81 23.97 -0.13
N ALA A 175 16.64 22.91 -0.06
CA ALA A 175 17.87 22.93 0.72
C ALA A 175 19.08 22.79 -0.22
N ASP A 176 19.92 23.82 -0.26
CA ASP A 176 21.09 23.85 -1.14
C ASP A 176 22.02 22.64 -0.94
N SER A 177 22.22 22.22 0.31
CA SER A 177 23.04 21.05 0.62
C SER A 177 22.38 20.26 1.74
N TYR A 178 22.94 19.09 2.03
CA TYR A 178 22.41 18.23 3.08
C TYR A 178 22.43 18.91 4.46
N LYS A 179 23.39 19.82 4.70
CA LYS A 179 23.46 20.51 6.00
C LYS A 179 22.31 21.48 6.26
N ASP A 180 21.68 21.98 5.19
CA ASP A 180 20.52 22.85 5.35
C ASP A 180 19.35 21.99 5.80
N ALA A 181 19.27 20.78 5.23
CA ALA A 181 18.22 19.83 5.56
C ALA A 181 18.34 19.31 7.00
N THR A 182 19.53 18.88 7.41
CA THR A 182 19.70 18.38 8.78
C THR A 182 19.38 19.45 9.83
N SER A 183 19.71 20.72 9.55
CA SER A 183 19.42 21.81 10.52
C SER A 183 17.91 22.02 10.73
N HIS A 184 17.11 21.72 9.72
CA HIS A 184 15.64 21.84 9.84
C HIS A 184 15.01 20.63 10.53
N LEU A 185 15.72 19.52 10.59
CA LEU A 185 15.24 18.34 11.33
C LEU A 185 15.46 18.56 12.83
N SER A 186 16.33 19.52 13.15
CA SER A 186 16.70 19.90 14.52
C SER A 186 15.54 20.07 15.52
N LYS A 187 14.43 20.66 15.08
CA LYS A 187 13.30 20.91 16.00
C LYS A 187 11.96 20.38 15.53
N THR A 188 11.95 19.69 14.40
CA THR A 188 10.72 19.15 13.84
C THR A 188 10.62 17.63 13.90
N TYR A 189 11.74 16.95 14.19
CA TYR A 189 11.78 15.50 14.20
C TYR A 189 12.13 14.90 15.56
N ALA A 190 13.01 15.57 16.30
CA ALA A 190 13.47 15.09 17.61
C ALA A 190 13.70 16.21 18.59
N THR A 191 13.77 15.85 19.86
CA THR A 191 14.01 16.81 20.94
C THR A 191 15.52 16.97 21.21
N ASP A 192 16.28 15.97 20.79
CA ASP A 192 17.74 15.96 20.96
C ASP A 192 18.33 17.24 20.36
N PRO A 193 18.92 18.10 21.22
CA PRO A 193 19.44 19.38 20.72
C PRO A 193 20.70 19.27 19.87
N ASN A 194 21.29 18.07 19.78
CA ASN A 194 22.46 17.85 18.93
C ASN A 194 22.08 17.04 17.71
N TYR A 195 20.79 16.97 17.39
CA TYR A 195 20.33 16.14 16.28
C TYR A 195 21.05 16.43 14.95
N ALA A 196 21.11 17.70 14.56
CA ALA A 196 21.75 18.09 13.28
C ALA A 196 23.23 17.73 13.24
N LYS A 197 23.96 18.07 14.30
CA LYS A 197 25.39 17.75 14.35
C LYS A 197 25.65 16.24 14.31
N LYS A 198 24.73 15.47 14.90
CA LYS A 198 24.84 14.01 14.85
C LYS A 198 24.63 13.50 13.43
N LEU A 199 23.60 13.98 12.74
CA LEU A 199 23.35 13.54 11.36
C LEU A 199 24.53 13.92 10.45
N ASN A 200 25.03 15.14 10.60
CA ASN A 200 26.16 15.61 9.81
C ASN A 200 27.36 14.70 10.02
N SER A 201 27.62 14.32 11.28
CA SER A 201 28.71 13.42 11.60
C SER A 201 28.58 12.07 10.88
N ILE A 202 27.37 11.53 10.88
CA ILE A 202 27.11 10.25 10.21
C ILE A 202 27.31 10.37 8.69
N ILE A 203 26.75 11.43 8.11
CA ILE A 203 26.84 11.65 6.67
C ILE A 203 28.27 11.77 6.21
N LYS A 204 29.05 12.57 6.93
CA LYS A 204 30.44 12.80 6.60
C LYS A 204 31.29 11.52 6.67
N HIS A 205 31.28 10.88 7.82
CA HIS A 205 32.10 9.71 8.06
C HIS A 205 31.74 8.51 7.17
N TYR A 206 30.45 8.24 6.99
CA TYR A 206 30.05 7.12 6.15
C TYR A 206 29.91 7.46 4.66
N GLN A 207 30.31 8.68 4.28
CA GLN A 207 30.33 9.14 2.90
C GLN A 207 28.99 8.90 2.21
N LEU A 208 27.92 9.30 2.88
CA LEU A 208 26.58 9.06 2.38
C LEU A 208 26.14 9.93 1.20
N THR A 209 26.86 11.02 0.88
CA THR A 209 26.50 11.85 -0.27
C THR A 209 26.69 11.08 -1.59
N GLN A 210 27.52 10.05 -1.57
CA GLN A 210 27.75 9.26 -2.77
C GLN A 210 26.45 8.56 -3.25
N PHE A 211 25.38 8.65 -2.44
CA PHE A 211 24.08 8.08 -2.80
C PHE A 211 23.04 9.16 -3.16
N ASP A 212 23.48 10.42 -3.23
CA ASP A 212 22.60 11.54 -3.56
C ASP A 212 22.51 11.82 -5.06
N ASP A 213 23.50 11.37 -5.82
CA ASP A 213 23.56 11.63 -7.26
C ASP A 213 22.70 10.68 -8.08
N GLU A 214 22.57 11.03 -9.37
CA GLU A 214 21.73 10.31 -10.33
C GLU A 214 22.08 8.83 -10.43
N ARG A 215 23.34 8.54 -10.76
CA ARG A 215 23.78 7.16 -10.84
C ARG A 215 24.35 6.75 -9.51
N PRO A 217 26.67 4.46 -7.09
CA PRO A 217 27.93 3.74 -7.26
C PRO A 217 27.83 2.26 -6.99
N ASP A 218 28.96 1.58 -7.15
CA ASP A 218 29.09 0.16 -6.89
C ASP A 218 29.26 -0.01 -5.37
N LEU A 219 28.37 -0.79 -4.77
CA LEU A 219 28.44 -1.09 -3.33
C LEU A 219 29.67 -1.93 -2.95
N ASP A 220 30.27 -2.62 -3.91
CA ASP A 220 31.48 -3.41 -3.63
C ASP A 220 32.70 -2.52 -3.33
N LYS A 221 32.66 -1.26 -3.77
CA LYS A 221 33.73 -0.29 -3.48
C LYS A 221 33.31 0.75 -2.41
N TYR A 222 32.23 0.47 -1.71
CA TYR A 222 31.74 1.40 -0.69
C TYR A 222 32.66 1.48 0.53
N GLU A 223 33.02 0.34 1.10
CA GLU A 223 33.88 0.35 2.28
C GLU A 223 35.24 1.00 2.02
N ARG A 224 35.67 0.98 0.77
CA ARG A 224 36.93 1.60 0.37
C ARG A 224 36.91 3.13 0.52
N SER A 225 35.72 3.73 0.44
CA SER A 225 35.56 5.20 0.53
C SER A 225 35.53 5.76 1.95
N ILE A 226 35.20 4.92 2.93
CA ILE A 226 35.12 5.35 4.33
C ILE A 226 36.53 5.61 4.87
N LYS A 227 36.80 6.87 5.22
CA LYS A 227 38.10 7.28 5.72
C LYS A 227 38.07 7.25 7.25
N ASP A 228 39.14 6.73 7.83
CA ASP A 228 39.25 6.61 9.30
C ASP A 228 39.53 7.95 9.95
N TYR A 229 39.20 8.04 11.24
CA TYR A 229 39.51 9.21 12.04
C TYR A 229 40.94 9.04 12.55
N ASP A 230 41.69 10.14 12.72
CA ASP A 230 43.06 10.06 13.29
C ASP A 230 43.00 9.70 14.78
N ASP A 231 43.25 8.43 15.09
CA ASP A 231 43.23 7.90 16.46
C ASP A 231 44.63 7.50 16.96
N SER A 232 45.67 8.04 16.34
CA SER A 232 47.06 7.69 16.69
C SER A 232 47.66 8.50 17.86
N SER A 233 47.10 9.69 18.13
CA SER A 233 47.58 10.57 19.21
C SER A 233 46.61 10.65 20.42
N ASP A 234 45.63 9.74 20.47
CA ASP A 234 44.70 9.70 21.60
C ASP A 234 45.38 8.94 22.70
N GLU A 235 45.09 9.31 23.94
N GLU A 235 45.13 9.31 23.95
CA GLU A 235 45.66 8.66 25.11
CA GLU A 235 45.77 8.62 25.08
C GLU A 235 45.16 7.24 25.28
C GLU A 235 45.15 7.24 25.33
N PHE A 236 43.87 7.03 24.99
CA PHE A 236 43.20 5.73 25.23
C PHE A 236 42.55 5.07 24.00
N LYS A 237 42.35 3.76 24.10
CA LYS A 237 41.71 2.99 23.04
C LYS A 237 40.32 3.56 22.70
N PRO A 238 39.99 3.65 21.41
CA PRO A 238 38.68 4.18 21.05
C PRO A 238 37.54 3.26 21.50
N PHE A 239 36.37 3.85 21.74
CA PHE A 239 35.23 3.05 22.14
C PHE A 239 34.68 2.27 20.96
N ARG A 240 34.25 1.04 21.23
CA ARG A 240 33.60 0.17 20.23
C ARG A 240 32.64 -0.73 20.98
N GLU A 241 31.48 -0.97 20.38
CA GLU A 241 30.46 -1.83 20.95
C GLU A 241 30.93 -3.25 20.66
N VAL A 242 31.15 -4.02 21.72
CA VAL A 242 31.71 -5.36 21.59
C VAL A 242 30.64 -6.43 21.46
N SER A 243 29.90 -6.63 22.55
CA SER A 243 28.91 -7.69 22.62
C SER A 243 27.65 -7.44 21.80
N ASP A 244 26.92 -8.54 21.61
CA ASP A 244 25.63 -8.53 20.93
C ASP A 244 24.56 -8.44 22.02
N SER A 245 24.80 -9.14 23.14
CA SER A 245 23.89 -9.15 24.29
C SER A 245 23.65 -7.74 24.85
N PRO A 247 22.68 -6.54 28.50
CA PRO A 247 22.34 -6.69 29.93
C PRO A 247 21.80 -5.42 30.61
N TYR A 248 22.11 -4.25 30.05
CA TYR A 248 21.61 -2.95 30.56
C TYR A 248 21.05 -2.13 29.38
N PRO A 249 20.06 -1.23 29.63
CA PRO A 249 19.48 -0.43 28.54
C PRO A 249 20.54 0.31 27.74
N HIS A 250 20.50 0.13 26.43
CA HIS A 250 21.47 0.70 25.52
C HIS A 250 21.81 2.18 25.76
N GLY A 251 23.12 2.46 25.77
CA GLY A 251 23.60 3.82 25.95
C GLY A 251 23.67 4.38 27.36
N GLN A 252 22.96 3.81 28.31
CA GLN A 252 22.99 4.34 29.69
C GLN A 252 24.36 4.11 30.35
N CYS A 253 24.59 4.75 31.50
CA CYS A 253 25.91 4.68 32.14
C CYS A 253 26.33 3.26 32.45
N THR A 254 25.35 2.45 32.86
CA THR A 254 25.54 1.05 33.19
C THR A 254 25.96 0.26 31.95
N TRP A 255 25.21 0.43 30.87
CA TRP A 255 25.55 -0.22 29.60
C TRP A 255 26.95 0.18 29.11
N TYR A 256 27.30 1.45 29.27
CA TYR A 256 28.60 1.90 28.79
C TYR A 256 29.75 1.22 29.51
N VAL A 257 29.67 1.17 30.85
CA VAL A 257 30.75 0.54 31.61
C VAL A 257 30.88 -0.98 31.31
N TYR A 258 29.76 -1.65 31.17
CA TYR A 258 29.75 -3.06 30.81
C TYR A 258 30.51 -3.28 29.50
N ASN A 259 30.17 -2.47 28.49
CA ASN A 259 30.82 -2.57 27.16
C ASN A 259 32.28 -2.14 27.16
N ARG A 260 32.58 -1.04 27.81
CA ARG A 260 33.94 -0.53 27.83
C ARG A 260 34.87 -1.54 28.50
N LYS A 262 34.51 -4.76 28.57
CA LYS A 262 34.71 -5.87 27.63
C LYS A 262 35.80 -5.63 26.60
N GLN A 263 36.01 -4.38 26.18
CA GLN A 263 37.08 -4.09 25.22
C GLN A 263 38.45 -4.49 25.77
N PHE A 264 38.57 -4.55 27.09
CA PHE A 264 39.83 -4.93 27.72
C PHE A 264 39.84 -6.36 28.27
N GLY A 265 38.90 -7.19 27.79
CA GLY A 265 38.83 -8.59 28.18
C GLY A 265 38.46 -8.87 29.62
N THR A 266 37.55 -8.08 30.16
CA THR A 266 37.10 -8.31 31.54
C THR A 266 35.60 -8.05 31.55
N SER A 267 34.90 -8.80 32.39
CA SER A 267 33.46 -8.67 32.45
C SER A 267 32.92 -8.42 33.84
N ILE A 268 31.69 -7.92 33.83
CA ILE A 268 30.91 -7.65 35.01
C ILE A 268 29.49 -8.15 34.69
N SER A 269 28.81 -8.78 35.65
CA SER A 269 27.47 -9.34 35.37
C SER A 269 26.38 -8.33 35.03
N GLY A 270 25.29 -8.84 34.48
CA GLY A 270 24.17 -8.02 34.07
C GLY A 270 23.08 -7.84 35.09
N ASP A 271 23.29 -8.37 36.30
CA ASP A 271 22.31 -8.34 37.38
C ASP A 271 22.64 -7.31 38.49
N LEU A 272 23.52 -6.36 38.21
CA LEU A 272 23.91 -5.40 39.24
C LEU A 272 22.89 -4.26 39.43
N GLY A 273 21.88 -4.18 38.56
CA GLY A 273 20.83 -3.15 38.69
C GLY A 273 21.31 -1.73 38.39
N ASP A 274 20.64 -0.75 38.99
CA ASP A 274 21.03 0.66 38.81
C ASP A 274 22.43 0.90 39.33
N ALA A 275 23.07 1.92 38.81
CA ALA A 275 24.46 2.23 39.11
C ALA A 275 24.88 2.17 40.59
N HIS A 276 24.13 2.83 41.47
CA HIS A 276 24.53 2.88 42.87
C HIS A 276 24.56 1.52 43.55
N ASN A 277 23.82 0.55 43.03
CA ASN A 277 23.83 -0.79 43.59
C ASN A 277 24.98 -1.64 43.11
N TRP A 278 25.78 -1.13 42.18
CA TRP A 278 26.87 -1.94 41.62
C TRP A 278 27.93 -2.38 42.64
N ASN A 279 28.36 -1.45 43.51
CA ASN A 279 29.41 -1.78 44.47
C ASN A 279 28.99 -2.81 45.52
N ASN A 280 27.83 -2.63 46.15
CA ASN A 280 27.35 -3.58 47.16
C ASN A 280 26.93 -4.92 46.51
N ARG A 281 26.28 -4.90 45.35
CA ARG A 281 25.95 -6.15 44.72
C ARG A 281 27.20 -6.89 44.23
N ALA A 282 28.15 -6.16 43.62
CA ALA A 282 29.37 -6.76 43.08
C ALA A 282 30.16 -7.43 44.18
N GLN A 283 30.27 -6.71 45.31
CA GLN A 283 30.94 -7.20 46.52
C GLN A 283 30.30 -8.52 46.99
N TYR A 284 28.98 -8.60 46.97
CA TYR A 284 28.32 -9.83 47.37
C TYR A 284 28.59 -10.96 46.38
N ARG A 285 28.64 -10.61 45.09
CA ARG A 285 28.83 -11.56 43.98
C ARG A 285 30.32 -11.87 43.65
N ASP A 286 31.17 -11.74 44.66
CA ASP A 286 32.58 -12.16 44.59
C ASP A 286 33.54 -11.30 43.75
N TYR A 287 33.19 -10.07 43.46
CA TYR A 287 34.11 -9.17 42.73
C TYR A 287 34.99 -8.46 43.73
N GLN A 288 36.20 -8.08 43.31
CA GLN A 288 37.12 -7.30 44.16
C GLN A 288 36.58 -5.86 44.12
N VAL A 289 36.26 -5.31 45.28
CA VAL A 289 35.73 -3.95 45.37
C VAL A 289 36.45 -3.23 46.49
N SER A 290 36.94 -2.02 46.22
CA SER A 290 37.58 -1.23 47.27
C SER A 290 37.55 0.27 46.96
N HIS A 291 38.03 1.06 47.92
CA HIS A 291 38.14 2.51 47.79
C HIS A 291 39.46 2.97 47.15
N THR A 292 40.32 2.02 46.75
CA THR A 292 41.58 2.33 46.10
C THR A 292 41.35 2.50 44.58
N PRO A 293 41.68 3.69 44.04
CA PRO A 293 41.45 3.84 42.60
C PRO A 293 42.26 2.83 41.79
N LYS A 294 41.66 2.31 40.73
CA LYS A 294 42.32 1.28 39.94
C LYS A 294 41.97 1.39 38.47
N ARG A 295 43.00 1.27 37.65
CA ARG A 295 42.89 1.37 36.22
C ARG A 295 41.97 0.27 35.67
N HIS A 296 41.05 0.68 34.79
CA HIS A 296 40.07 -0.21 34.15
C HIS A 296 39.04 -0.86 35.06
N ALA A 297 38.86 -0.28 36.23
CA ALA A 297 37.83 -0.72 37.13
C ALA A 297 36.60 0.10 36.82
N ALA A 298 35.44 -0.42 37.21
CA ALA A 298 34.20 0.35 37.14
C ALA A 298 34.23 1.23 38.41
N VAL A 299 33.96 2.52 38.28
CA VAL A 299 33.96 3.39 39.45
C VAL A 299 32.51 3.79 39.76
N VAL A 300 32.10 3.54 41.00
CA VAL A 300 30.75 3.82 41.41
C VAL A 300 30.60 5.04 42.31
N PHE A 301 29.57 5.84 41.99
CA PHE A 301 29.14 7.00 42.73
C PHE A 301 27.81 6.60 43.40
N GLU A 302 27.72 6.71 44.73
CA GLU A 302 26.47 6.40 45.44
C GLU A 302 25.38 7.42 45.05
N ALA A 303 24.12 7.06 45.29
CA ALA A 303 22.98 7.95 45.04
C ALA A 303 23.26 9.33 45.66
N GLY A 304 23.19 10.37 44.85
CA GLY A 304 23.44 11.74 45.32
C GLY A 304 24.90 12.12 45.61
N GLN A 305 25.85 11.23 45.40
CA GLN A 305 27.25 11.53 45.75
C GLN A 305 27.98 12.41 44.75
N PHE A 306 28.51 13.54 45.21
CA PHE A 306 29.27 14.51 44.37
C PHE A 306 28.52 14.90 43.08
N GLY A 307 27.23 15.20 43.23
CA GLY A 307 26.38 15.56 42.12
C GLY A 307 25.77 14.41 41.33
N ALA A 308 26.08 13.16 41.68
CA ALA A 308 25.51 12.02 40.94
C ALA A 308 24.00 11.97 41.15
N ASP A 309 23.29 11.37 40.21
CA ASP A 309 21.82 11.26 40.30
C ASP A 309 21.35 10.88 41.71
N GLN A 310 20.41 11.68 42.23
CA GLN A 310 19.89 11.53 43.59
C GLN A 310 19.28 10.18 43.94
N HIS A 311 18.76 9.47 42.96
N HIS A 311 18.75 9.46 42.95
CA HIS A 311 18.16 8.16 43.16
CA HIS A 311 18.14 8.15 43.22
C HIS A 311 19.05 7.03 42.65
C HIS A 311 18.88 6.97 42.55
N TYR A 312 19.58 7.21 41.45
CA TYR A 312 20.35 6.14 40.79
C TYR A 312 21.86 6.15 40.97
N GLY A 313 22.44 7.26 41.40
CA GLY A 313 23.88 7.35 41.49
C GLY A 313 24.44 7.33 40.06
N HIS A 314 25.65 6.86 39.91
CA HIS A 314 26.28 6.85 38.62
C HIS A 314 27.41 5.85 38.60
N VAL A 315 27.77 5.40 37.40
CA VAL A 315 28.89 4.49 37.23
C VAL A 315 29.68 4.92 35.98
N ALA A 316 31.00 4.81 36.07
CA ALA A 316 31.91 5.22 35.01
C ALA A 316 33.06 4.25 34.92
N PHE A 317 33.88 4.39 33.89
CA PHE A 317 35.02 3.51 33.67
C PHE A 317 36.33 4.27 33.92
N VAL A 318 37.22 3.70 34.72
CA VAL A 318 38.51 4.34 35.01
C VAL A 318 39.50 4.13 33.84
N GLU A 319 39.76 5.19 33.07
CA GLU A 319 40.72 5.12 31.97
C GLU A 319 42.16 5.22 32.47
N LYS A 320 42.37 6.00 33.52
CA LYS A 320 43.71 6.22 34.05
C LYS A 320 43.69 6.63 35.51
N VAL A 321 44.69 6.17 36.24
CA VAL A 321 44.89 6.58 37.60
C VAL A 321 46.15 7.48 37.52
N ASN A 322 45.99 8.76 37.84
CA ASN A 322 47.12 9.71 37.79
C ASN A 322 48.06 9.50 38.98
N SER A 323 49.30 9.95 38.85
CA SER A 323 50.29 9.81 39.93
C SER A 323 49.91 10.60 41.20
N ASP A 324 49.16 11.70 41.03
CA ASP A 324 48.69 12.49 42.20
C ASP A 324 47.45 11.89 42.89
N GLY A 325 46.98 10.72 42.44
CA GLY A 325 45.79 10.08 43.03
C GLY A 325 44.46 10.41 42.34
N SER A 326 44.44 11.39 41.44
CA SER A 326 43.20 11.72 40.73
C SER A 326 42.95 10.65 39.67
N ILE A 327 41.76 10.62 39.08
CA ILE A 327 41.46 9.62 38.05
C ILE A 327 40.86 10.28 36.81
N VAL A 328 41.03 9.61 35.67
CA VAL A 328 40.42 10.02 34.43
C VAL A 328 39.37 8.95 34.15
N ILE A 329 38.12 9.39 33.97
CA ILE A 329 37.02 8.48 33.73
C ILE A 329 36.30 8.78 32.43
N SER A 330 35.65 7.75 31.86
CA SER A 330 34.81 7.90 30.70
C SER A 330 33.41 7.40 31.11
N GLU A 331 32.39 7.96 30.49
CA GLU A 331 31.02 7.67 30.89
C GLU A 331 30.07 8.07 29.77
N SER A 332 28.80 7.70 29.89
CA SER A 332 27.81 8.04 28.89
C SER A 332 26.64 8.76 29.53
N ASN A 333 25.95 9.53 28.70
CA ASN A 333 24.75 10.27 29.05
C ASN A 333 24.81 11.25 30.24
N VAL A 334 25.97 11.89 30.46
CA VAL A 334 26.06 12.97 31.47
C VAL A 334 26.23 14.32 30.75
N LYS A 335 26.93 14.34 29.62
CA LYS A 335 27.17 15.57 28.88
C LYS A 335 25.99 15.89 27.95
N GLY A 336 25.25 14.85 27.57
CA GLY A 336 24.09 15.01 26.69
C GLY A 336 23.52 13.66 26.28
N LEU A 337 22.39 13.67 25.61
CA LEU A 337 21.74 12.45 25.15
C LEU A 337 22.60 11.70 24.12
N GLY A 338 22.90 10.43 24.40
CA GLY A 338 23.71 9.57 23.50
C GLY A 338 25.15 10.04 23.33
N ILE A 339 25.65 10.77 24.31
CA ILE A 339 27.02 11.29 24.27
C ILE A 339 27.91 10.56 25.28
N ILE A 340 29.04 10.08 24.80
CA ILE A 340 30.06 9.48 25.63
C ILE A 340 31.05 10.62 25.90
N SER A 341 31.33 10.88 27.18
CA SER A 341 32.23 11.97 27.61
C SER A 341 33.23 11.47 28.65
N HIS A 342 34.13 12.36 29.07
CA HIS A 342 35.19 11.99 29.99
C HIS A 342 35.56 13.17 30.85
N ARG A 343 36.16 12.90 32.00
CA ARG A 343 36.58 13.97 32.89
C ARG A 343 37.56 13.44 33.91
N THR A 344 38.11 14.35 34.71
CA THR A 344 39.03 14.03 35.76
C THR A 344 38.37 14.29 37.12
N ILE A 345 38.48 13.32 38.02
CA ILE A 345 37.95 13.45 39.37
C ILE A 345 39.15 13.66 40.26
N ASN A 346 39.13 14.72 41.09
CA ASN A 346 40.27 15.02 41.97
C ASN A 346 40.54 13.89 42.98
N ALA A 347 41.78 13.87 43.48
CA ALA A 347 42.27 12.82 44.39
C ALA A 347 41.42 12.60 45.63
N ALA A 348 41.06 13.69 46.31
CA ALA A 348 40.27 13.61 47.53
C ALA A 348 38.89 13.00 47.25
N ALA A 349 38.25 13.38 46.15
CA ALA A 349 36.96 12.80 45.78
C ALA A 349 37.10 11.32 45.31
N ALA A 350 38.12 11.04 44.53
CA ALA A 350 38.37 9.68 44.00
C ALA A 350 38.54 8.64 45.09
N GLU A 351 39.19 9.03 46.18
CA GLU A 351 39.41 8.10 47.29
C GLU A 351 38.13 7.74 48.05
N GLU A 352 37.03 8.41 47.72
CA GLU A 352 35.74 8.18 48.37
C GLU A 352 34.79 7.37 47.54
N LEU A 353 35.22 7.00 46.33
CA LEU A 353 34.41 6.20 45.44
C LEU A 353 34.77 4.73 45.58
N SER A 354 33.94 3.85 45.00
CA SER A 354 34.18 2.40 45.00
C SER A 354 34.61 1.97 43.64
N TYR A 355 35.61 1.10 43.60
CA TYR A 355 36.19 0.57 42.35
C TYR A 355 35.96 -0.93 42.28
N ILE A 356 35.30 -1.39 41.21
CA ILE A 356 35.03 -2.80 41.02
C ILE A 356 35.98 -3.36 39.96
N THR A 357 36.76 -4.36 40.33
CA THR A 357 37.62 -5.03 39.36
C THR A 357 36.78 -6.11 38.70
N GLY A 358 36.70 -6.12 37.37
CA GLY A 358 35.91 -7.14 36.65
C GLY A 358 36.64 -8.49 36.61
N LYS A 359 35.91 -9.54 36.26
CA LYS A 359 36.49 -10.89 36.13
C LYS A 359 36.81 -11.18 34.69
N THR B 1 -2.25 -9.52 10.14
CA THR B 1 -1.47 -9.87 8.92
C THR B 1 -0.33 -10.85 9.26
N LYS B 2 -0.72 -12.11 9.40
CA LYS B 2 0.17 -13.19 9.78
C LYS B 2 0.73 -13.89 8.54
N ASN B 3 2.03 -14.24 8.58
CA ASN B 3 2.72 -14.92 7.47
C ASN B 3 3.02 -16.38 7.87
N PRO B 4 2.31 -17.36 7.25
CA PRO B 4 2.52 -18.77 7.60
C PRO B 4 3.93 -19.33 7.36
N GLN B 5 4.74 -18.67 6.53
CA GLN B 5 6.10 -19.14 6.27
C GLN B 5 7.07 -18.85 7.39
N LEU B 6 6.79 -17.83 8.19
CA LEU B 6 7.66 -17.49 9.30
C LEU B 6 7.07 -18.07 10.59
N PRO B 7 7.91 -18.26 11.62
CA PRO B 7 7.40 -18.82 12.87
C PRO B 7 6.19 -18.07 13.45
N THR B 8 5.11 -18.81 13.74
CA THR B 8 3.89 -18.23 14.31
C THR B 8 3.98 -18.22 15.83
N GLN B 9 3.00 -17.56 16.44
N GLN B 9 3.02 -17.57 16.47
CA GLN B 9 2.91 -17.45 17.90
CA GLN B 9 3.00 -17.46 17.93
C GLN B 9 2.85 -18.81 18.61
C GLN B 9 2.85 -18.82 18.62
N ASP B 10 2.02 -19.71 18.07
CA ASP B 10 1.83 -21.06 18.68
C ASP B 10 3.10 -21.91 18.50
N GLU B 11 3.73 -21.82 17.34
CA GLU B 11 4.98 -22.56 17.08
C GLU B 11 6.10 -22.06 17.98
N LEU B 12 6.17 -20.74 18.18
CA LEU B 12 7.20 -20.13 19.04
C LEU B 12 7.08 -20.50 20.52
N LYS B 13 5.86 -20.77 20.98
CA LYS B 13 5.66 -21.15 22.39
C LYS B 13 6.24 -22.53 22.73
N HIS B 14 6.43 -23.36 21.71
CA HIS B 14 6.99 -24.71 21.89
C HIS B 14 8.34 -24.83 21.18
N LYS B 15 9.14 -23.76 21.18
CA LYS B 15 10.43 -23.80 20.50
C LYS B 15 11.50 -24.56 21.30
N SER B 16 12.47 -25.12 20.59
CA SER B 16 13.54 -25.95 21.18
C SER B 16 14.91 -25.58 20.66
N LYS B 17 15.91 -26.13 21.32
CA LYS B 17 17.28 -26.02 20.88
C LYS B 17 17.33 -27.03 19.71
N PRO B 18 18.06 -26.73 18.63
CA PRO B 18 18.11 -27.73 17.54
C PRO B 18 18.71 -29.07 17.98
N ALA B 19 18.00 -30.16 17.72
CA ALA B 19 18.44 -31.49 18.15
C ALA B 19 19.74 -31.90 17.44
N GLN B 20 20.65 -32.50 18.20
CA GLN B 20 21.95 -32.99 17.69
C GLN B 20 21.98 -34.51 17.55
N SER B 21 20.98 -35.20 18.09
CA SER B 21 20.90 -36.66 18.02
C SER B 21 19.45 -37.10 18.02
N PHE B 22 19.20 -38.28 17.45
CA PHE B 22 17.86 -38.85 17.38
C PHE B 22 17.52 -39.59 18.66
N ASN B 23 16.23 -39.59 18.97
CA ASN B 23 15.68 -40.31 20.14
C ASN B 23 14.22 -40.69 19.78
N ASN B 24 13.31 -40.67 20.77
CA ASN B 24 11.87 -40.96 20.54
C ASN B 24 11.20 -39.81 19.79
N ASP B 25 11.24 -38.64 20.41
CA ASP B 25 10.60 -37.42 19.87
C ASP B 25 11.22 -37.00 18.55
N VAL B 26 12.54 -36.87 18.56
CA VAL B 26 13.31 -36.49 17.39
C VAL B 26 13.71 -37.76 16.66
N ASN B 27 13.01 -38.04 15.57
CA ASN B 27 13.28 -39.22 14.77
C ASN B 27 13.57 -38.80 13.34
N GLN B 28 13.99 -39.75 12.53
CA GLN B 28 14.39 -39.46 11.16
C GLN B 28 13.24 -38.97 10.27
N LYS B 29 12.03 -39.42 10.56
CA LYS B 29 10.87 -39.05 9.75
C LYS B 29 10.31 -37.64 10.02
N ASP B 30 10.74 -36.97 11.09
CA ASP B 30 10.28 -35.58 11.35
C ASP B 30 11.44 -34.57 11.42
N THR B 31 12.56 -34.93 10.81
CA THR B 31 13.74 -34.09 10.76
C THR B 31 14.03 -33.70 9.32
N ARG B 32 14.15 -32.39 9.08
CA ARG B 32 14.49 -31.91 7.75
C ARG B 32 15.96 -31.97 7.47
N ALA B 33 16.27 -31.78 6.21
CA ALA B 33 17.63 -31.64 5.73
C ALA B 33 17.58 -30.47 4.74
N THR B 34 18.52 -29.54 4.87
CA THR B 34 18.63 -28.41 3.93
C THR B 34 20.09 -28.32 3.52
N SER B 35 20.38 -27.61 2.42
CA SER B 35 21.74 -27.50 1.91
C SER B 35 22.73 -26.92 2.91
N LEU B 36 23.94 -27.44 2.90
CA LEU B 36 25.03 -26.97 3.74
C LEU B 36 25.97 -26.13 2.90
N PHE B 37 26.63 -25.20 3.57
CA PHE B 37 27.56 -24.28 2.93
C PHE B 37 28.85 -24.17 3.73
N GLU B 38 29.95 -23.90 3.04
CA GLU B 38 31.25 -23.74 3.69
C GLU B 38 31.79 -22.34 3.44
N THR B 39 32.51 -21.80 4.43
CA THR B 39 33.14 -20.50 4.27
C THR B 39 34.19 -20.74 3.20
N ASP B 40 34.29 -19.80 2.27
CA ASP B 40 35.18 -19.90 1.13
C ASP B 40 36.68 -19.78 1.48
N PRO B 41 37.51 -20.74 1.00
CA PRO B 41 38.97 -20.58 1.19
C PRO B 41 39.58 -19.76 0.02
N SER B 42 39.06 -18.54 -0.18
CA SER B 42 39.51 -17.65 -1.26
C SER B 42 39.34 -16.16 -0.88
N ILE B 43 40.33 -15.36 -1.25
CA ILE B 43 40.36 -13.92 -0.92
C ILE B 43 39.56 -13.11 -1.96
N SER B 44 39.00 -11.99 -1.52
CA SER B 44 38.23 -11.09 -2.40
C SER B 44 38.17 -9.66 -1.81
N ASN B 45 37.15 -8.89 -2.16
CA ASN B 45 36.92 -7.55 -1.59
C ASN B 45 35.74 -7.67 -0.64
N ASN B 46 35.95 -7.30 0.62
CA ASN B 46 34.91 -7.40 1.65
C ASN B 46 34.32 -6.02 1.94
N GLN B 51 30.72 -14.50 2.28
CA GLN B 51 30.56 -15.27 1.04
C GLN B 51 30.76 -16.77 1.29
N PHE B 52 29.77 -17.57 0.87
CA PHE B 52 29.78 -19.01 1.11
C PHE B 52 29.79 -19.85 -0.13
N ASN B 53 30.46 -21.00 -0.06
CA ASN B 53 30.47 -21.97 -1.14
C ASN B 53 29.44 -23.07 -0.85
N VAL B 54 28.80 -23.55 -1.91
CA VAL B 54 27.90 -24.70 -1.79
C VAL B 54 28.79 -25.92 -1.68
N VAL B 55 28.25 -27.00 -1.15
CA VAL B 55 28.95 -28.28 -1.12
C VAL B 55 28.55 -28.91 -2.45
N ASP B 56 29.50 -29.04 -3.38
CA ASP B 56 29.18 -29.60 -4.69
C ASP B 56 28.99 -31.11 -4.58
N SER B 57 28.05 -31.65 -5.35
CA SER B 57 27.78 -33.09 -5.38
C SER B 57 27.05 -33.46 -6.66
N LYS B 58 27.15 -34.73 -7.02
CA LYS B 58 26.46 -35.26 -8.18
C LYS B 58 24.95 -35.19 -7.95
N ASP B 59 24.52 -35.44 -6.72
CA ASP B 59 23.09 -35.40 -6.34
C ASP B 59 22.44 -34.07 -6.71
N THR B 60 23.13 -32.96 -6.41
CA THR B 60 22.60 -31.62 -6.72
C THR B 60 22.48 -31.43 -8.23
N ARG B 61 23.52 -31.82 -8.96
CA ARG B 61 23.54 -31.71 -10.43
C ARG B 61 22.41 -32.49 -11.08
N GLN B 62 22.17 -33.71 -10.60
CA GLN B 62 21.07 -34.53 -11.13
C GLN B 62 19.73 -33.96 -10.68
N PHE B 63 19.67 -33.43 -9.46
CA PHE B 63 18.43 -32.83 -8.98
C PHE B 63 18.05 -31.64 -9.86
N VAL B 64 19.02 -30.79 -10.18
CA VAL B 64 18.76 -29.66 -11.09
C VAL B 64 18.15 -30.16 -12.41
N LYS B 65 18.72 -31.22 -12.98
CA LYS B 65 18.23 -31.81 -14.23
C LYS B 65 16.79 -32.38 -14.14
N SER B 66 16.41 -32.87 -12.97
CA SER B 66 15.07 -33.44 -12.77
C SER B 66 13.94 -32.41 -12.73
N ILE B 67 14.25 -31.16 -12.40
CA ILE B 67 13.23 -30.11 -12.30
C ILE B 67 13.45 -28.91 -13.23
N ALA B 68 14.61 -28.83 -13.89
CA ALA B 68 14.94 -27.67 -14.72
C ALA B 68 13.90 -27.34 -15.80
N LYS B 69 13.37 -28.35 -16.49
CA LYS B 69 12.38 -28.10 -17.56
C LYS B 69 11.10 -27.47 -17.01
N ASP B 70 10.55 -28.06 -15.96
CA ASP B 70 9.33 -27.55 -15.35
C ASP B 70 9.56 -26.17 -14.73
N ALA B 71 10.73 -25.95 -14.13
CA ALA B 71 11.05 -24.65 -13.54
C ALA B 71 11.12 -23.58 -14.61
N HIS B 72 11.74 -23.92 -15.74
CA HIS B 72 11.84 -23.00 -16.87
C HIS B 72 10.46 -22.58 -17.39
N ARG B 73 9.60 -23.58 -17.65
CA ARG B 73 8.26 -23.33 -18.17
C ARG B 73 7.45 -22.47 -17.20
N ILE B 74 7.45 -22.90 -15.94
CA ILE B 74 6.74 -22.18 -14.88
C ILE B 74 7.29 -20.75 -14.74
N GLY B 75 8.61 -20.61 -14.90
CA GLY B 75 9.25 -19.29 -14.82
C GLY B 75 8.76 -18.33 -15.90
N GLN B 76 8.73 -18.80 -17.15
CA GLN B 76 8.29 -17.98 -18.28
C GLN B 76 6.79 -17.68 -18.24
N ASP B 77 5.98 -18.66 -17.83
CA ASP B 77 4.52 -18.50 -17.77
C ASP B 77 4.01 -17.66 -16.59
N ASN B 78 4.72 -17.66 -15.46
CA ASN B 78 4.23 -16.96 -14.26
C ASN B 78 5.06 -15.79 -13.74
N ASP B 79 5.89 -15.19 -14.59
CA ASP B 79 6.68 -14.01 -14.22
C ASP B 79 7.60 -14.29 -13.01
N ILE B 80 8.28 -15.44 -13.05
CA ILE B 80 9.16 -15.88 -11.97
C ILE B 80 10.52 -16.23 -12.53
N TYR B 81 11.58 -15.94 -11.76
CA TYR B 81 12.93 -16.35 -12.18
C TYR B 81 13.06 -17.85 -11.90
N ALA B 82 13.24 -18.67 -12.95
CA ALA B 82 13.43 -20.10 -12.75
C ALA B 82 14.69 -20.37 -11.90
N SER B 83 15.69 -19.51 -12.03
CA SER B 83 16.94 -19.64 -11.27
C SER B 83 16.67 -19.61 -9.75
N VAL B 84 15.86 -18.65 -9.31
CA VAL B 84 15.50 -18.52 -7.90
C VAL B 84 14.68 -19.72 -7.43
N ILE B 86 14.63 -22.77 -8.68
CA ILE B 86 15.51 -23.95 -8.60
C ILE B 86 16.40 -23.86 -7.36
N ALA B 87 17.00 -22.68 -7.15
CA ALA B 87 17.85 -22.46 -5.98
C ALA B 87 17.10 -22.78 -4.69
N GLN B 88 15.87 -22.29 -4.58
CA GLN B 88 15.08 -22.55 -3.38
C GLN B 88 14.78 -24.03 -3.20
N ALA B 89 14.50 -24.71 -4.30
CA ALA B 89 14.23 -26.14 -4.27
C ALA B 89 15.47 -26.90 -3.78
N ILE B 90 16.64 -26.49 -4.26
CA ILE B 90 17.91 -27.09 -3.83
C ILE B 90 18.11 -26.87 -2.34
N LEU B 91 18.06 -25.62 -1.92
CA LEU B 91 18.31 -25.25 -0.52
C LEU B 91 17.32 -25.90 0.47
N GLU B 92 16.02 -25.74 0.22
CA GLU B 92 14.96 -26.23 1.10
C GLU B 92 14.77 -27.77 1.14
N SER B 93 15.17 -28.47 0.08
CA SER B 93 15.03 -29.93 0.06
C SER B 93 16.37 -30.66 0.22
N ASP B 94 17.47 -29.91 0.28
CA ASP B 94 18.83 -30.49 0.30
C ASP B 94 19.02 -31.35 -0.95
N SER B 95 18.76 -30.73 -2.10
CA SER B 95 18.90 -31.40 -3.37
C SER B 95 18.06 -32.68 -3.41
N GLY B 96 16.84 -32.60 -2.88
CA GLY B 96 15.88 -33.71 -2.89
C GLY B 96 16.10 -34.83 -1.90
N ARG B 97 17.04 -34.65 -0.97
CA ARG B 97 17.37 -35.71 -0.01
C ARG B 97 16.58 -35.62 1.31
N SER B 98 15.98 -34.46 1.59
CA SER B 98 15.18 -34.32 2.82
C SER B 98 13.97 -35.24 2.83
N ALA B 99 13.65 -35.79 3.99
CA ALA B 99 12.47 -36.64 4.15
C ALA B 99 11.19 -35.85 3.82
N LEU B 100 11.26 -34.51 3.90
CA LEU B 100 10.13 -33.65 3.56
C LEU B 100 9.91 -33.57 2.04
N ALA B 101 10.98 -33.77 1.27
CA ALA B 101 10.93 -33.69 -0.18
C ALA B 101 10.68 -35.02 -0.86
N LYS B 102 10.98 -36.12 -0.18
CA LYS B 102 10.76 -37.44 -0.73
C LYS B 102 9.34 -37.91 -0.47
N SER B 103 8.97 -39.03 -1.08
CA SER B 103 7.64 -39.63 -0.92
C SER B 103 7.46 -40.05 0.55
N PRO B 104 6.26 -39.92 1.12
CA PRO B 104 5.05 -39.42 0.47
C PRO B 104 4.74 -37.93 0.67
N ASN B 105 5.74 -37.12 1.04
CA ASN B 105 5.51 -35.69 1.31
C ASN B 105 5.69 -34.81 0.06
N HIS B 106 6.73 -35.09 -0.74
CA HIS B 106 7.00 -34.42 -2.02
C HIS B 106 7.05 -32.87 -1.98
N ASN B 107 7.41 -32.31 -0.83
CA ASN B 107 7.44 -30.86 -0.62
C ASN B 107 8.88 -30.37 -0.84
N LEU B 108 9.16 -29.93 -2.07
CA LEU B 108 10.52 -29.49 -2.40
C LEU B 108 10.91 -28.11 -1.88
N PHE B 109 9.94 -27.25 -1.58
CA PHE B 109 10.24 -25.86 -1.23
C PHE B 109 10.09 -25.45 0.22
N GLY B 110 9.79 -26.41 1.09
CA GLY B 110 9.62 -26.13 2.52
C GLY B 110 8.45 -25.24 2.83
N ILE B 111 7.35 -25.40 2.09
CA ILE B 111 6.17 -24.56 2.28
C ILE B 111 5.33 -25.06 3.45
N LYS B 112 5.11 -24.18 4.42
CA LYS B 112 4.36 -24.52 5.62
C LYS B 112 2.85 -24.46 5.39
N GLY B 113 2.12 -25.37 6.04
CA GLY B 113 0.67 -25.43 5.96
C GLY B 113 0.10 -26.77 5.54
N ALA B 114 -0.98 -26.71 4.77
CA ALA B 114 -1.65 -27.90 4.27
C ALA B 114 -1.97 -27.72 2.81
N PHE B 115 -1.95 -28.81 2.05
CA PHE B 115 -2.28 -28.80 0.65
C PHE B 115 -3.50 -29.70 0.51
N GLU B 116 -4.65 -29.08 0.22
CA GLU B 116 -5.91 -29.80 0.05
C GLU B 116 -6.21 -30.66 1.30
N GLY B 117 -5.97 -30.07 2.48
CA GLY B 117 -6.21 -30.73 3.76
C GLY B 117 -5.09 -31.60 4.32
N ASN B 118 -4.09 -31.92 3.48
CA ASN B 118 -2.98 -32.81 3.87
C ASN B 118 -1.76 -32.05 4.33
N SER B 119 -1.24 -32.48 5.48
CA SER B 119 -0.09 -31.83 6.11
C SER B 119 0.75 -32.89 6.84
N VAL B 120 2.01 -32.56 7.10
CA VAL B 120 2.95 -33.47 7.78
C VAL B 120 3.83 -32.64 8.72
N PRO B 121 3.94 -33.07 9.99
CA PRO B 121 4.75 -32.33 10.94
C PRO B 121 6.24 -32.60 10.82
N PHE B 122 7.02 -31.52 10.82
CA PHE B 122 8.48 -31.60 10.79
C PHE B 122 9.06 -30.56 11.72
N ASN B 123 10.19 -30.91 12.34
CA ASN B 123 10.95 -29.95 13.12
C ASN B 123 11.73 -29.20 12.08
N THR B 124 11.74 -27.88 12.18
CA THR B 124 12.38 -27.02 11.20
C THR B 124 13.28 -25.99 11.90
N LEU B 125 14.44 -25.71 11.30
CA LEU B 125 15.46 -24.82 11.90
C LEU B 125 15.26 -23.36 11.59
N GLU B 126 15.42 -22.52 12.61
CA GLU B 126 15.23 -21.09 12.50
C GLU B 126 16.42 -20.38 13.09
N ALA B 127 16.54 -19.10 12.77
CA ALA B 127 17.60 -18.28 13.32
C ALA B 127 17.06 -16.90 13.69
N ASP B 128 17.59 -16.37 14.78
CA ASP B 128 17.27 -15.03 15.27
C ASP B 128 18.65 -14.44 15.49
N GLY B 129 19.27 -14.06 14.39
CA GLY B 129 20.64 -13.56 14.40
C GLY B 129 21.53 -14.78 14.59
N ASN B 130 22.26 -14.79 15.70
CA ASN B 130 23.16 -15.91 16.04
C ASN B 130 22.46 -17.00 16.85
N GLN B 131 21.27 -16.69 17.38
CA GLN B 131 20.49 -17.63 18.18
C GLN B 131 19.74 -18.62 17.28
N LEU B 132 20.25 -19.84 17.20
CA LEU B 132 19.62 -20.90 16.40
C LEU B 132 18.59 -21.63 17.25
N TYR B 133 17.43 -21.92 16.67
CA TYR B 133 16.39 -22.65 17.37
C TYR B 133 15.57 -23.47 16.39
N SER B 134 14.71 -24.30 16.95
CA SER B 134 13.87 -25.21 16.20
C SER B 134 12.39 -25.08 16.64
N ILE B 135 11.47 -25.25 15.69
CA ILE B 135 10.02 -25.28 15.97
C ILE B 135 9.44 -26.49 15.25
N ASN B 136 8.32 -27.01 15.77
CA ASN B 136 7.61 -28.10 15.10
C ASN B 136 6.44 -27.43 14.37
N ALA B 137 6.40 -27.60 13.05
CA ALA B 137 5.34 -27.01 12.22
C ALA B 137 4.82 -27.97 11.16
N GLY B 138 3.57 -27.77 10.79
CA GLY B 138 2.95 -28.56 9.75
C GLY B 138 3.41 -28.05 8.39
N PHE B 139 3.80 -28.97 7.51
CA PHE B 139 4.24 -28.63 6.17
C PHE B 139 3.28 -29.25 5.18
N ARG B 140 3.12 -28.62 4.03
CA ARG B 140 2.22 -29.13 3.01
C ARG B 140 2.71 -30.49 2.54
N LYS B 141 1.75 -31.38 2.30
CA LYS B 141 1.99 -32.74 1.84
C LYS B 141 1.31 -32.85 0.47
N TYR B 142 2.09 -33.21 -0.56
CA TYR B 142 1.60 -33.30 -1.94
C TYR B 142 1.57 -34.73 -2.50
N PRO B 143 0.72 -35.00 -3.53
CA PRO B 143 0.73 -36.34 -4.14
C PRO B 143 2.01 -36.64 -4.95
N SER B 144 2.62 -35.61 -5.52
CA SER B 144 3.87 -35.75 -6.25
C SER B 144 4.58 -34.39 -6.24
N THR B 145 5.81 -34.36 -6.77
CA THR B 145 6.58 -33.12 -6.83
C THR B 145 5.96 -32.12 -7.82
N LYS B 146 5.15 -32.63 -8.74
CA LYS B 146 4.46 -31.79 -9.71
C LYS B 146 3.56 -30.76 -9.03
N GLU B 147 2.81 -31.18 -8.00
CA GLU B 147 1.94 -30.26 -7.27
C GLU B 147 2.76 -29.29 -6.41
N SER B 148 3.91 -29.75 -5.92
CA SER B 148 4.78 -28.89 -5.11
C SER B 148 5.31 -27.74 -5.96
N LEU B 149 5.71 -28.04 -7.20
CA LEU B 149 6.24 -27.02 -8.13
C LEU B 149 5.17 -25.97 -8.47
N LYS B 150 3.98 -26.47 -8.81
CA LYS B 150 2.84 -25.60 -9.13
C LYS B 150 2.41 -24.80 -7.89
N ASP B 151 2.38 -25.44 -6.72
CA ASP B 151 1.97 -24.77 -5.50
C ASP B 151 2.99 -23.65 -5.12
N TYR B 152 4.27 -23.84 -5.45
CA TYR B 152 5.28 -22.79 -5.19
C TYR B 152 4.96 -21.56 -6.04
N SER B 153 4.75 -21.75 -7.34
CA SER B 153 4.41 -20.64 -8.22
C SER B 153 3.12 -19.95 -7.74
N ASP B 154 2.14 -20.75 -7.30
CA ASP B 154 0.89 -20.20 -6.77
C ASP B 154 1.13 -19.32 -5.55
N LEU B 155 2.09 -19.70 -4.70
CA LEU B 155 2.43 -18.91 -3.52
C LEU B 155 3.01 -17.56 -3.92
N ILE B 156 4.00 -17.59 -4.81
CA ILE B 156 4.69 -16.37 -5.25
C ILE B 156 3.74 -15.36 -5.96
N LYS B 157 2.90 -15.85 -6.86
CA LYS B 157 2.02 -14.93 -7.63
C LYS B 157 0.73 -14.52 -6.92
N ASN B 158 0.20 -15.36 -6.02
CA ASN B 158 -1.05 -15.04 -5.30
C ASN B 158 -0.83 -14.61 -3.85
N GLY B 159 0.39 -14.78 -3.34
CA GLY B 159 0.71 -14.39 -1.97
C GLY B 159 -0.14 -15.07 -0.90
N ILE B 160 -0.32 -14.38 0.23
CA ILE B 160 -1.09 -14.89 1.35
C ILE B 160 -2.40 -14.11 1.52
N ASP B 161 -3.22 -14.57 2.47
CA ASP B 161 -4.47 -13.91 2.80
C ASP B 161 -4.11 -12.65 3.60
N GLY B 162 -4.58 -11.49 3.13
CA GLY B 162 -4.27 -10.21 3.76
C GLY B 162 -3.08 -9.50 3.13
N ASN B 163 -2.33 -10.20 2.27
CA ASN B 163 -1.18 -9.60 1.56
C ASN B 163 -0.81 -10.43 0.33
N ARG B 164 -1.65 -10.32 -0.71
CA ARG B 164 -1.45 -11.07 -1.96
C ARG B 164 -0.20 -10.67 -2.75
N THR B 165 0.34 -9.47 -2.51
CA THR B 165 1.55 -9.04 -3.19
C THR B 165 2.79 -9.21 -2.27
N ILE B 166 2.71 -10.09 -1.27
CA ILE B 166 3.84 -10.28 -0.34
C ILE B 166 5.14 -10.69 -1.05
N TYR B 167 5.04 -11.50 -2.09
CA TYR B 167 6.23 -11.93 -2.87
C TYR B 167 6.38 -11.17 -4.20
N LYS B 168 5.62 -10.09 -4.35
CA LYS B 168 5.67 -9.24 -5.55
C LYS B 168 7.09 -8.80 -5.93
N PRO B 169 7.89 -8.34 -4.95
CA PRO B 169 9.24 -7.91 -5.31
C PRO B 169 10.16 -9.00 -5.89
N THR B 170 9.74 -10.27 -5.84
CA THR B 170 10.54 -11.35 -6.41
C THR B 170 10.15 -11.65 -7.86
N TRP B 171 9.08 -11.01 -8.36
CA TRP B 171 8.64 -11.27 -9.73
C TRP B 171 9.67 -10.68 -10.70
N LYS B 172 9.80 -11.33 -11.85
CA LYS B 172 10.78 -10.96 -12.86
C LYS B 172 10.59 -9.52 -13.38
N SER B 173 9.33 -9.11 -13.52
CA SER B 173 9.00 -7.75 -13.96
C SER B 173 9.24 -6.68 -12.87
N GLU B 174 9.41 -7.12 -11.62
CA GLU B 174 9.64 -6.21 -10.48
C GLU B 174 11.10 -6.12 -10.01
N ALA B 175 11.83 -7.24 -10.08
CA ALA B 175 13.22 -7.30 -9.65
C ALA B 175 14.15 -7.12 -10.84
N ASP B 176 15.08 -6.16 -10.77
CA ASP B 176 16.06 -5.94 -11.86
C ASP B 176 16.91 -7.19 -12.17
N SER B 177 17.24 -7.95 -11.14
CA SER B 177 17.97 -9.21 -11.31
C SER B 177 17.55 -10.17 -10.19
N TYR B 178 18.02 -11.41 -10.30
CA TYR B 178 17.69 -12.43 -9.30
C TYR B 178 18.13 -12.05 -7.88
N LYS B 179 19.18 -11.23 -7.77
CA LYS B 179 19.67 -10.80 -6.46
C LYS B 179 18.67 -9.94 -5.69
N ASP B 180 17.81 -9.24 -6.42
CA ASP B 180 16.77 -8.44 -5.76
C ASP B 180 15.71 -9.41 -5.24
N ALA B 181 15.41 -10.43 -6.04
CA ALA B 181 14.43 -11.43 -5.64
C ALA B 181 14.91 -12.19 -4.40
N THR B 182 16.17 -12.65 -4.41
CA THR B 182 16.70 -13.40 -3.27
C THR B 182 16.72 -12.57 -1.99
N SER B 183 17.05 -11.27 -2.09
CA SER B 183 17.08 -10.38 -0.92
C SER B 183 15.69 -10.24 -0.29
N HIS B 184 14.66 -10.12 -1.11
N HIS B 184 14.66 -10.13 -1.12
CA HIS B 184 13.29 -10.01 -0.59
CA HIS B 184 13.29 -10.04 -0.59
C HIS B 184 12.77 -11.34 -0.01
C HIS B 184 12.86 -11.35 0.07
N LEU B 185 13.32 -12.47 -0.48
CA LEU B 185 12.96 -13.78 0.06
C LEU B 185 13.54 -14.01 1.44
N SER B 186 14.73 -13.46 1.69
CA SER B 186 15.38 -13.60 2.98
C SER B 186 14.56 -12.96 4.11
N LYS B 187 13.72 -12.00 3.78
CA LYS B 187 12.90 -11.32 4.79
C LYS B 187 11.43 -11.78 4.84
N THR B 188 10.99 -12.56 3.86
CA THR B 188 9.59 -13.01 3.80
C THR B 188 9.38 -14.53 3.74
N TYR B 189 10.43 -15.28 3.41
CA TYR B 189 10.32 -16.73 3.23
C TYR B 189 11.03 -17.54 4.31
N ALA B 190 12.09 -16.98 4.88
CA ALA B 190 12.86 -17.71 5.89
C ALA B 190 13.43 -16.77 6.91
N THR B 191 13.83 -17.34 8.05
CA THR B 191 14.45 -16.56 9.13
C THR B 191 15.99 -16.56 9.06
N ASP B 192 16.55 -17.50 8.32
CA ASP B 192 18.01 -17.63 8.16
C ASP B 192 18.62 -16.31 7.66
N PRO B 193 19.49 -15.66 8.46
CA PRO B 193 20.06 -14.39 8.02
C PRO B 193 20.97 -14.45 6.76
N ASN B 194 21.42 -15.65 6.37
CA ASN B 194 22.25 -15.80 5.17
C ASN B 194 21.46 -16.38 4.00
N TYR B 195 20.13 -16.34 4.08
CA TYR B 195 19.29 -16.97 3.06
C TYR B 195 19.57 -16.44 1.64
N ALA B 196 19.69 -15.12 1.49
CA ALA B 196 19.96 -14.53 0.18
C ALA B 196 21.35 -14.89 -0.36
N LYS B 197 22.37 -14.79 0.49
CA LYS B 197 23.76 -15.14 0.13
C LYS B 197 23.80 -16.59 -0.32
N LYS B 198 23.08 -17.43 0.41
CA LYS B 198 23.01 -18.86 0.10
C LYS B 198 22.38 -19.12 -1.27
N LEU B 199 21.21 -18.53 -1.53
CA LEU B 199 20.56 -18.70 -2.84
C LEU B 199 21.46 -18.18 -3.96
N ASN B 200 22.10 -17.03 -3.74
CA ASN B 200 22.99 -16.43 -4.74
C ASN B 200 24.16 -17.34 -5.06
N SER B 201 24.69 -17.97 -4.01
CA SER B 201 25.81 -18.86 -4.17
C SER B 201 25.42 -20.07 -5.02
N ILE B 202 24.24 -20.63 -4.76
CA ILE B 202 23.69 -21.75 -5.54
C ILE B 202 23.48 -21.33 -7.00
N ILE B 203 22.87 -20.17 -7.19
CA ILE B 203 22.62 -19.66 -8.55
C ILE B 203 23.90 -19.40 -9.34
N LYS B 204 24.92 -18.88 -8.68
CA LYS B 204 26.17 -18.61 -9.38
C LYS B 204 26.87 -19.92 -9.71
N HIS B 205 27.06 -20.77 -8.71
CA HIS B 205 27.80 -22.01 -8.92
C HIS B 205 27.14 -22.95 -9.93
N TYR B 206 25.82 -23.12 -9.80
CA TYR B 206 25.10 -24.01 -10.69
C TYR B 206 24.61 -23.35 -12.00
N GLN B 207 25.04 -22.10 -12.25
CA GLN B 207 24.73 -21.40 -13.51
C GLN B 207 23.23 -21.42 -13.82
N LEU B 208 22.42 -21.21 -12.80
CA LEU B 208 20.97 -21.33 -12.94
C LEU B 208 20.32 -20.26 -13.78
N THR B 209 20.99 -19.12 -14.03
CA THR B 209 20.39 -18.08 -14.88
C THR B 209 20.18 -18.55 -16.32
N GLN B 210 20.82 -19.65 -16.71
CA GLN B 210 20.65 -20.18 -18.07
C GLN B 210 19.22 -20.72 -18.28
N PHE B 211 18.46 -20.85 -17.20
CA PHE B 211 17.07 -21.30 -17.24
C PHE B 211 16.07 -20.15 -17.14
N ASP B 212 16.56 -18.90 -17.12
CA ASP B 212 15.70 -17.72 -17.05
C ASP B 212 15.34 -17.16 -18.44
N ASP B 213 15.91 -17.72 -19.51
CA ASP B 213 15.63 -17.23 -20.88
C ASP B 213 14.42 -17.91 -21.51
N GLU B 214 13.98 -17.39 -22.65
CA GLU B 214 12.84 -17.95 -23.36
C GLU B 214 13.18 -19.35 -23.88
N ARG B 215 14.34 -19.49 -24.49
CA ARG B 215 14.78 -20.78 -25.02
C ARG B 215 15.28 -21.68 -23.89
N PRO B 217 17.58 -24.39 -22.56
CA PRO B 217 18.87 -24.93 -23.01
C PRO B 217 18.91 -26.47 -22.96
N ASP B 218 19.89 -27.03 -23.65
CA ASP B 218 20.06 -28.47 -23.71
C ASP B 218 20.67 -28.95 -22.40
N LEU B 219 19.95 -29.83 -21.70
CA LEU B 219 20.42 -30.39 -20.44
C LEU B 219 21.69 -31.24 -20.55
N ASP B 220 21.93 -31.85 -21.71
CA ASP B 220 23.16 -32.65 -21.95
C ASP B 220 24.40 -31.78 -21.86
N LYS B 221 24.25 -30.48 -22.14
CA LYS B 221 25.36 -29.52 -22.04
C LYS B 221 25.31 -28.76 -20.71
N TYR B 222 24.57 -29.28 -19.72
CA TYR B 222 24.47 -28.61 -18.42
C TYR B 222 25.73 -28.79 -17.56
N GLU B 223 26.16 -30.04 -17.31
CA GLU B 223 27.38 -30.32 -16.52
C GLU B 223 28.52 -29.42 -16.98
N ARG B 224 28.74 -29.39 -18.29
CA ARG B 224 29.77 -28.56 -18.96
C ARG B 224 29.88 -27.13 -18.45
N SER B 225 28.75 -26.43 -18.38
CA SER B 225 28.71 -25.04 -17.94
C SER B 225 29.14 -24.85 -16.48
N ILE B 226 28.99 -25.89 -15.65
CA ILE B 226 29.36 -25.80 -14.24
C ILE B 226 30.88 -25.83 -14.02
N LYS B 227 31.45 -24.66 -13.75
N LYS B 227 31.45 -24.65 -13.76
CA LYS B 227 32.89 -24.56 -13.49
CA LYS B 227 32.87 -24.54 -13.45
C LYS B 227 33.10 -24.90 -12.00
C LYS B 227 33.04 -24.93 -11.99
N ASP B 228 33.72 -26.05 -11.75
CA ASP B 228 33.95 -26.55 -10.39
C ASP B 228 34.89 -25.68 -9.57
N TYR B 229 34.81 -25.78 -8.24
CA TYR B 229 35.66 -24.98 -7.36
C TYR B 229 37.14 -25.36 -7.47
N ASP B 230 38.02 -24.36 -7.39
CA ASP B 230 39.48 -24.58 -7.42
C ASP B 230 39.92 -25.15 -6.07
N ASP B 231 39.84 -26.47 -5.93
CA ASP B 231 40.20 -27.18 -4.70
C ASP B 231 41.66 -27.65 -4.63
N SER B 232 42.35 -27.62 -5.76
CA SER B 232 43.75 -28.08 -5.87
C SER B 232 44.80 -27.14 -5.24
N SER B 233 44.36 -26.06 -4.59
CA SER B 233 45.26 -25.13 -3.90
C SER B 233 44.86 -24.95 -2.42
N ASP B 234 44.01 -25.85 -1.92
CA ASP B 234 43.55 -25.79 -0.54
C ASP B 234 44.55 -26.45 0.39
N GLU B 235 44.47 -26.08 1.66
CA GLU B 235 45.34 -26.58 2.68
C GLU B 235 44.91 -27.99 3.11
N PHE B 236 43.59 -28.20 3.20
CA PHE B 236 43.04 -29.50 3.60
C PHE B 236 42.06 -30.05 2.56
N LYS B 237 41.87 -31.36 2.59
CA LYS B 237 40.94 -32.03 1.71
C LYS B 237 39.56 -31.34 1.79
N PRO B 238 38.96 -31.04 0.61
CA PRO B 238 37.63 -30.39 0.64
C PRO B 238 36.54 -31.28 1.26
N PHE B 239 35.54 -30.68 1.87
CA PHE B 239 34.45 -31.44 2.46
C PHE B 239 33.52 -32.03 1.40
N ARG B 240 33.11 -33.27 1.61
CA ARG B 240 32.15 -33.96 0.73
C ARG B 240 31.24 -34.85 1.58
N GLU B 241 29.96 -34.89 1.21
CA GLU B 241 28.98 -35.72 1.91
C GLU B 241 29.16 -37.12 1.36
N VAL B 242 29.90 -37.93 2.12
CA VAL B 242 30.21 -39.31 1.75
C VAL B 242 29.13 -40.32 2.14
N SER B 243 28.31 -39.99 3.13
CA SER B 243 27.30 -40.92 3.62
C SER B 243 26.02 -41.02 2.78
N ASP B 244 25.26 -42.03 3.14
CA ASP B 244 23.92 -42.32 2.62
C ASP B 244 23.03 -42.40 3.88
N SER B 245 23.58 -43.04 4.92
CA SER B 245 22.94 -43.15 6.23
C SER B 245 22.82 -41.78 6.90
N PRO B 247 22.85 -40.98 10.67
CA PRO B 247 22.95 -41.33 12.10
C PRO B 247 22.72 -40.14 13.07
N TYR B 248 22.91 -38.91 12.58
CA TYR B 248 22.67 -37.68 13.37
C TYR B 248 21.87 -36.69 12.49
N PRO B 249 21.04 -35.83 13.09
CA PRO B 249 20.27 -34.88 12.30
C PRO B 249 21.16 -34.08 11.35
N HIS B 250 20.76 -34.06 10.09
CA HIS B 250 21.51 -33.42 9.03
C HIS B 250 22.02 -32.01 9.37
N GLY B 251 23.30 -31.78 9.08
CA GLY B 251 23.91 -30.47 9.29
C GLY B 251 24.40 -30.12 10.69
N GLN B 252 23.95 -30.82 11.71
CA GLN B 252 24.39 -30.50 13.07
C GLN B 252 25.88 -30.85 13.28
N CYS B 253 26.48 -30.34 14.36
CA CYS B 253 27.91 -30.56 14.61
C CYS B 253 28.31 -32.03 14.63
N THR B 254 27.43 -32.85 15.23
CA THR B 254 27.58 -34.29 15.34
C THR B 254 27.59 -34.94 13.96
N TRP B 255 26.60 -34.61 13.17
CA TRP B 255 26.51 -35.09 11.81
C TRP B 255 27.76 -34.71 11.02
N TYR B 256 28.22 -33.47 11.17
CA TYR B 256 29.38 -33.02 10.42
C TYR B 256 30.63 -33.85 10.72
N VAL B 257 30.90 -34.09 12.00
CA VAL B 257 32.05 -34.82 12.41
C VAL B 257 32.00 -36.30 11.93
N TYR B 258 30.82 -36.92 11.96
CA TYR B 258 30.63 -38.28 11.47
C TYR B 258 31.00 -38.37 9.99
N ASN B 259 30.49 -37.41 9.22
CA ASN B 259 30.75 -37.39 7.78
C ASN B 259 32.23 -37.05 7.46
N ARG B 260 32.78 -36.04 8.13
CA ARG B 260 34.17 -35.62 7.88
C ARG B 260 35.20 -36.74 8.14
N LYS B 262 34.68 -39.91 7.97
CA LYS B 262 34.55 -40.92 6.96
C LYS B 262 35.34 -40.62 5.71
N GLN B 263 35.56 -39.34 5.38
CA GLN B 263 36.38 -38.99 4.24
C GLN B 263 37.83 -39.48 4.42
N PHE B 264 38.26 -39.63 5.68
CA PHE B 264 39.62 -40.12 5.98
C PHE B 264 39.69 -41.61 6.35
N GLY B 265 38.65 -42.36 5.98
CA GLY B 265 38.62 -43.82 6.19
C GLY B 265 38.38 -44.32 7.60
N THR B 266 37.86 -43.49 8.49
CA THR B 266 37.56 -43.92 9.86
C THR B 266 36.12 -43.64 10.18
N SER B 267 35.57 -44.40 11.11
CA SER B 267 34.20 -44.22 11.48
C SER B 267 34.02 -44.09 12.98
N ILE B 268 32.90 -43.50 13.34
CA ILE B 268 32.47 -43.40 14.70
C ILE B 268 31.00 -43.84 14.69
N SER B 269 30.52 -44.46 15.76
CA SER B 269 29.13 -44.94 15.76
C SER B 269 28.08 -43.82 15.79
N GLY B 270 26.85 -44.21 15.45
CA GLY B 270 25.73 -43.31 15.40
C GLY B 270 24.96 -43.19 16.70
N ASP B 271 25.45 -43.84 17.76
CA ASP B 271 24.73 -43.88 19.03
C ASP B 271 25.38 -43.08 20.16
N LEU B 272 26.23 -42.12 19.81
CA LEU B 272 26.96 -41.36 20.81
C LEU B 272 26.15 -40.21 21.42
N GLY B 273 24.98 -39.90 20.84
CA GLY B 273 24.09 -38.86 21.37
C GLY B 273 24.55 -37.44 21.08
N ASP B 274 24.17 -36.52 21.99
CA ASP B 274 24.54 -35.13 21.88
C ASP B 274 26.04 -35.01 22.03
N ALA B 275 26.57 -33.93 21.46
CA ALA B 275 28.02 -33.75 21.39
C ALA B 275 28.80 -33.98 22.67
N HIS B 276 28.31 -33.44 23.78
CA HIS B 276 29.04 -33.57 25.03
C HIS B 276 29.12 -35.01 25.55
N ASN B 277 28.22 -35.87 25.10
CA ASN B 277 28.24 -37.28 25.49
C ASN B 277 29.17 -38.14 24.68
N TRP B 278 29.74 -37.60 23.60
CA TRP B 278 30.59 -38.40 22.72
C TRP B 278 31.79 -39.03 23.40
N ASN B 279 32.52 -38.25 24.19
CA ASN B 279 33.73 -38.77 24.81
C ASN B 279 33.44 -39.85 25.85
N ASN B 280 32.47 -39.63 26.72
CA ASN B 280 32.14 -40.68 27.73
C ASN B 280 31.54 -41.91 27.05
N ARG B 281 30.65 -41.73 26.09
CA ARG B 281 30.04 -42.87 25.39
C ARG B 281 31.03 -43.63 24.53
N ALA B 282 31.88 -42.91 23.82
CA ALA B 282 32.88 -43.53 22.95
C ALA B 282 33.87 -44.35 23.77
N GLN B 283 34.25 -43.82 24.95
CA GLN B 283 35.16 -44.54 25.87
C GLN B 283 34.57 -45.90 26.25
N TYR B 284 33.29 -45.94 26.60
CA TYR B 284 32.65 -47.18 26.97
C TYR B 284 32.57 -48.14 25.78
N ARG B 285 32.39 -47.58 24.59
CA ARG B 285 32.22 -48.37 23.36
C ARG B 285 33.54 -48.71 22.66
N ASP B 286 34.62 -48.79 23.45
CA ASP B 286 35.92 -49.25 22.95
C ASP B 286 36.72 -48.30 22.02
N TYR B 287 36.42 -47.01 22.02
CA TYR B 287 37.23 -46.05 21.24
C TYR B 287 38.38 -45.52 22.09
N GLN B 288 39.50 -45.17 21.45
CA GLN B 288 40.63 -44.54 22.15
C GLN B 288 40.22 -43.09 22.42
N VAL B 289 40.20 -42.68 23.68
CA VAL B 289 39.83 -41.31 24.05
C VAL B 289 40.86 -40.77 25.02
N SER B 290 41.42 -39.58 24.75
CA SER B 290 42.40 -38.98 25.67
C SER B 290 42.41 -37.47 25.56
N HIS B 291 43.20 -36.84 26.40
CA HIS B 291 43.36 -35.40 26.38
C HIS B 291 44.46 -34.93 25.45
N THR B 292 45.19 -35.86 24.84
CA THR B 292 46.29 -35.53 23.92
C THR B 292 45.72 -35.21 22.53
N PRO B 293 45.89 -33.96 22.05
CA PRO B 293 45.40 -33.60 20.70
C PRO B 293 45.88 -34.57 19.63
N LYS B 294 45.00 -34.92 18.71
CA LYS B 294 45.33 -35.89 17.69
C LYS B 294 44.63 -35.55 16.39
N ARG B 295 45.41 -35.61 15.32
CA ARG B 295 44.94 -35.30 13.99
C ARG B 295 43.87 -36.31 13.54
N HIS B 296 42.81 -35.77 12.96
CA HIS B 296 41.66 -36.54 12.46
C HIS B 296 40.84 -37.23 13.54
N ALA B 297 41.00 -36.77 14.76
CA ALA B 297 40.17 -37.22 15.85
C ALA B 297 38.96 -36.29 15.91
N ALA B 298 37.92 -36.75 16.58
CA ALA B 298 36.79 -35.91 16.88
C ALA B 298 37.18 -35.22 18.19
N VAL B 299 37.06 -33.89 18.27
CA VAL B 299 37.38 -33.17 19.50
C VAL B 299 36.06 -32.75 20.14
N VAL B 300 35.93 -33.09 21.43
CA VAL B 300 34.71 -32.84 22.18
C VAL B 300 34.91 -31.72 23.21
N PHE B 301 33.96 -30.79 23.22
CA PHE B 301 33.88 -29.70 24.18
C PHE B 301 32.72 -30.01 25.12
N GLU B 302 32.96 -29.95 26.43
CA GLU B 302 31.90 -30.17 27.41
C GLU B 302 30.95 -28.97 27.37
N ALA B 303 29.74 -29.16 27.89
CA ALA B 303 28.74 -28.09 27.91
C ALA B 303 29.33 -26.83 28.55
N GLY B 304 29.24 -25.70 27.85
CA GLY B 304 29.80 -24.43 28.34
C GLY B 304 31.31 -24.33 28.36
N GLN B 305 32.02 -25.32 27.84
CA GLN B 305 33.48 -25.28 27.88
C GLN B 305 34.04 -24.41 26.74
N PHE B 306 34.82 -23.39 27.12
CA PHE B 306 35.41 -22.43 26.16
C PHE B 306 34.37 -21.88 25.19
N GLY B 307 33.23 -21.47 25.72
CA GLY B 307 32.16 -20.91 24.90
C GLY B 307 31.29 -21.90 24.14
N ALA B 308 31.48 -23.20 24.32
CA ALA B 308 30.62 -24.19 23.64
C ALA B 308 29.20 -24.11 24.22
N ASP B 309 28.22 -24.55 23.44
CA ASP B 309 26.80 -24.58 23.84
C ASP B 309 26.63 -25.12 25.27
N GLN B 310 25.89 -24.36 26.08
CA GLN B 310 25.69 -24.66 27.51
C GLN B 310 24.91 -25.93 27.76
N HIS B 311 24.05 -26.31 26.81
CA HIS B 311 23.24 -27.51 26.90
C HIS B 311 23.89 -28.73 26.23
N TYR B 312 24.32 -28.57 24.98
CA TYR B 312 24.85 -29.67 24.19
C TYR B 312 26.37 -29.85 24.15
N GLY B 313 27.11 -28.82 24.52
CA GLY B 313 28.55 -28.88 24.34
C GLY B 313 28.76 -28.80 22.82
N HIS B 314 29.88 -29.33 22.35
CA HIS B 314 30.17 -29.24 20.94
C HIS B 314 31.16 -30.31 20.55
N VAL B 315 31.12 -30.68 19.28
CA VAL B 315 32.07 -31.62 18.74
C VAL B 315 32.57 -31.06 17.41
N ALA B 316 33.86 -31.28 17.14
CA ALA B 316 34.50 -30.82 15.91
C ALA B 316 35.52 -31.84 15.43
N PHE B 317 36.09 -31.58 14.27
CA PHE B 317 37.07 -32.48 13.64
C PHE B 317 38.44 -31.81 13.60
N VAL B 318 39.45 -32.50 14.09
CA VAL B 318 40.81 -31.95 14.13
C VAL B 318 41.49 -32.09 12.76
N GLU B 319 41.65 -30.99 12.05
CA GLU B 319 42.26 -30.99 10.75
C GLU B 319 43.80 -31.05 10.85
N LYS B 320 44.35 -30.50 11.93
CA LYS B 320 45.78 -30.44 12.11
C LYS B 320 46.13 -30.16 13.56
N VAL B 321 47.24 -30.76 14.02
CA VAL B 321 47.82 -30.46 15.31
C VAL B 321 49.03 -29.62 14.96
N ASN B 322 49.07 -28.37 15.44
CA ASN B 322 50.21 -27.47 15.16
C ASN B 322 51.41 -27.82 16.05
N SER B 323 52.61 -27.41 15.66
CA SER B 323 53.79 -27.73 16.47
C SER B 323 53.74 -27.07 17.85
N ASP B 324 53.05 -25.94 17.98
CA ASP B 324 52.91 -25.27 19.31
C ASP B 324 51.91 -25.97 20.26
N GLY B 325 51.23 -27.01 19.79
CA GLY B 325 50.24 -27.70 20.61
C GLY B 325 48.82 -27.24 20.35
N SER B 326 48.63 -26.16 19.60
CA SER B 326 47.27 -25.71 19.25
C SER B 326 46.72 -26.60 18.12
N ILE B 327 45.41 -26.49 17.87
CA ILE B 327 44.77 -27.30 16.82
C ILE B 327 43.95 -26.47 15.85
N VAL B 328 43.86 -26.97 14.63
CA VAL B 328 43.00 -26.39 13.61
C VAL B 328 41.82 -27.35 13.52
N ILE B 329 40.59 -26.83 13.69
CA ILE B 329 39.40 -27.63 13.63
C ILE B 329 38.38 -27.13 12.59
N SER B 330 37.55 -28.05 12.11
CA SER B 330 36.45 -27.71 11.23
C SER B 330 35.19 -28.20 11.93
N GLU B 331 34.09 -27.50 11.70
CA GLU B 331 32.86 -27.80 12.42
C GLU B 331 31.66 -27.23 11.68
N SER B 332 30.45 -27.59 12.11
CA SER B 332 29.24 -26.99 11.52
C SER B 332 28.41 -26.28 12.57
N ASN B 333 27.55 -25.40 12.09
CA ASN B 333 26.59 -24.67 12.91
C ASN B 333 27.07 -23.79 14.05
N VAL B 334 28.31 -23.33 13.98
CA VAL B 334 28.88 -22.42 14.97
C VAL B 334 28.85 -21.00 14.40
N LYS B 335 29.14 -20.91 13.11
CA LYS B 335 29.19 -19.62 12.42
C LYS B 335 27.81 -19.19 11.91
N GLY B 336 26.84 -20.11 11.95
CA GLY B 336 25.49 -19.83 11.49
C GLY B 336 24.84 -21.12 11.06
N LEU B 337 23.53 -21.03 10.85
CA LEU B 337 22.70 -22.13 10.43
C LEU B 337 23.20 -22.74 9.11
N GLY B 338 23.44 -24.04 9.12
CA GLY B 338 23.92 -24.77 7.94
C GLY B 338 25.27 -24.32 7.39
N ILE B 339 26.11 -23.71 8.23
CA ILE B 339 27.42 -23.23 7.81
C ILE B 339 28.53 -24.09 8.42
N ILE B 340 29.44 -24.55 7.56
CA ILE B 340 30.63 -25.30 7.94
C ILE B 340 31.77 -24.25 8.02
N SER B 341 32.49 -24.25 9.14
CA SER B 341 33.54 -23.29 9.39
C SER B 341 34.73 -23.94 10.06
N HIS B 342 35.81 -23.18 10.18
CA HIS B 342 37.05 -23.66 10.76
C HIS B 342 37.67 -22.60 11.63
N ARG B 343 38.47 -23.01 12.61
CA ARG B 343 39.20 -22.06 13.46
C ARG B 343 40.35 -22.76 14.14
N THR B 344 41.16 -21.96 14.82
CA THR B 344 42.27 -22.46 15.60
C THR B 344 41.94 -22.32 17.09
N ILE B 345 42.21 -23.38 17.85
CA ILE B 345 42.01 -23.40 19.29
C ILE B 345 43.41 -23.41 19.91
N ASN B 346 43.69 -22.47 20.83
CA ASN B 346 45.01 -22.34 21.46
C ASN B 346 45.44 -23.57 22.26
N ALA B 347 46.76 -23.73 22.38
CA ALA B 347 47.36 -24.89 23.06
C ALA B 347 46.83 -25.17 24.47
N ALA B 348 46.73 -24.13 25.30
CA ALA B 348 46.27 -24.32 26.68
C ALA B 348 44.85 -24.85 26.70
N ALA B 349 44.02 -24.37 25.79
CA ALA B 349 42.65 -24.84 25.70
C ALA B 349 42.59 -26.25 25.10
N ALA B 350 43.35 -26.47 24.03
CA ALA B 350 43.37 -27.78 23.35
C ALA B 350 43.73 -28.96 24.27
N GLU B 351 44.63 -28.72 25.23
CA GLU B 351 45.03 -29.78 26.18
C GLU B 351 43.91 -30.18 27.15
N GLU B 352 42.87 -29.37 27.27
CA GLU B 352 41.74 -29.61 28.16
C GLU B 352 40.57 -30.34 27.49
N LEU B 353 40.62 -30.53 26.17
CA LEU B 353 39.53 -31.18 25.44
C LEU B 353 39.76 -32.69 25.37
N SER B 354 38.77 -33.44 24.86
CA SER B 354 38.86 -34.90 24.69
C SER B 354 38.95 -35.22 23.22
N TYR B 355 39.83 -36.13 22.87
CA TYR B 355 40.01 -36.50 21.49
C TYR B 355 39.66 -37.98 21.33
N ILE B 356 38.78 -38.27 20.36
CA ILE B 356 38.32 -39.61 20.08
C ILE B 356 38.85 -40.05 18.73
N THR B 357 39.62 -41.13 18.74
CA THR B 357 40.16 -41.72 17.51
C THR B 357 39.12 -42.69 16.94
N GLY B 358 38.73 -42.47 15.68
CA GLY B 358 37.78 -43.33 15.00
C GLY B 358 38.31 -44.75 14.83
N LYS B 359 37.44 -45.65 14.37
CA LYS B 359 37.81 -47.06 14.14
C LYS B 359 37.92 -47.33 12.68
N THR C 1 16.54 7.06 -27.03
CA THR C 1 15.89 7.83 -25.93
C THR C 1 14.40 8.11 -26.22
N LYS C 2 13.68 7.05 -26.62
CA LYS C 2 12.25 7.13 -26.97
C LYS C 2 11.35 7.60 -25.82
N ASN C 3 10.26 8.28 -26.18
CA ASN C 3 9.27 8.81 -25.23
C ASN C 3 8.09 7.84 -25.14
N PRO C 4 7.79 7.32 -23.92
CA PRO C 4 6.67 6.39 -23.72
C PRO C 4 5.29 6.95 -24.09
N GLN C 5 5.09 8.25 -23.93
CA GLN C 5 3.80 8.88 -24.24
C GLN C 5 3.39 8.91 -25.71
N LEU C 6 4.34 8.74 -26.62
CA LEU C 6 4.06 8.76 -28.04
C LEU C 6 4.02 7.33 -28.60
N PRO C 7 3.40 7.14 -29.77
CA PRO C 7 3.33 5.79 -30.36
C PRO C 7 4.72 5.16 -30.65
N THR C 8 4.90 3.94 -30.18
CA THR C 8 6.13 3.18 -30.38
C THR C 8 6.11 2.55 -31.78
N GLN C 9 7.26 2.01 -32.21
CA GLN C 9 7.36 1.37 -33.52
C GLN C 9 6.38 0.22 -33.71
N ASP C 10 6.25 -0.62 -32.68
CA ASP C 10 5.36 -1.78 -32.75
C ASP C 10 3.88 -1.36 -32.73
N GLU C 11 3.57 -0.30 -31.99
CA GLU C 11 2.20 0.20 -31.93
C GLU C 11 1.79 0.74 -33.30
N LEU C 12 2.73 1.40 -33.99
CA LEU C 12 2.49 1.95 -35.32
C LEU C 12 2.31 0.85 -36.37
N LYS C 13 2.94 -0.30 -36.14
CA LYS C 13 2.83 -1.44 -37.05
C LYS C 13 1.40 -2.00 -37.07
N HIS C 14 0.72 -1.97 -35.92
CA HIS C 14 -0.65 -2.48 -35.79
C HIS C 14 -1.75 -1.41 -35.81
N LYS C 15 -1.41 -0.17 -36.14
CA LYS C 15 -2.40 0.92 -36.17
C LYS C 15 -3.53 0.63 -37.16
N SER C 16 -4.69 1.19 -36.87
CA SER C 16 -5.88 1.03 -37.72
C SER C 16 -6.70 2.32 -37.66
N LYS C 17 -7.75 2.41 -38.47
CA LYS C 17 -8.61 3.58 -38.45
C LYS C 17 -9.36 3.62 -37.11
N PRO C 18 -9.67 4.81 -36.61
CA PRO C 18 -10.46 4.86 -35.39
C PRO C 18 -11.79 4.19 -35.65
N ALA C 19 -12.21 3.31 -34.74
CA ALA C 19 -13.50 2.64 -34.90
C ALA C 19 -14.67 3.65 -34.81
N GLN C 20 -15.62 3.54 -35.74
CA GLN C 20 -16.81 4.39 -35.78
C GLN C 20 -18.01 3.72 -35.10
N SER C 21 -17.89 2.44 -34.79
CA SER C 21 -18.99 1.70 -34.13
C SER C 21 -18.43 0.57 -33.27
N PHE C 22 -19.25 0.09 -32.34
CA PHE C 22 -18.87 -1.03 -31.48
C PHE C 22 -19.38 -2.34 -32.09
N ASN C 23 -18.71 -3.42 -31.72
CA ASN C 23 -19.05 -4.78 -32.17
C ASN C 23 -18.64 -5.74 -31.05
N ASN C 24 -18.57 -7.04 -31.32
CA ASN C 24 -18.14 -8.02 -30.28
C ASN C 24 -16.65 -7.91 -29.90
N ASP C 25 -15.87 -7.12 -30.67
CA ASP C 25 -14.46 -6.87 -30.38
C ASP C 25 -14.28 -5.52 -29.69
N VAL C 26 -14.45 -4.43 -30.45
CA VAL C 26 -14.30 -3.06 -29.93
C VAL C 26 -15.50 -2.71 -29.05
N ASN C 27 -15.25 -2.49 -27.76
CA ASN C 27 -16.30 -2.19 -26.78
C ASN C 27 -15.99 -0.95 -25.97
N GLN C 28 -17.00 -0.49 -25.23
CA GLN C 28 -16.91 0.73 -24.42
C GLN C 28 -15.81 0.69 -23.35
N LYS C 29 -15.52 -0.50 -22.84
CA LYS C 29 -14.45 -0.65 -21.82
C LYS C 29 -13.02 -0.69 -22.39
N ASP C 30 -12.89 -0.75 -23.71
CA ASP C 30 -11.60 -0.77 -24.40
C ASP C 30 -11.40 0.54 -25.22
N THR C 31 -12.31 1.50 -25.02
CA THR C 31 -12.34 2.73 -25.80
C THR C 31 -12.28 3.97 -24.90
N ARG C 32 -11.38 4.89 -25.23
CA ARG C 32 -11.24 6.11 -24.47
C ARG C 32 -12.24 7.17 -24.90
N ALA C 33 -12.31 8.20 -24.06
CA ALA C 33 -13.08 9.38 -24.30
C ALA C 33 -12.19 10.54 -23.89
N THR C 34 -12.03 11.52 -24.79
CA THR C 34 -11.26 12.72 -24.52
C THR C 34 -12.17 13.91 -24.87
N SER C 35 -11.83 15.12 -24.40
CA SER C 35 -12.67 16.29 -24.65
C SER C 35 -12.77 16.63 -26.12
N LEU C 36 -13.94 17.12 -26.50
CA LEU C 36 -14.21 17.55 -27.86
C LEU C 36 -14.24 19.06 -27.92
N PHE C 37 -13.87 19.58 -29.08
CA PHE C 37 -13.78 21.01 -29.30
C PHE C 37 -14.49 21.41 -30.57
N GLU C 38 -15.00 22.63 -30.61
CA GLU C 38 -15.70 23.12 -31.78
C GLU C 38 -15.03 24.38 -32.32
N THR C 39 -15.03 24.48 -33.65
CA THR C 39 -14.52 25.65 -34.31
C THR C 39 -15.50 26.75 -33.91
N ASP C 40 -14.96 27.82 -33.37
CA ASP C 40 -15.73 28.95 -32.89
C ASP C 40 -16.52 29.69 -33.99
N PRO C 41 -17.75 30.14 -33.67
CA PRO C 41 -18.44 31.11 -34.54
C PRO C 41 -18.14 32.57 -34.11
N SER C 42 -16.88 32.98 -34.18
CA SER C 42 -16.43 34.35 -33.82
C SER C 42 -15.19 34.77 -34.62
N ILE C 43 -15.07 36.09 -34.87
CA ILE C 43 -14.00 36.64 -35.72
C ILE C 43 -12.71 37.01 -34.94
N SER C 44 -11.60 36.34 -35.25
CA SER C 44 -10.31 36.58 -34.59
C SER C 44 -9.52 37.73 -35.23
N ASN C 45 -8.39 38.08 -34.60
CA ASN C 45 -7.54 39.16 -35.10
C ASN C 45 -6.70 38.74 -36.31
N ASN C 46 -6.10 37.55 -36.26
CA ASN C 46 -5.28 37.02 -37.35
C ASN C 46 -5.47 35.49 -37.51
N ASP C 47 -4.93 34.93 -38.59
CA ASP C 47 -5.03 33.48 -38.87
C ASP C 47 -4.20 32.68 -37.87
N SER C 49 -4.85 33.03 -34.24
CA SER C 49 -5.61 32.89 -33.01
C SER C 49 -6.64 31.78 -33.15
N GLN C 51 -8.82 29.11 -33.39
CA GLN C 51 -9.36 29.26 -32.05
C GLN C 51 -10.43 28.19 -31.85
N PHE C 52 -10.30 27.41 -30.78
CA PHE C 52 -11.23 26.33 -30.48
C PHE C 52 -12.00 26.57 -29.21
N ASN C 53 -13.31 26.33 -29.25
CA ASN C 53 -14.17 26.43 -28.08
C ASN C 53 -14.31 25.06 -27.48
N VAL C 54 -14.43 25.01 -26.16
CA VAL C 54 -14.71 23.76 -25.47
C VAL C 54 -16.21 23.49 -25.68
N VAL C 55 -16.63 22.26 -25.46
CA VAL C 55 -18.03 21.93 -25.49
C VAL C 55 -18.40 22.15 -24.04
N ASP C 56 -19.17 23.20 -23.75
CA ASP C 56 -19.51 23.50 -22.37
C ASP C 56 -20.31 22.34 -21.76
N SER C 57 -20.02 22.06 -20.49
CA SER C 57 -20.61 20.94 -19.79
C SER C 57 -20.66 21.17 -18.29
N LYS C 58 -21.74 20.69 -17.68
CA LYS C 58 -21.91 20.78 -16.23
C LYS C 58 -20.97 19.74 -15.59
N ASP C 59 -20.70 18.65 -16.30
CA ASP C 59 -19.79 17.61 -15.81
C ASP C 59 -18.36 18.13 -15.69
N THR C 60 -17.94 19.00 -16.60
CA THR C 60 -16.59 19.58 -16.55
C THR C 60 -16.44 20.44 -15.29
N ARG C 61 -17.46 21.25 -15.00
CA ARG C 61 -17.49 22.09 -13.79
C ARG C 61 -17.27 21.24 -12.54
N GLN C 62 -18.14 20.25 -12.35
CA GLN C 62 -18.05 19.35 -11.20
C GLN C 62 -16.72 18.60 -11.14
N PHE C 63 -16.19 18.20 -12.29
CA PHE C 63 -14.89 17.53 -12.34
C PHE C 63 -13.78 18.47 -11.84
N VAL C 64 -13.85 19.74 -12.22
CA VAL C 64 -12.87 20.72 -11.77
C VAL C 64 -12.94 20.86 -10.24
N LYS C 65 -14.15 20.84 -9.68
CA LYS C 65 -14.33 20.93 -8.25
C LYS C 65 -13.69 19.74 -7.52
N SER C 66 -13.83 18.55 -8.09
CA SER C 66 -13.29 17.34 -7.47
C SER C 66 -11.75 17.30 -7.37
N ILE C 67 -11.03 18.01 -8.25
CA ILE C 67 -9.55 17.96 -8.23
C ILE C 67 -8.81 19.30 -8.01
N ALA C 68 -9.54 20.42 -7.93
CA ALA C 68 -8.91 21.74 -7.78
C ALA C 68 -7.99 21.83 -6.56
N LYS C 69 -8.49 21.38 -5.42
CA LYS C 69 -7.73 21.40 -4.15
C LYS C 69 -6.42 20.61 -4.27
N ASP C 70 -6.51 19.35 -4.71
CA ASP C 70 -5.31 18.52 -4.87
C ASP C 70 -4.36 19.09 -5.94
N ALA C 71 -4.92 19.57 -7.05
CA ALA C 71 -4.10 20.14 -8.12
C ALA C 71 -3.38 21.41 -7.69
N HIS C 72 -4.05 22.25 -6.89
CA HIS C 72 -3.44 23.48 -6.38
C HIS C 72 -2.24 23.19 -5.44
N ARG C 73 -2.43 22.27 -4.51
CA ARG C 73 -1.38 21.89 -3.56
C ARG C 73 -0.14 21.34 -4.29
N ILE C 74 -0.38 20.47 -5.26
CA ILE C 74 0.69 19.88 -6.07
C ILE C 74 1.40 20.98 -6.89
N GLY C 75 0.64 21.97 -7.35
CA GLY C 75 1.19 23.08 -8.13
C GLY C 75 2.23 23.92 -7.42
N GLN C 76 1.93 24.31 -6.18
CA GLN C 76 2.83 25.14 -5.39
C GLN C 76 4.09 24.38 -4.98
N ASP C 77 3.88 23.15 -4.51
CA ASP C 77 4.97 22.30 -4.00
C ASP C 77 5.90 21.70 -5.04
N ASN C 78 5.49 21.61 -6.31
CA ASN C 78 6.35 20.97 -7.32
C ASN C 78 6.73 21.80 -8.56
N ASP C 79 6.69 23.13 -8.45
CA ASP C 79 7.10 24.04 -9.54
C ASP C 79 6.35 23.67 -10.84
N ILE C 80 5.02 23.57 -10.73
CA ILE C 80 4.18 23.14 -11.85
C ILE C 80 2.84 23.90 -11.87
N TYR C 81 2.36 24.22 -13.06
CA TYR C 81 1.10 24.96 -13.21
C TYR C 81 -0.13 24.08 -12.91
N ALA C 82 -0.91 24.48 -11.91
CA ALA C 82 -2.14 23.75 -11.55
C ALA C 82 -3.11 23.83 -12.71
N SER C 83 -3.12 25.00 -13.35
CA SER C 83 -3.96 25.26 -14.51
C SER C 83 -3.73 24.24 -15.64
N VAL C 84 -2.44 24.01 -15.95
CA VAL C 84 -2.05 23.06 -17.00
C VAL C 84 -2.40 21.62 -16.59
N ILE C 86 -4.79 20.54 -14.31
CA ILE C 86 -6.24 20.36 -14.34
C ILE C 86 -6.76 20.27 -15.79
N ALA C 87 -6.24 21.14 -16.66
CA ALA C 87 -6.64 21.18 -18.07
C ALA C 87 -6.33 19.86 -18.74
N GLN C 88 -5.14 19.32 -18.47
CA GLN C 88 -4.76 18.01 -19.01
C GLN C 88 -5.68 16.90 -18.50
N ALA C 89 -6.15 17.02 -17.27
CA ALA C 89 -7.06 16.02 -16.70
C ALA C 89 -8.42 16.07 -17.41
N ILE C 90 -8.92 17.29 -17.63
CA ILE C 90 -10.20 17.51 -18.34
C ILE C 90 -10.13 16.89 -19.74
N LEU C 91 -9.12 17.29 -20.50
CA LEU C 91 -8.96 16.81 -21.87
C LEU C 91 -8.73 15.31 -21.97
N GLU C 92 -7.75 14.80 -21.22
CA GLU C 92 -7.37 13.38 -21.30
C GLU C 92 -8.37 12.39 -20.67
N SER C 93 -9.30 12.87 -19.86
CA SER C 93 -10.31 12.01 -19.20
C SER C 93 -11.75 12.34 -19.62
N ASP C 94 -11.92 13.38 -20.45
CA ASP C 94 -13.24 13.89 -20.86
C ASP C 94 -14.07 14.23 -19.61
N SER C 95 -13.51 15.08 -18.78
CA SER C 95 -14.13 15.54 -17.54
C SER C 95 -14.55 14.39 -16.62
N GLY C 96 -13.71 13.36 -16.55
CA GLY C 96 -13.94 12.20 -15.69
C GLY C 96 -14.91 11.17 -16.21
N ARG C 97 -15.34 11.28 -17.47
CA ARG C 97 -16.33 10.37 -18.05
C ARG C 97 -15.70 9.18 -18.77
N SER C 98 -14.42 9.28 -19.10
CA SER C 98 -13.73 8.18 -19.77
C SER C 98 -13.65 6.94 -18.90
N ALA C 99 -13.78 5.77 -19.53
CA ALA C 99 -13.66 4.50 -18.81
C ALA C 99 -12.22 4.31 -18.26
N LEU C 100 -11.25 4.98 -18.88
CA LEU C 100 -9.86 4.94 -18.42
C LEU C 100 -9.70 5.74 -17.11
N ALA C 101 -10.55 6.75 -16.94
CA ALA C 101 -10.51 7.62 -15.75
C ALA C 101 -11.33 7.09 -14.58
N LYS C 102 -12.42 6.41 -14.88
CA LYS C 102 -13.31 5.88 -13.85
C LYS C 102 -12.81 4.57 -13.28
N SER C 103 -13.43 4.15 -12.17
CA SER C 103 -13.09 2.89 -11.53
C SER C 103 -13.14 1.77 -12.57
N PRO C 104 -12.23 0.79 -12.52
CA PRO C 104 -11.15 0.68 -11.53
C PRO C 104 -9.78 1.16 -12.03
N ASN C 105 -9.77 1.98 -13.07
CA ASN C 105 -8.52 2.43 -13.67
C ASN C 105 -7.98 3.71 -13.02
N HIS C 106 -8.86 4.69 -12.84
CA HIS C 106 -8.54 5.95 -12.15
C HIS C 106 -7.42 6.81 -12.80
N ASN C 107 -7.13 6.58 -14.08
CA ASN C 107 -6.08 7.29 -14.78
C ASN C 107 -6.67 8.54 -15.43
N LEU C 108 -6.44 9.70 -14.81
CA LEU C 108 -7.03 10.96 -15.29
C LEU C 108 -6.24 11.69 -16.37
N PHE C 109 -4.96 11.38 -16.51
CA PHE C 109 -4.11 12.13 -17.43
C PHE C 109 -3.68 11.36 -18.67
N GLY C 110 -4.19 10.16 -18.86
CA GLY C 110 -3.83 9.34 -20.02
C GLY C 110 -2.37 8.95 -20.07
N ILE C 111 -1.77 8.69 -18.92
CA ILE C 111 -0.35 8.30 -18.87
C ILE C 111 -0.21 6.83 -19.28
N LYS C 112 0.62 6.57 -20.29
CA LYS C 112 0.82 5.20 -20.78
C LYS C 112 1.80 4.44 -19.91
N GLY C 113 1.78 3.11 -20.06
CA GLY C 113 2.69 2.23 -19.33
C GLY C 113 2.00 1.49 -18.21
N ALA C 114 2.70 1.34 -17.08
CA ALA C 114 2.19 0.63 -15.92
C ALA C 114 2.59 1.34 -14.64
N PHE C 115 1.73 1.22 -13.63
CA PHE C 115 1.97 1.80 -12.29
C PHE C 115 2.08 0.63 -11.30
N GLU C 116 3.29 0.44 -10.76
CA GLU C 116 3.55 -0.67 -9.84
C GLU C 116 3.15 -1.98 -10.52
N GLY C 117 3.52 -2.12 -11.79
CA GLY C 117 3.24 -3.31 -12.58
C GLY C 117 1.78 -3.52 -12.99
N ASN C 118 0.94 -2.51 -12.80
CA ASN C 118 -0.49 -2.61 -13.13
C ASN C 118 -0.89 -1.70 -14.31
N SER C 119 -1.36 -2.34 -15.38
CA SER C 119 -1.72 -1.69 -16.64
C SER C 119 -3.08 -2.16 -17.14
N VAL C 120 -3.64 -1.41 -18.09
CA VAL C 120 -4.94 -1.71 -18.70
C VAL C 120 -4.89 -1.34 -20.19
N PRO C 121 -5.35 -2.24 -21.08
CA PRO C 121 -5.27 -1.93 -22.52
C PRO C 121 -6.42 -1.04 -23.05
N PHE C 122 -6.07 0.00 -23.79
CA PHE C 122 -7.04 0.90 -24.41
C PHE C 122 -6.65 1.27 -25.81
N ASN C 123 -7.65 1.41 -26.67
CA ASN C 123 -7.46 1.91 -28.00
C ASN C 123 -7.42 3.40 -27.74
N THR C 124 -6.45 4.07 -28.35
CA THR C 124 -6.29 5.51 -28.15
C THR C 124 -6.06 6.20 -29.49
N LEU C 125 -6.65 7.39 -29.62
CA LEU C 125 -6.61 8.17 -30.86
C LEU C 125 -5.34 8.98 -31.01
N GLU C 126 -4.80 8.97 -32.23
CA GLU C 126 -3.58 9.67 -32.54
C GLU C 126 -3.80 10.45 -33.83
N ALA C 127 -2.83 11.32 -34.15
CA ALA C 127 -2.91 12.14 -35.35
C ALA C 127 -1.53 12.44 -35.94
N ASP C 128 -1.53 12.70 -37.24
CA ASP C 128 -0.34 13.07 -38.00
C ASP C 128 -0.91 14.06 -39.01
N GLY C 129 -1.07 15.30 -38.58
CA GLY C 129 -1.75 16.32 -39.37
C GLY C 129 -3.23 15.96 -39.24
N ASN C 130 -3.92 15.85 -40.37
CA ASN C 130 -5.32 15.41 -40.37
C ASN C 130 -5.46 13.90 -40.62
N GLN C 131 -4.33 13.17 -40.59
CA GLN C 131 -4.33 11.71 -40.77
C GLN C 131 -4.60 11.09 -39.41
N LEU C 132 -5.85 10.71 -39.16
CA LEU C 132 -6.26 10.15 -37.87
C LEU C 132 -6.11 8.65 -37.86
N TYR C 133 -5.67 8.12 -36.73
CA TYR C 133 -5.50 6.68 -36.57
C TYR C 133 -5.63 6.26 -35.12
N SER C 134 -5.61 4.96 -34.90
CA SER C 134 -5.77 4.40 -33.58
C SER C 134 -4.72 3.33 -33.33
N ILE C 135 -4.25 3.28 -32.08
CA ILE C 135 -3.29 2.27 -31.65
C ILE C 135 -3.81 1.67 -30.34
N ASN C 136 -3.41 0.42 -30.06
CA ASN C 136 -3.79 -0.25 -28.82
C ASN C 136 -2.58 -0.16 -27.90
N ALA C 137 -2.75 0.42 -26.71
CA ALA C 137 -1.65 0.59 -25.78
C ALA C 137 -2.04 0.34 -24.32
N GLY C 138 -1.05 -0.05 -23.53
CA GLY C 138 -1.25 -0.26 -22.12
C GLY C 138 -1.15 1.08 -21.42
N PHE C 139 -2.15 1.39 -20.59
CA PHE C 139 -2.18 2.62 -19.81
C PHE C 139 -2.04 2.27 -18.35
N ARG C 140 -1.56 3.23 -17.56
CA ARG C 140 -1.35 3.03 -16.13
C ARG C 140 -2.68 2.86 -15.39
N LYS C 141 -2.71 1.86 -14.50
CA LYS C 141 -3.88 1.54 -13.69
C LYS C 141 -3.56 1.83 -12.22
N TYR C 142 -4.39 2.65 -11.58
CA TYR C 142 -4.19 3.09 -10.19
C TYR C 142 -5.29 2.61 -9.22
N PRO C 143 -4.97 2.50 -7.91
CA PRO C 143 -6.01 2.13 -6.95
C PRO C 143 -7.09 3.22 -6.77
N SER C 144 -6.70 4.48 -7.01
CA SER C 144 -7.62 5.62 -6.93
C SER C 144 -7.00 6.81 -7.67
N THR C 145 -7.74 7.93 -7.71
CA THR C 145 -7.28 9.14 -8.39
C THR C 145 -6.10 9.82 -7.70
N LYS C 146 -5.96 9.62 -6.40
CA LYS C 146 -4.83 10.17 -5.63
C LYS C 146 -3.51 9.82 -6.28
N GLU C 147 -3.32 8.53 -6.56
CA GLU C 147 -2.09 8.05 -7.18
C GLU C 147 -1.92 8.58 -8.60
N SER C 148 -3.03 8.87 -9.28
CA SER C 148 -2.95 9.41 -10.65
C SER C 148 -2.36 10.81 -10.64
N LEU C 149 -2.86 11.65 -9.75
CA LEU C 149 -2.38 13.02 -9.58
C LEU C 149 -0.90 13.03 -9.20
N LYS C 150 -0.56 12.19 -8.22
CA LYS C 150 0.80 12.11 -7.74
C LYS C 150 1.70 11.58 -8.87
N ASP C 151 1.23 10.56 -9.59
CA ASP C 151 2.04 9.98 -10.69
C ASP C 151 2.24 10.99 -11.83
N TYR C 152 1.27 11.89 -12.03
CA TYR C 152 1.38 12.93 -13.04
C TYR C 152 2.47 13.92 -12.65
N SER C 153 2.46 14.36 -11.40
CA SER C 153 3.48 15.30 -10.92
C SER C 153 4.87 14.67 -11.02
N ASP C 154 4.99 13.42 -10.60
CA ASP C 154 6.28 12.71 -10.65
C ASP C 154 6.81 12.55 -12.09
N LEU C 155 5.90 12.50 -13.06
CA LEU C 155 6.30 12.40 -14.46
C LEU C 155 6.89 13.72 -14.94
N ILE C 156 6.26 14.84 -14.58
CA ILE C 156 6.73 16.17 -14.98
C ILE C 156 8.07 16.53 -14.30
N LYS C 157 8.21 16.15 -13.02
CA LYS C 157 9.43 16.41 -12.22
C LYS C 157 10.63 15.56 -12.65
N ASN C 158 10.46 14.25 -12.54
CA ASN C 158 11.54 13.28 -12.76
C ASN C 158 11.76 12.86 -14.21
N GLY C 159 10.72 12.94 -15.03
CA GLY C 159 10.81 12.57 -16.43
C GLY C 159 10.86 11.07 -16.64
N ILE C 160 11.77 10.63 -17.52
CA ILE C 160 11.96 9.22 -17.84
C ILE C 160 13.47 8.89 -17.89
N ASP C 161 13.79 7.59 -18.00
CA ASP C 161 15.20 7.15 -18.08
C ASP C 161 15.82 7.56 -19.42
N GLY C 162 16.92 8.32 -19.35
CA GLY C 162 17.63 8.80 -20.54
C GLY C 162 17.28 10.24 -20.93
N ASN C 163 16.19 10.76 -20.37
CA ASN C 163 15.75 12.13 -20.64
C ASN C 163 14.92 12.61 -19.44
N ARG C 164 15.59 12.77 -18.30
CA ARG C 164 14.92 13.19 -17.05
C ARG C 164 14.32 14.60 -17.10
N THR C 165 14.80 15.43 -18.02
CA THR C 165 14.29 16.80 -18.19
C THR C 165 13.35 16.91 -19.40
N ILE C 166 12.73 15.79 -19.78
CA ILE C 166 11.81 15.78 -20.93
C ILE C 166 10.66 16.79 -20.77
N TYR C 167 10.11 16.92 -19.56
CA TYR C 167 9.03 17.89 -19.30
C TYR C 167 9.49 19.14 -18.56
N LYS C 168 10.78 19.48 -18.71
CA LYS C 168 11.39 20.65 -18.04
C LYS C 168 10.80 22.02 -18.43
N PRO C 169 10.71 22.31 -19.74
CA PRO C 169 10.18 23.63 -20.10
C PRO C 169 8.72 23.90 -19.67
N THR C 170 8.04 22.89 -19.12
CA THR C 170 6.66 23.04 -18.63
C THR C 170 6.61 23.54 -17.17
N TRP C 171 7.78 23.60 -16.52
CA TRP C 171 7.90 24.01 -15.12
C TRP C 171 7.50 25.48 -14.95
N LYS C 172 6.98 25.79 -13.76
CA LYS C 172 6.48 27.15 -13.46
C LYS C 172 7.60 28.22 -13.39
N SER C 173 8.78 27.84 -12.93
CA SER C 173 9.91 28.77 -12.88
C SER C 173 10.66 28.81 -14.22
N GLU C 174 10.24 27.96 -15.17
CA GLU C 174 10.91 27.85 -16.48
C GLU C 174 10.11 28.39 -17.67
N ALA C 175 8.78 28.46 -17.53
CA ALA C 175 7.90 28.95 -18.59
C ALA C 175 7.27 30.27 -18.13
N ASP C 176 7.42 31.32 -18.95
CA ASP C 176 6.87 32.65 -18.61
C ASP C 176 5.45 32.56 -18.06
N SER C 177 4.59 31.87 -18.80
CA SER C 177 3.21 31.62 -18.39
C SER C 177 2.81 30.22 -18.85
N TYR C 178 1.60 29.83 -18.50
CA TYR C 178 1.09 28.50 -18.86
C TYR C 178 1.11 28.21 -20.36
N LYS C 179 1.09 29.25 -21.19
CA LYS C 179 1.10 29.09 -22.65
C LYS C 179 2.40 28.52 -23.21
N ASP C 180 3.52 28.75 -22.52
CA ASP C 180 4.79 28.16 -22.94
C ASP C 180 4.79 26.68 -22.53
N ALA C 181 4.18 26.39 -21.38
CA ALA C 181 4.09 25.02 -20.88
C ALA C 181 3.26 24.15 -21.82
N THR C 182 2.11 24.66 -22.23
CA THR C 182 1.23 23.92 -23.13
C THR C 182 1.91 23.67 -24.50
N SER C 183 2.74 24.61 -24.94
CA SER C 183 3.43 24.46 -26.24
C SER C 183 4.41 23.28 -26.29
N HIS C 184 5.16 23.08 -25.21
CA HIS C 184 6.11 21.98 -25.15
C HIS C 184 5.43 20.62 -24.93
N LEU C 185 4.24 20.64 -24.32
CA LEU C 185 3.46 19.42 -24.13
C LEU C 185 2.96 18.86 -25.47
N SER C 186 2.64 19.75 -26.41
CA SER C 186 2.15 19.31 -27.73
C SER C 186 3.16 18.41 -28.47
N LYS C 187 4.45 18.63 -28.23
CA LYS C 187 5.47 17.83 -28.88
C LYS C 187 5.83 16.57 -28.09
N THR C 188 5.75 16.64 -26.75
CA THR C 188 6.16 15.52 -25.89
C THR C 188 5.07 14.69 -25.20
N TYR C 189 3.86 15.22 -25.06
CA TYR C 189 2.80 14.50 -24.34
C TYR C 189 1.79 13.78 -25.24
N ALA C 190 1.45 14.38 -26.38
CA ALA C 190 0.49 13.77 -27.33
C ALA C 190 0.93 14.06 -28.75
N THR C 191 0.25 13.43 -29.71
CA THR C 191 0.54 13.62 -31.14
C THR C 191 -0.46 14.62 -31.76
N ASP C 192 -1.47 14.99 -30.98
CA ASP C 192 -2.51 15.91 -31.42
C ASP C 192 -1.89 17.29 -31.77
N PRO C 193 -1.91 17.69 -33.06
CA PRO C 193 -1.29 18.98 -33.43
C PRO C 193 -1.97 20.22 -32.83
N ASN C 194 -3.19 20.09 -32.29
CA ASN C 194 -3.88 21.22 -31.65
C ASN C 194 -3.87 21.08 -30.14
N TYR C 195 -3.02 20.20 -29.62
CA TYR C 195 -2.99 19.94 -28.19
C TYR C 195 -2.83 21.20 -27.33
N ALA C 196 -1.91 22.08 -27.70
CA ALA C 196 -1.66 23.31 -26.92
C ALA C 196 -2.88 24.23 -26.93
N LYS C 197 -3.36 24.53 -28.13
CA LYS C 197 -4.55 25.37 -28.32
C LYS C 197 -5.77 24.81 -27.55
N LYS C 198 -5.89 23.48 -27.49
CA LYS C 198 -6.98 22.84 -26.74
C LYS C 198 -6.85 23.08 -25.23
N LEU C 199 -5.64 22.91 -24.70
CA LEU C 199 -5.41 23.15 -23.28
C LEU C 199 -5.63 24.62 -22.94
N ASN C 200 -5.14 25.52 -23.80
CA ASN C 200 -5.31 26.97 -23.61
C ASN C 200 -6.78 27.36 -23.58
N SER C 201 -7.58 26.73 -24.45
CA SER C 201 -9.01 27.00 -24.52
C SER C 201 -9.71 26.61 -23.21
N ILE C 202 -9.34 25.43 -22.69
CA ILE C 202 -9.88 24.94 -21.43
C ILE C 202 -9.48 25.87 -20.28
N ILE C 203 -8.19 26.18 -20.19
CA ILE C 203 -7.70 27.06 -19.14
C ILE C 203 -8.44 28.40 -19.16
N LYS C 204 -8.64 28.96 -20.34
CA LYS C 204 -9.31 30.27 -20.47
C LYS C 204 -10.77 30.19 -20.07
N HIS C 205 -11.52 29.29 -20.69
CA HIS C 205 -12.96 29.17 -20.42
C HIS C 205 -13.27 28.74 -18.99
N TYR C 206 -12.48 27.84 -18.45
CA TYR C 206 -12.70 27.40 -17.07
C TYR C 206 -11.86 28.20 -16.05
N GLN C 207 -11.23 29.28 -16.52
CA GLN C 207 -10.46 30.19 -15.68
C GLN C 207 -9.65 29.43 -14.66
N LEU C 208 -8.82 28.54 -15.16
CA LEU C 208 -7.98 27.68 -14.33
C LEU C 208 -6.71 28.37 -13.74
N THR C 209 -6.48 29.64 -14.11
CA THR C 209 -5.33 30.39 -13.57
C THR C 209 -5.47 30.73 -12.09
N GLN C 210 -6.72 30.84 -11.63
CA GLN C 210 -7.00 31.12 -10.20
C GLN C 210 -6.47 30.06 -9.24
N PHE C 211 -6.02 28.93 -9.79
CA PHE C 211 -5.46 27.84 -9.00
C PHE C 211 -3.92 27.80 -9.04
N ASP C 212 -3.30 28.82 -9.67
CA ASP C 212 -1.84 28.94 -9.73
C ASP C 212 -1.31 29.93 -8.68
N ASP C 213 -2.20 30.67 -8.01
CA ASP C 213 -1.80 31.69 -7.03
C ASP C 213 -1.35 31.12 -5.68
N GLU C 214 -0.91 32.02 -4.81
CA GLU C 214 -0.48 31.73 -3.44
C GLU C 214 -1.53 30.88 -2.72
N ARG C 215 -2.68 31.49 -2.44
CA ARG C 215 -3.79 30.81 -1.77
C ARG C 215 -4.88 30.49 -2.78
N PRO C 217 -9.01 29.97 -4.08
CA PRO C 217 -10.35 30.55 -3.94
C PRO C 217 -11.38 29.60 -3.31
N ASP C 218 -12.58 30.12 -3.07
CA ASP C 218 -13.68 29.33 -2.51
C ASP C 218 -14.25 28.43 -3.60
N LEU C 219 -14.56 27.19 -3.24
CA LEU C 219 -15.06 26.18 -4.19
C LEU C 219 -16.46 26.49 -4.71
N ASP C 220 -17.32 27.07 -3.86
CA ASP C 220 -18.69 27.41 -4.26
C ASP C 220 -18.69 28.58 -5.25
N LYS C 221 -17.85 29.58 -4.97
CA LYS C 221 -17.72 30.75 -5.86
C LYS C 221 -17.09 30.44 -7.23
N TYR C 222 -16.52 29.24 -7.40
CA TYR C 222 -15.93 28.87 -8.69
C TYR C 222 -16.96 28.74 -9.80
N GLU C 223 -17.84 27.74 -9.67
CA GLU C 223 -18.89 27.47 -10.67
C GLU C 223 -19.72 28.71 -11.00
N ARG C 224 -20.02 29.50 -9.97
CA ARG C 224 -20.80 30.71 -10.12
C ARG C 224 -20.08 31.75 -11.01
N SER C 225 -18.75 31.65 -11.12
CA SER C 225 -17.95 32.58 -11.94
C SER C 225 -17.57 32.06 -13.33
N ILE C 226 -18.07 30.89 -13.73
CA ILE C 226 -17.77 30.33 -15.05
C ILE C 226 -18.90 30.66 -16.01
N LYS C 227 -18.62 31.53 -16.98
CA LYS C 227 -19.61 31.96 -17.95
C LYS C 227 -19.63 31.03 -19.18
N ASP C 228 -20.82 30.69 -19.67
CA ASP C 228 -20.94 29.91 -20.93
C ASP C 228 -20.61 30.87 -22.07
N TYR C 229 -20.26 30.33 -23.25
CA TYR C 229 -19.98 31.18 -24.41
C TYR C 229 -21.27 31.89 -24.83
N ASP C 230 -21.15 33.11 -25.36
CA ASP C 230 -22.30 33.88 -25.80
C ASP C 230 -22.85 33.34 -27.13
N ASP C 231 -24.09 32.84 -27.12
CA ASP C 231 -24.72 32.29 -28.35
C ASP C 231 -25.74 33.24 -28.98
N SER C 232 -25.87 34.45 -28.44
CA SER C 232 -26.85 35.43 -28.94
C SER C 232 -26.79 35.67 -30.45
N SER C 233 -25.57 35.72 -31.01
CA SER C 233 -25.34 35.91 -32.45
C SER C 233 -25.12 34.59 -33.21
N ASP C 234 -25.34 33.45 -32.56
CA ASP C 234 -25.15 32.16 -33.24
C ASP C 234 -26.33 31.88 -34.15
N GLU C 235 -25.99 31.38 -35.31
CA GLU C 235 -26.95 31.02 -36.32
C GLU C 235 -27.71 29.75 -35.90
N PHE C 236 -27.01 28.85 -35.21
CA PHE C 236 -27.61 27.60 -34.75
C PHE C 236 -27.36 27.32 -33.27
N LYS C 237 -28.19 26.44 -32.74
CA LYS C 237 -28.17 26.00 -31.36
C LYS C 237 -26.78 25.43 -31.01
N PRO C 238 -26.22 25.84 -29.87
CA PRO C 238 -24.91 25.30 -29.49
C PRO C 238 -24.93 23.79 -29.21
N PHE C 239 -23.81 23.13 -29.47
CA PHE C 239 -23.70 21.71 -29.22
C PHE C 239 -23.53 21.42 -27.73
N ARG C 240 -24.19 20.37 -27.28
CA ARG C 240 -24.08 19.88 -25.90
C ARG C 240 -24.24 18.37 -25.94
N GLU C 241 -23.43 17.68 -25.14
CA GLU C 241 -23.48 16.22 -25.04
C GLU C 241 -24.65 15.92 -24.10
N VAL C 242 -25.80 15.59 -24.68
CA VAL C 242 -27.04 15.37 -23.89
C VAL C 242 -27.36 13.88 -23.67
N SER C 243 -26.39 13.15 -23.14
CA SER C 243 -26.59 11.73 -22.87
C SER C 243 -25.50 11.10 -22.01
N ASP C 244 -25.88 9.99 -21.38
CA ASP C 244 -24.96 9.14 -20.60
C ASP C 244 -24.80 7.82 -21.37
N SER C 245 -25.76 7.53 -22.24
CA SER C 245 -25.68 6.36 -23.12
C SER C 245 -24.54 6.60 -24.15
N PRO C 247 -23.80 4.59 -27.49
CA PRO C 247 -23.97 3.56 -28.52
C PRO C 247 -22.90 3.58 -29.60
N TYR C 248 -22.24 4.72 -29.80
CA TYR C 248 -21.13 4.85 -30.76
C TYR C 248 -19.89 5.40 -30.03
N PRO C 249 -18.67 5.00 -30.48
CA PRO C 249 -17.43 5.48 -29.86
C PRO C 249 -17.36 7.00 -29.73
N HIS C 250 -17.05 7.47 -28.52
CA HIS C 250 -17.03 8.89 -28.22
C HIS C 250 -16.23 9.74 -29.21
N GLY C 251 -16.87 10.80 -29.68
CA GLY C 251 -16.26 11.77 -30.58
C GLY C 251 -16.32 11.48 -32.06
N GLN C 252 -16.62 10.23 -32.41
CA GLN C 252 -16.65 9.85 -33.81
C GLN C 252 -17.88 10.46 -34.53
N CYS C 253 -17.85 10.49 -35.85
CA CYS C 253 -18.94 11.10 -36.63
C CYS C 253 -20.29 10.53 -36.26
N THR C 254 -20.32 9.21 -36.05
CA THR C 254 -21.54 8.50 -35.66
C THR C 254 -22.02 9.01 -34.30
N TRP C 255 -21.13 9.02 -33.32
CA TRP C 255 -21.46 9.53 -32.00
C TRP C 255 -22.02 10.96 -32.07
N TYR C 256 -21.41 11.81 -32.88
CA TYR C 256 -21.81 13.20 -33.00
C TYR C 256 -23.23 13.38 -33.50
N VAL C 257 -23.57 12.72 -34.60
CA VAL C 257 -24.92 12.83 -35.16
C VAL C 257 -25.98 12.28 -34.18
N TYR C 258 -25.65 11.18 -33.51
CA TYR C 258 -26.53 10.60 -32.49
C TYR C 258 -26.85 11.63 -31.40
N ASN C 259 -25.80 12.30 -30.92
CA ASN C 259 -25.93 13.31 -29.85
C ASN C 259 -26.59 14.61 -30.33
N ARG C 260 -26.19 15.11 -31.50
CA ARG C 260 -26.77 16.33 -32.06
C ARG C 260 -28.27 16.18 -32.32
N LYS C 262 -30.32 14.23 -30.65
CA LYS C 262 -30.97 14.24 -29.33
C LYS C 262 -31.24 15.65 -28.78
N GLN C 263 -30.42 16.63 -29.14
CA GLN C 263 -30.65 18.00 -28.72
C GLN C 263 -31.96 18.56 -29.27
N PHE C 264 -32.45 17.98 -30.36
CA PHE C 264 -33.72 18.42 -30.94
C PHE C 264 -34.90 17.47 -30.68
N GLY C 265 -34.76 16.63 -29.65
CA GLY C 265 -35.81 15.69 -29.21
C GLY C 265 -36.08 14.56 -30.16
N THR C 266 -35.06 14.20 -30.92
CA THR C 266 -35.15 13.19 -31.96
C THR C 266 -34.06 12.13 -31.78
N SER C 267 -34.40 10.87 -32.00
CA SER C 267 -33.45 9.78 -31.82
C SER C 267 -33.26 8.92 -33.04
N ILE C 268 -32.12 8.24 -33.04
CA ILE C 268 -31.73 7.31 -34.08
C ILE C 268 -31.09 6.13 -33.33
N SER C 269 -31.30 4.89 -33.80
CA SER C 269 -30.79 3.73 -33.06
C SER C 269 -29.28 3.61 -33.01
N GLY C 270 -28.83 2.83 -32.04
CA GLY C 270 -27.41 2.58 -31.81
C GLY C 270 -26.84 1.38 -32.54
N ASP C 271 -27.66 0.70 -33.36
CA ASP C 271 -27.22 -0.50 -34.07
C ASP C 271 -26.96 -0.25 -35.56
N LEU C 272 -26.82 1.01 -35.98
CA LEU C 272 -26.62 1.32 -37.40
C LEU C 272 -25.20 1.07 -37.92
N GLY C 273 -24.27 0.80 -37.00
CA GLY C 273 -22.90 0.45 -37.34
C GLY C 273 -22.11 1.64 -37.88
N ASP C 274 -21.15 1.36 -38.76
CA ASP C 274 -20.34 2.41 -39.37
C ASP C 274 -21.21 3.33 -40.24
N ALA C 275 -20.73 4.55 -40.42
CA ALA C 275 -21.49 5.59 -41.12
C ALA C 275 -22.14 5.19 -42.47
N HIS C 276 -21.37 4.59 -43.37
CA HIS C 276 -21.95 4.23 -44.68
C HIS C 276 -23.13 3.26 -44.61
N ASN C 277 -23.23 2.50 -43.51
CA ASN C 277 -24.35 1.56 -43.33
C ASN C 277 -25.60 2.20 -42.73
N TRP C 278 -25.53 3.47 -42.34
CA TRP C 278 -26.67 4.14 -41.73
C TRP C 278 -27.92 4.22 -42.61
N ASN C 279 -27.77 4.59 -43.88
CA ASN C 279 -28.94 4.72 -44.77
C ASN C 279 -29.66 3.42 -45.07
N ASN C 280 -28.93 2.38 -45.49
CA ASN C 280 -29.56 1.06 -45.75
C ASN C 280 -30.08 0.39 -44.49
N ARG C 281 -29.35 0.45 -43.38
CA ARG C 281 -29.86 -0.13 -42.15
C ARG C 281 -31.07 0.64 -41.58
N ALA C 282 -31.02 1.97 -41.60
CA ALA C 282 -32.14 2.80 -41.11
C ALA C 282 -33.39 2.56 -41.96
N GLN C 283 -33.20 2.46 -43.28
CA GLN C 283 -34.29 2.18 -44.20
C GLN C 283 -34.95 0.84 -43.81
N TYR C 284 -34.12 -0.17 -43.60
CA TYR C 284 -34.59 -1.48 -43.19
C TYR C 284 -35.30 -1.42 -41.84
N ARG C 285 -34.79 -0.60 -40.91
CA ARG C 285 -35.34 -0.46 -39.56
C ARG C 285 -36.49 0.56 -39.41
N ASP C 286 -37.21 0.81 -40.49
CA ASP C 286 -38.41 1.67 -40.50
C ASP C 286 -38.21 3.19 -40.32
N TYR C 287 -37.03 3.70 -40.66
CA TYR C 287 -36.81 5.14 -40.62
C TYR C 287 -37.17 5.70 -42.00
N GLN C 288 -37.57 6.96 -42.05
CA GLN C 288 -37.84 7.63 -43.32
C GLN C 288 -36.49 8.06 -43.88
N VAL C 289 -36.14 7.53 -45.06
CA VAL C 289 -34.87 7.84 -45.70
C VAL C 289 -35.13 8.25 -47.15
N SER C 290 -34.56 9.37 -47.60
CA SER C 290 -34.72 9.79 -48.99
C SER C 290 -33.53 10.60 -49.44
N HIS C 291 -33.53 10.95 -50.73
CA HIS C 291 -32.47 11.81 -51.30
C HIS C 291 -32.85 13.30 -51.24
N THR C 292 -33.98 13.64 -50.60
CA THR C 292 -34.40 15.03 -50.50
C THR C 292 -33.79 15.62 -49.24
N PRO C 293 -33.00 16.70 -49.39
CA PRO C 293 -32.39 17.27 -48.20
C PRO C 293 -33.44 17.70 -47.18
N LYS C 294 -33.16 17.46 -45.91
CA LYS C 294 -34.10 17.78 -44.84
C LYS C 294 -33.40 18.26 -43.58
N ARG C 295 -33.95 19.32 -43.01
CA ARG C 295 -33.40 19.95 -41.80
C ARG C 295 -33.44 19.00 -40.62
N HIS C 296 -32.31 18.89 -39.94
CA HIS C 296 -32.17 18.03 -38.77
C HIS C 296 -32.20 16.53 -39.03
N ALA C 297 -32.03 16.14 -40.29
CA ALA C 297 -31.85 14.75 -40.60
C ALA C 297 -30.36 14.43 -40.47
N ALA C 298 -30.06 13.15 -40.32
CA ALA C 298 -28.69 12.67 -40.40
C ALA C 298 -28.43 12.55 -41.90
N VAL C 299 -27.31 13.07 -42.40
CA VAL C 299 -26.99 12.96 -43.83
C VAL C 299 -25.84 11.96 -44.00
N VAL C 300 -26.02 10.95 -44.87
CA VAL C 300 -25.02 9.88 -45.05
C VAL C 300 -24.28 9.96 -46.38
N PHE C 301 -22.96 9.78 -46.28
CA PHE C 301 -22.05 9.72 -47.41
C PHE C 301 -21.65 8.26 -47.49
N GLU C 302 -21.79 7.66 -48.66
CA GLU C 302 -21.39 6.26 -48.86
C GLU C 302 -19.85 6.17 -48.78
N ALA C 303 -19.34 4.97 -48.66
CA ALA C 303 -17.89 4.72 -48.65
C ALA C 303 -17.28 5.33 -49.92
N GLY C 304 -16.30 6.21 -49.75
CA GLY C 304 -15.66 6.88 -50.87
C GLY C 304 -16.42 8.03 -51.54
N GLN C 305 -17.65 8.32 -51.14
CA GLN C 305 -18.44 9.36 -51.81
C GLN C 305 -17.98 10.79 -51.51
N PHE C 306 -17.65 11.53 -52.55
CA PHE C 306 -17.22 12.93 -52.45
C PHE C 306 -16.12 13.16 -51.41
N GLY C 307 -15.10 12.29 -51.41
CA GLY C 307 -14.00 12.37 -50.46
C GLY C 307 -14.23 11.73 -49.08
N ALA C 308 -15.39 11.13 -48.85
CA ALA C 308 -15.61 10.50 -47.54
C ALA C 308 -14.71 9.28 -47.39
N ASP C 309 -14.42 8.89 -46.14
CA ASP C 309 -13.57 7.74 -45.85
C ASP C 309 -13.90 6.56 -46.77
N GLN C 310 -12.86 6.01 -47.38
CA GLN C 310 -13.01 4.95 -48.36
C GLN C 310 -13.66 3.67 -47.87
N HIS C 311 -13.48 3.38 -46.58
N HIS C 311 -13.52 3.37 -46.59
CA HIS C 311 -14.05 2.19 -45.97
CA HIS C 311 -14.10 2.16 -46.02
C HIS C 311 -15.36 2.51 -45.26
C HIS C 311 -15.34 2.44 -45.17
N TYR C 312 -15.32 3.52 -44.39
CA TYR C 312 -16.47 3.84 -43.52
C TYR C 312 -17.51 4.84 -44.00
N GLY C 313 -17.21 5.61 -45.05
CA GLY C 313 -18.10 6.68 -45.46
C GLY C 313 -18.10 7.76 -44.38
N HIS C 314 -19.22 8.47 -44.24
CA HIS C 314 -19.31 9.54 -43.27
C HIS C 314 -20.77 9.86 -42.99
N VAL C 315 -21.03 10.42 -41.82
CA VAL C 315 -22.35 10.87 -41.46
C VAL C 315 -22.22 12.24 -40.77
N ALA C 316 -23.18 13.12 -41.04
CA ALA C 316 -23.22 14.47 -40.51
C ALA C 316 -24.66 14.84 -40.22
N PHE C 317 -24.86 16.02 -39.64
CA PHE C 317 -26.16 16.51 -39.25
C PHE C 317 -26.50 17.76 -40.05
N VAL C 318 -27.71 17.79 -40.59
CA VAL C 318 -28.15 18.90 -41.39
C VAL C 318 -28.69 20.02 -40.50
N GLU C 319 -27.91 21.12 -40.40
CA GLU C 319 -28.31 22.28 -39.62
C GLU C 319 -29.32 23.12 -40.42
N LYS C 320 -29.20 23.11 -41.74
CA LYS C 320 -30.06 23.96 -42.58
C LYS C 320 -30.07 23.49 -44.02
N VAL C 321 -31.20 23.69 -44.67
CA VAL C 321 -31.38 23.41 -46.09
C VAL C 321 -31.55 24.81 -46.71
N ASN C 322 -30.59 25.25 -47.52
CA ASN C 322 -30.66 26.59 -48.11
C ASN C 322 -31.70 26.63 -49.22
N SER C 323 -32.17 27.82 -49.58
CA SER C 323 -33.18 27.97 -50.65
C SER C 323 -32.71 27.39 -52.02
N ASP C 324 -31.42 27.44 -52.30
CA ASP C 324 -30.84 26.86 -53.55
C ASP C 324 -30.70 25.31 -53.57
N GLY C 325 -31.05 24.63 -52.47
CA GLY C 325 -30.92 23.17 -52.41
C GLY C 325 -29.64 22.70 -51.74
N SER C 326 -28.69 23.61 -51.51
CA SER C 326 -27.48 23.23 -50.80
C SER C 326 -27.82 23.06 -49.31
N ILE C 327 -26.90 22.49 -48.55
CA ILE C 327 -27.13 22.26 -47.13
C ILE C 327 -25.97 22.69 -46.30
N VAL C 328 -26.25 23.02 -45.04
CA VAL C 328 -25.24 23.36 -44.07
C VAL C 328 -25.25 22.18 -43.11
N ILE C 329 -24.06 21.63 -42.84
CA ILE C 329 -23.93 20.48 -41.96
C ILE C 329 -22.91 20.69 -40.86
N SER C 330 -23.07 19.92 -39.79
CA SER C 330 -22.13 19.90 -38.71
C SER C 330 -21.67 18.45 -38.58
N GLU C 331 -20.43 18.25 -38.13
CA GLU C 331 -19.84 16.94 -38.05
C GLU C 331 -18.64 16.91 -37.10
N SER C 332 -18.11 15.73 -36.84
CA SER C 332 -16.92 15.60 -36.01
C SER C 332 -15.84 14.81 -36.71
N ASN C 333 -14.61 15.02 -36.24
CA ASN C 333 -13.42 14.32 -36.74
C ASN C 333 -13.09 14.36 -38.23
N VAL C 334 -13.37 15.47 -38.90
CA VAL C 334 -12.93 15.62 -40.31
C VAL C 334 -11.97 16.80 -40.45
N LYS C 335 -12.12 17.82 -39.60
CA LYS C 335 -11.21 18.95 -39.62
C LYS C 335 -9.99 18.63 -38.78
N GLY C 336 -10.13 17.67 -37.86
CA GLY C 336 -9.04 17.27 -36.99
C GLY C 336 -9.52 16.42 -35.83
N LEU C 337 -8.59 15.74 -35.18
CA LEU C 337 -8.89 14.90 -34.03
C LEU C 337 -9.70 15.65 -32.98
N GLY C 338 -10.85 15.11 -32.60
CA GLY C 338 -11.71 15.70 -31.56
C GLY C 338 -12.29 17.07 -31.88
N ILE C 339 -12.37 17.39 -33.16
CA ILE C 339 -12.88 18.66 -33.61
C ILE C 339 -14.23 18.55 -34.27
N ILE C 340 -15.15 19.39 -33.81
CA ILE C 340 -16.48 19.50 -34.35
C ILE C 340 -16.41 20.69 -35.31
N SER C 341 -16.80 20.48 -36.56
CA SER C 341 -16.74 21.52 -37.59
C SER C 341 -18.02 21.55 -38.43
N HIS C 342 -18.09 22.53 -39.33
CA HIS C 342 -19.28 22.72 -40.14
C HIS C 342 -18.89 23.19 -41.53
N ARG C 343 -19.78 22.95 -42.48
CA ARG C 343 -19.55 23.38 -43.85
C ARG C 343 -20.80 23.32 -44.66
N THR C 344 -20.71 23.84 -45.89
CA THR C 344 -21.80 23.82 -46.84
C THR C 344 -21.48 22.81 -47.93
N ILE C 345 -22.49 21.98 -48.25
CA ILE C 345 -22.38 21.02 -49.35
C ILE C 345 -23.27 21.56 -50.47
N ASN C 346 -22.72 21.65 -51.68
CA ASN C 346 -23.45 22.19 -52.86
C ASN C 346 -24.68 21.38 -53.23
N ALA C 347 -25.66 22.05 -53.84
CA ALA C 347 -26.95 21.44 -54.21
C ALA C 347 -26.82 20.16 -55.01
N ALA C 348 -26.00 20.18 -56.07
CA ALA C 348 -25.83 19.00 -56.92
C ALA C 348 -25.32 17.81 -56.11
N ALA C 349 -24.36 18.06 -55.21
CA ALA C 349 -23.85 17.01 -54.34
C ALA C 349 -24.88 16.56 -53.30
N ALA C 350 -25.57 17.51 -52.69
CA ALA C 350 -26.56 17.24 -51.64
C ALA C 350 -27.71 16.33 -52.08
N GLU C 351 -28.13 16.48 -53.33
CA GLU C 351 -29.18 15.66 -53.90
C GLU C 351 -28.77 14.19 -54.08
N GLU C 352 -27.49 13.87 -53.97
CA GLU C 352 -27.01 12.49 -54.12
C GLU C 352 -26.80 11.81 -52.78
N LEU C 353 -27.00 12.53 -51.68
CA LEU C 353 -26.78 11.94 -50.36
C LEU C 353 -28.08 11.38 -49.82
N SER C 354 -28.00 10.61 -48.75
CA SER C 354 -29.19 10.05 -48.09
C SER C 354 -29.48 10.80 -46.77
N TYR C 355 -30.75 11.12 -46.56
CA TYR C 355 -31.23 11.86 -45.38
C TYR C 355 -32.15 11.00 -44.53
N ILE C 356 -31.74 10.72 -43.29
CA ILE C 356 -32.51 9.91 -42.34
C ILE C 356 -33.25 10.81 -41.35
N THR C 357 -34.57 10.72 -41.31
CA THR C 357 -35.36 11.48 -40.36
C THR C 357 -35.39 10.66 -39.08
N GLY C 358 -34.98 11.27 -37.96
CA GLY C 358 -34.99 10.55 -36.68
C GLY C 358 -36.41 10.34 -36.15
N LYS C 359 -36.55 9.51 -35.10
CA LYS C 359 -37.83 9.17 -34.49
C LYS C 359 -38.00 9.82 -33.11
N LYS D 2 -9.21 -5.98 -5.40
CA LYS D 2 -10.70 -5.96 -5.31
C LYS D 2 -11.19 -5.26 -4.05
N ASN D 3 -12.25 -4.46 -4.19
CA ASN D 3 -12.85 -3.74 -3.06
C ASN D 3 -14.18 -4.44 -2.73
N PRO D 4 -14.21 -5.27 -1.66
CA PRO D 4 -15.44 -5.99 -1.32
C PRO D 4 -16.64 -5.11 -0.98
N GLN D 5 -16.42 -3.82 -0.71
CA GLN D 5 -17.55 -2.91 -0.45
C GLN D 5 -18.36 -2.62 -1.69
N LEU D 6 -17.72 -2.72 -2.86
CA LEU D 6 -18.42 -2.49 -4.13
C LEU D 6 -18.77 -3.84 -4.75
N PRO D 7 -19.69 -3.84 -5.72
CA PRO D 7 -20.08 -5.11 -6.35
C PRO D 7 -18.88 -5.87 -6.93
N THR D 8 -18.73 -7.15 -6.56
CA THR D 8 -17.64 -8.00 -7.05
C THR D 8 -18.07 -8.62 -8.38
N GLN D 9 -17.15 -9.36 -9.01
CA GLN D 9 -17.41 -9.95 -10.32
C GLN D 9 -18.55 -10.98 -10.34
N ASP D 10 -18.59 -11.85 -9.33
CA ASP D 10 -19.65 -12.88 -9.23
C ASP D 10 -21.00 -12.26 -8.82
N GLU D 11 -20.96 -11.18 -8.04
CA GLU D 11 -22.19 -10.49 -7.61
C GLU D 11 -22.87 -9.84 -8.83
N LEU D 12 -22.06 -9.19 -9.68
CA LEU D 12 -22.57 -8.54 -10.90
C LEU D 12 -23.02 -9.58 -11.95
N LYS D 13 -22.47 -10.79 -11.86
CA LYS D 13 -22.82 -11.87 -12.77
C LYS D 13 -24.31 -12.19 -12.62
N HIS D 14 -24.80 -12.16 -11.37
CA HIS D 14 -26.21 -12.46 -11.06
C HIS D 14 -27.02 -11.24 -10.64
N LYS D 15 -26.71 -10.07 -11.22
CA LYS D 15 -27.45 -8.84 -10.89
C LYS D 15 -28.89 -8.90 -11.40
N SER D 16 -29.75 -8.09 -10.80
CA SER D 16 -31.14 -8.05 -11.20
C SER D 16 -31.74 -6.69 -10.90
N LYS D 17 -32.97 -6.49 -11.35
CA LYS D 17 -33.69 -5.24 -11.14
C LYS D 17 -34.16 -5.22 -9.69
N PRO D 18 -34.10 -4.05 -8.99
CA PRO D 18 -34.52 -3.97 -7.58
C PRO D 18 -35.97 -4.41 -7.38
N ALA D 19 -36.18 -5.35 -6.46
CA ALA D 19 -37.51 -5.89 -6.20
C ALA D 19 -38.47 -4.80 -5.70
N GLN D 20 -39.68 -4.79 -6.27
CA GLN D 20 -40.75 -3.84 -5.90
C GLN D 20 -41.83 -4.49 -5.04
N SER D 21 -41.71 -5.81 -4.85
CA SER D 21 -42.69 -6.52 -4.04
C SER D 21 -42.05 -7.77 -3.49
N PHE D 22 -42.56 -8.22 -2.36
CA PHE D 22 -42.10 -9.46 -1.74
C PHE D 22 -42.79 -10.67 -2.39
N ASN D 23 -42.09 -11.79 -2.41
CA ASN D 23 -42.64 -13.05 -2.93
C ASN D 23 -41.96 -14.18 -2.17
N ASN D 24 -42.05 -15.41 -2.70
CA ASN D 24 -41.38 -16.56 -2.08
C ASN D 24 -39.84 -16.41 -2.12
N ASP D 25 -39.33 -15.73 -3.16
CA ASP D 25 -37.89 -15.49 -3.30
C ASP D 25 -37.44 -14.35 -2.38
N VAL D 26 -37.81 -13.11 -2.74
CA VAL D 26 -37.44 -11.94 -1.93
C VAL D 26 -38.43 -11.74 -0.79
N ASN D 27 -37.92 -11.70 0.43
CA ASN D 27 -38.71 -11.52 1.63
C ASN D 27 -38.03 -10.52 2.55
N GLN D 28 -38.69 -10.15 3.64
CA GLN D 28 -38.13 -9.16 4.57
C GLN D 28 -36.79 -9.57 5.18
N LYS D 29 -36.58 -10.87 5.29
CA LYS D 29 -35.34 -11.42 5.82
C LYS D 29 -34.14 -11.19 4.88
N ASP D 30 -34.41 -11.07 3.57
CA ASP D 30 -33.38 -10.85 2.54
C ASP D 30 -33.23 -9.39 2.09
N THR D 31 -34.09 -8.52 2.61
CA THR D 31 -34.15 -7.15 2.10
C THR D 31 -33.70 -6.08 3.07
N ARG D 32 -32.85 -5.18 2.56
CA ARG D 32 -32.33 -4.06 3.35
C ARG D 32 -33.26 -2.87 3.30
N ALA D 33 -33.05 -1.99 4.27
CA ALA D 33 -33.73 -0.71 4.35
C ALA D 33 -32.59 0.30 4.56
N THR D 34 -32.62 1.39 3.80
CA THR D 34 -31.65 2.47 3.94
C THR D 34 -32.43 3.78 3.98
N SER D 35 -31.82 4.84 4.52
CA SER D 35 -32.51 6.13 4.68
C SER D 35 -33.04 6.70 3.37
N LEU D 36 -34.20 7.33 3.45
CA LEU D 36 -34.82 8.00 2.31
C LEU D 36 -34.59 9.49 2.39
N PHE D 37 -34.54 10.12 1.23
CA PHE D 37 -34.34 11.57 1.10
C PHE D 37 -35.37 12.16 0.15
N GLU D 38 -35.79 13.39 0.43
CA GLU D 38 -36.74 14.09 -0.45
C GLU D 38 -36.07 15.33 -1.04
N THR D 39 -36.41 15.65 -2.30
CA THR D 39 -35.90 16.86 -2.91
C THR D 39 -36.58 17.96 -2.13
N ASP D 40 -35.80 18.94 -1.71
CA ASP D 40 -36.31 20.03 -0.87
C ASP D 40 -37.61 20.61 -1.44
N PRO D 41 -38.71 20.55 -0.66
CA PRO D 41 -39.96 21.15 -1.13
C PRO D 41 -39.92 22.69 -1.15
N SER D 42 -38.95 23.31 -0.48
CA SER D 42 -38.81 24.78 -0.42
C SER D 42 -37.49 25.28 -1.05
N ILE D 43 -37.39 26.59 -1.21
CA ILE D 43 -36.18 27.20 -1.81
C ILE D 43 -35.09 27.35 -0.75
N ASN D 46 -29.44 29.60 -4.30
CA ASN D 46 -28.12 29.00 -4.18
C ASN D 46 -28.13 27.55 -4.68
N ASP D 47 -27.08 27.18 -5.43
CA ASP D 47 -26.95 25.84 -5.99
C ASP D 47 -26.46 24.83 -4.93
N GLN D 51 -29.62 19.63 -3.52
CA GLN D 51 -29.45 19.31 -2.10
C GLN D 51 -30.75 18.68 -1.53
N PHE D 52 -30.60 17.54 -0.87
CA PHE D 52 -31.73 16.78 -0.35
C PHE D 52 -32.00 16.93 1.13
N ASN D 53 -33.27 16.76 1.49
CA ASN D 53 -33.69 16.74 2.88
C ASN D 53 -33.88 15.30 3.36
N VAL D 54 -33.53 15.06 4.61
CA VAL D 54 -33.74 13.75 5.22
C VAL D 54 -35.22 13.65 5.58
N VAL D 55 -35.74 12.45 5.69
CA VAL D 55 -37.07 12.26 6.18
C VAL D 55 -36.86 12.25 7.71
N ASP D 56 -37.23 13.34 8.37
CA ASP D 56 -37.06 13.46 9.83
C ASP D 56 -38.03 12.50 10.55
N SER D 57 -37.56 11.91 11.65
CA SER D 57 -38.38 10.99 12.45
C SER D 57 -37.86 10.89 13.87
N LYS D 58 -38.71 10.40 14.77
CA LYS D 58 -38.32 10.19 16.16
C LYS D 58 -37.28 9.07 16.24
N ASP D 59 -37.46 8.05 15.39
CA ASP D 59 -36.55 6.91 15.33
C ASP D 59 -35.10 7.32 15.10
N THR D 60 -34.88 8.28 14.19
CA THR D 60 -33.52 8.73 13.90
C THR D 60 -32.91 9.42 15.12
N ARG D 61 -33.66 10.29 15.75
CA ARG D 61 -33.22 11.01 16.94
C ARG D 61 -32.85 10.03 18.06
N GLN D 62 -33.71 9.05 18.30
CA GLN D 62 -33.45 8.02 19.32
C GLN D 62 -32.24 7.19 18.92
N PHE D 63 -32.16 6.81 17.64
CA PHE D 63 -31.04 6.02 17.13
C PHE D 63 -29.71 6.75 17.35
N VAL D 64 -29.68 8.05 17.11
CA VAL D 64 -28.47 8.86 17.33
C VAL D 64 -28.07 8.80 18.82
N LYS D 65 -29.06 8.90 19.71
CA LYS D 65 -28.80 8.85 21.15
C LYS D 65 -28.20 7.50 21.59
N SER D 66 -28.63 6.41 20.94
CA SER D 66 -28.14 5.06 21.29
C SER D 66 -26.69 4.75 20.88
N ILE D 67 -26.12 5.49 19.92
CA ILE D 67 -24.72 5.26 19.46
C ILE D 67 -23.79 6.46 19.59
N ALA D 68 -24.32 7.63 19.94
CA ALA D 68 -23.52 8.86 20.02
C ALA D 68 -22.30 8.79 20.94
N LYS D 69 -22.49 8.21 22.13
CA LYS D 69 -21.40 8.10 23.13
C LYS D 69 -20.26 7.21 22.61
N ASP D 70 -20.62 6.03 22.12
CA ASP D 70 -19.62 5.09 21.57
C ASP D 70 -18.91 5.68 20.34
N ALA D 71 -19.68 6.33 19.46
CA ALA D 71 -19.15 6.96 18.26
C ALA D 71 -18.18 8.10 18.59
N HIS D 72 -18.55 8.91 19.58
CA HIS D 72 -17.69 10.00 20.02
C HIS D 72 -16.34 9.49 20.54
N ARG D 73 -16.40 8.45 21.39
CA ARG D 73 -15.19 7.84 21.98
C ARG D 73 -14.26 7.28 20.89
N ILE D 74 -14.84 6.51 19.96
CA ILE D 74 -14.11 5.92 18.85
C ILE D 74 -13.53 7.00 17.91
N GLY D 75 -14.28 8.09 17.73
CA GLY D 75 -13.82 9.20 16.89
C GLY D 75 -12.54 9.83 17.44
N GLN D 76 -12.57 10.19 18.71
CA GLN D 76 -11.41 10.80 19.38
C GLN D 76 -10.23 9.83 19.45
N ASP D 77 -10.50 8.56 19.77
CA ASP D 77 -9.45 7.55 19.91
C ASP D 77 -8.80 7.09 18.60
N ASN D 78 -9.58 7.08 17.51
CA ASN D 78 -9.10 6.55 16.22
C ASN D 78 -8.97 7.53 15.06
N ASP D 79 -8.93 8.84 15.33
CA ASP D 79 -8.74 9.85 14.26
C ASP D 79 -9.87 9.76 13.19
N ILE D 80 -11.11 9.61 13.66
CA ILE D 80 -12.29 9.52 12.78
C ILE D 80 -13.32 10.59 13.15
N TYR D 81 -13.99 11.15 12.16
CA TYR D 81 -15.07 12.10 12.39
C TYR D 81 -16.25 11.28 12.90
N ALA D 82 -16.66 11.52 14.16
CA ALA D 82 -17.81 10.82 14.73
C ALA D 82 -19.07 11.17 13.95
N SER D 83 -19.11 12.41 13.44
CA SER D 83 -20.25 12.88 12.65
C SER D 83 -20.45 12.03 11.37
N VAL D 84 -19.36 11.76 10.66
CA VAL D 84 -19.42 10.94 9.45
C VAL D 84 -19.84 9.50 9.80
N ILE D 86 -21.53 8.41 12.54
CA ILE D 86 -22.94 8.36 12.95
C ILE D 86 -23.87 8.53 11.74
N ALA D 87 -23.47 9.38 10.78
CA ALA D 87 -24.25 9.60 9.55
C ALA D 87 -24.29 8.34 8.69
N GLN D 88 -23.17 7.62 8.63
CA GLN D 88 -23.14 6.38 7.87
C GLN D 88 -24.01 5.30 8.52
N ALA D 89 -24.02 5.23 9.85
CA ALA D 89 -24.86 4.25 10.53
C ALA D 89 -26.32 4.55 10.27
N ILE D 90 -26.69 5.83 10.32
CA ILE D 90 -28.08 6.24 10.05
C ILE D 90 -28.53 5.76 8.66
N LEU D 91 -27.78 6.19 7.65
CA LEU D 91 -28.08 5.89 6.25
C LEU D 91 -28.11 4.38 5.92
N GLU D 92 -27.03 3.67 6.26
CA GLU D 92 -26.87 2.25 5.93
C GLU D 92 -27.83 1.30 6.70
N SER D 93 -28.39 1.77 7.82
CA SER D 93 -29.28 0.93 8.63
C SER D 93 -30.72 1.43 8.69
N ASP D 94 -30.99 2.54 8.02
CA ASP D 94 -32.28 3.23 8.08
C ASP D 94 -32.63 3.50 9.54
N SER D 95 -31.70 4.18 10.23
CA SER D 95 -31.85 4.51 11.64
C SER D 95 -32.17 3.27 12.48
N GLY D 96 -31.45 2.18 12.20
CA GLY D 96 -31.59 0.92 12.92
C GLY D 96 -32.79 0.06 12.60
N ARG D 97 -33.55 0.44 11.58
CA ARG D 97 -34.78 -0.30 11.21
C ARG D 97 -34.58 -1.43 10.20
N SER D 98 -33.42 -1.44 9.54
CA SER D 98 -33.07 -2.49 8.58
C SER D 98 -32.86 -3.83 9.29
N ALA D 99 -33.35 -4.90 8.68
CA ALA D 99 -33.18 -6.25 9.25
C ALA D 99 -31.69 -6.62 9.34
N LEU D 100 -30.87 -5.96 8.52
CA LEU D 100 -29.42 -6.16 8.55
C LEU D 100 -28.78 -5.57 9.83
N ALA D 101 -29.37 -4.49 10.32
CA ALA D 101 -28.87 -3.77 11.50
C ALA D 101 -29.37 -4.31 12.81
N LYS D 102 -30.54 -4.94 12.84
CA LYS D 102 -31.04 -5.44 14.12
C LYS D 102 -30.70 -6.92 14.32
N SER D 103 -30.98 -7.42 15.52
CA SER D 103 -30.69 -8.81 15.90
C SER D 103 -31.28 -9.78 14.86
N PRO D 104 -30.57 -10.86 14.52
CA PRO D 104 -29.27 -11.25 15.08
C PRO D 104 -28.04 -10.76 14.30
N ASN D 105 -28.23 -9.83 13.36
CA ASN D 105 -27.13 -9.38 12.48
C ASN D 105 -26.29 -8.22 13.05
N HIS D 106 -26.95 -7.19 13.56
CA HIS D 106 -26.28 -6.06 14.21
C HIS D 106 -25.23 -5.33 13.34
N ASN D 107 -25.45 -5.31 12.01
CA ASN D 107 -24.53 -4.67 11.08
C ASN D 107 -25.10 -3.29 10.76
N LEU D 108 -24.65 -2.29 11.52
CA LEU D 108 -25.12 -0.93 11.37
C LEU D 108 -24.59 -0.19 10.14
N PHE D 109 -23.41 -0.56 9.67
CA PHE D 109 -22.76 0.20 8.59
C PHE D 109 -22.84 -0.40 7.18
N GLY D 110 -23.58 -1.50 7.03
CA GLY D 110 -23.70 -2.17 5.74
C GLY D 110 -22.37 -2.66 5.21
N ILE D 111 -21.54 -3.22 6.09
CA ILE D 111 -20.21 -3.70 5.65
C ILE D 111 -20.29 -5.12 5.08
N LYS D 112 -19.82 -5.28 3.86
CA LYS D 112 -19.84 -6.58 3.19
C LYS D 112 -18.70 -7.47 3.64
N GLY D 113 -18.91 -8.78 3.50
CA GLY D 113 -17.92 -9.78 3.87
C GLY D 113 -18.41 -10.65 5.01
N ALA D 114 -17.47 -11.11 5.81
CA ALA D 114 -17.76 -11.94 6.98
C ALA D 114 -17.03 -11.38 8.17
N PHE D 115 -17.55 -11.67 9.37
CA PHE D 115 -16.92 -11.24 10.62
C PHE D 115 -16.71 -12.49 11.46
N GLU D 116 -15.44 -12.81 11.70
CA GLU D 116 -15.06 -14.02 12.45
C GLU D 116 -15.77 -15.23 11.84
N GLY D 117 -15.74 -15.29 10.50
CA GLY D 117 -16.36 -16.38 9.74
C GLY D 117 -17.87 -16.36 9.58
N ASN D 118 -18.53 -15.37 10.20
CA ASN D 118 -19.99 -15.27 10.16
C ASN D 118 -20.48 -14.22 9.16
N SER D 119 -21.39 -14.64 8.29
CA SER D 119 -21.92 -13.78 7.24
C SER D 119 -23.43 -14.01 7.07
N VAL D 120 -24.12 -13.00 6.55
CA VAL D 120 -25.57 -13.08 6.28
C VAL D 120 -25.84 -12.52 4.88
N PRO D 121 -26.59 -13.28 4.02
CA PRO D 121 -26.83 -12.79 2.67
C PRO D 121 -28.01 -11.82 2.59
N PHE D 122 -27.80 -10.70 1.92
CA PHE D 122 -28.85 -9.70 1.68
C PHE D 122 -28.78 -9.18 0.26
N ASN D 123 -29.95 -8.83 -0.25
CA ASN D 123 -30.06 -8.13 -1.50
C ASN D 123 -29.77 -6.68 -1.12
N THR D 124 -28.95 -6.01 -1.91
CA THR D 124 -28.52 -4.65 -1.62
C THR D 124 -28.60 -3.84 -2.92
N LEU D 125 -29.02 -2.59 -2.79
CA LEU D 125 -29.25 -1.70 -3.92
C LEU D 125 -28.02 -0.93 -4.33
N GLU D 126 -27.81 -0.87 -5.64
CA GLU D 126 -26.65 -0.25 -6.22
C GLU D 126 -27.11 0.71 -7.29
N ALA D 127 -26.19 1.55 -7.74
CA ALA D 127 -26.48 2.52 -8.78
C ALA D 127 -25.26 2.72 -9.67
N ASP D 128 -25.53 2.92 -10.94
CA ASP D 128 -24.52 3.22 -11.96
C ASP D 128 -25.13 4.42 -12.68
N GLY D 129 -24.94 5.59 -12.08
CA GLY D 129 -25.55 6.81 -12.57
C GLY D 129 -27.03 6.70 -12.21
N ASN D 130 -27.90 6.81 -13.22
CA ASN D 130 -29.35 6.70 -13.03
C ASN D 130 -29.87 5.26 -13.15
N GLN D 131 -29.02 4.34 -13.61
CA GLN D 131 -29.37 2.94 -13.75
C GLN D 131 -29.32 2.25 -12.39
N LEU D 132 -30.47 1.81 -11.89
CA LEU D 132 -30.56 1.16 -10.59
C LEU D 132 -30.61 -0.36 -10.72
N TYR D 133 -29.89 -1.04 -9.85
CA TYR D 133 -29.88 -2.48 -9.85
C TYR D 133 -29.64 -3.02 -8.46
N SER D 134 -29.69 -4.33 -8.35
CA SER D 134 -29.55 -5.02 -7.10
C SER D 134 -28.64 -6.23 -7.25
N ILE D 135 -27.94 -6.57 -6.17
CA ILE D 135 -27.10 -7.76 -6.12
C ILE D 135 -27.32 -8.45 -4.78
N ASN D 136 -27.04 -9.75 -4.73
CA ASN D 136 -27.14 -10.50 -3.49
C ASN D 136 -25.70 -10.65 -3.01
N ALA D 137 -25.45 -10.33 -1.75
CA ALA D 137 -24.10 -10.39 -1.19
C ALA D 137 -24.11 -10.73 0.28
N GLY D 138 -22.99 -11.33 0.72
CA GLY D 138 -22.80 -11.67 2.10
C GLY D 138 -22.33 -10.43 2.85
N PHE D 139 -23.03 -10.12 3.94
CA PHE D 139 -22.72 -9.01 4.81
C PHE D 139 -22.23 -9.55 6.13
N ARG D 140 -21.37 -8.78 6.80
CA ARG D 140 -20.84 -9.22 8.08
C ARG D 140 -21.97 -9.34 9.10
N LYS D 141 -21.85 -10.35 9.96
CA LYS D 141 -22.80 -10.64 11.01
C LYS D 141 -22.05 -10.56 12.34
N TYR D 142 -22.50 -9.66 13.22
CA TYR D 142 -21.86 -9.43 14.52
C TYR D 142 -22.70 -9.95 15.69
N PRO D 143 -22.05 -10.22 16.84
CA PRO D 143 -22.81 -10.63 18.03
C PRO D 143 -23.64 -9.48 18.62
N SER D 144 -23.18 -8.25 18.40
CA SER D 144 -23.88 -7.05 18.86
C SER D 144 -23.37 -5.84 18.08
N THR D 145 -23.98 -4.68 18.32
CA THR D 145 -23.58 -3.45 17.64
C THR D 145 -22.20 -2.93 18.10
N LYS D 146 -21.74 -3.35 19.27
CA LYS D 146 -20.42 -2.96 19.76
C LYS D 146 -19.34 -3.39 18.75
N GLU D 147 -19.40 -4.66 18.32
CA GLU D 147 -18.43 -5.18 17.35
C GLU D 147 -18.59 -4.48 15.99
N SER D 148 -19.82 -4.15 15.62
CA SER D 148 -20.09 -3.43 14.36
C SER D 148 -19.39 -2.09 14.37
N LEU D 149 -19.55 -1.35 15.46
CA LEU D 149 -18.92 -0.03 15.64
C LEU D 149 -17.39 -0.15 15.58
N LYS D 150 -16.85 -1.11 16.32
CA LYS D 150 -15.40 -1.31 16.34
C LYS D 150 -14.90 -1.77 14.96
N ASP D 151 -15.69 -2.59 14.26
CA ASP D 151 -15.29 -3.12 12.95
C ASP D 151 -15.29 -2.01 11.88
N TYR D 152 -16.19 -1.03 12.03
CA TYR D 152 -16.20 0.12 11.11
C TYR D 152 -14.88 0.90 11.24
N SER D 153 -14.49 1.20 12.48
N SER D 153 -14.48 1.18 12.48
CA SER D 153 -13.22 1.93 12.72
CA SER D 153 -13.23 1.90 12.75
C SER D 153 -12.01 1.15 12.19
C SER D 153 -12.03 1.15 12.19
N ASP D 154 -12.04 -0.17 12.35
CA ASP D 154 -10.96 -1.03 11.84
C ASP D 154 -10.89 -0.94 10.32
N LEU D 155 -12.05 -0.90 9.66
CA LEU D 155 -12.07 -0.79 8.21
C LEU D 155 -11.50 0.55 7.74
N ILE D 156 -11.90 1.64 8.39
CA ILE D 156 -11.42 2.98 8.02
C ILE D 156 -9.91 3.15 8.26
N LYS D 157 -9.42 2.61 9.37
CA LYS D 157 -7.99 2.71 9.76
C LYS D 157 -7.08 1.71 9.07
N ASN D 158 -7.52 0.46 8.95
CA ASN D 158 -6.70 -0.60 8.36
C ASN D 158 -6.78 -0.70 6.84
N GLY D 159 -7.88 -0.21 6.27
CA GLY D 159 -8.09 -0.28 4.82
C GLY D 159 -8.30 -1.72 4.38
N ILE D 160 -7.89 -2.02 3.14
CA ILE D 160 -8.00 -3.37 2.57
C ILE D 160 -6.71 -3.74 1.82
N ASP D 161 -6.56 -5.03 1.53
CA ASP D 161 -5.38 -5.52 0.81
C ASP D 161 -5.40 -4.93 -0.61
N GLY D 162 -4.26 -4.40 -1.04
CA GLY D 162 -4.16 -3.78 -2.37
C GLY D 162 -4.41 -2.27 -2.35
N ASN D 163 -5.17 -1.81 -1.35
CA ASN D 163 -5.45 -0.40 -1.19
C ASN D 163 -5.60 -0.09 0.31
N ARG D 164 -4.48 -0.14 1.03
CA ARG D 164 -4.50 0.07 2.50
C ARG D 164 -4.90 1.49 2.96
N THR D 165 -4.70 2.47 2.09
CA THR D 165 -5.07 3.85 2.38
C THR D 165 -6.37 4.23 1.66
N ILE D 166 -7.22 3.24 1.37
CA ILE D 166 -8.48 3.50 0.69
C ILE D 166 -9.33 4.54 1.41
N TYR D 167 -9.44 4.44 2.74
CA TYR D 167 -10.26 5.38 3.54
C TYR D 167 -9.44 6.45 4.26
N LYS D 168 -8.13 6.49 3.98
CA LYS D 168 -7.22 7.48 4.53
C LYS D 168 -7.72 8.93 4.38
N PRO D 169 -8.23 9.32 3.19
CA PRO D 169 -8.74 10.69 3.07
C PRO D 169 -9.95 11.04 3.98
N THR D 170 -10.53 10.05 4.65
CA THR D 170 -11.65 10.32 5.56
C THR D 170 -11.22 10.60 6.99
N TRP D 171 -9.95 10.32 7.33
CA TRP D 171 -9.49 10.54 8.70
C TRP D 171 -9.49 12.03 9.04
N LYS D 172 -9.79 12.32 10.30
CA LYS D 172 -9.84 13.67 10.80
C LYS D 172 -8.52 14.43 10.58
N SER D 173 -7.39 13.71 10.64
CA SER D 173 -6.07 14.31 10.45
C SER D 173 -5.72 14.56 8.97
N GLU D 174 -6.50 14.00 8.04
CA GLU D 174 -6.25 14.14 6.60
C GLU D 174 -7.28 15.01 5.89
N ALA D 175 -8.50 15.10 6.43
CA ALA D 175 -9.58 15.88 5.83
C ALA D 175 -9.80 17.17 6.59
N ASP D 176 -9.80 18.30 5.89
CA ASP D 176 -9.99 19.61 6.53
C ASP D 176 -11.34 19.76 7.22
N SER D 177 -12.37 19.12 6.66
CA SER D 177 -13.71 19.12 7.25
C SER D 177 -14.39 17.79 6.96
N TYR D 178 -15.55 17.57 7.57
CA TYR D 178 -16.31 16.35 7.36
C TYR D 178 -16.75 16.20 5.90
N LYS D 179 -16.91 17.31 5.18
CA LYS D 179 -17.31 17.27 3.76
C LYS D 179 -16.23 16.65 2.88
N ASP D 180 -14.97 16.88 3.23
CA ASP D 180 -13.87 16.26 2.51
C ASP D 180 -13.95 14.76 2.73
N ALA D 181 -14.26 14.35 3.95
CA ALA D 181 -14.39 12.92 4.27
C ALA D 181 -15.55 12.27 3.53
N THR D 182 -16.72 12.92 3.54
CA THR D 182 -17.90 12.37 2.88
C THR D 182 -17.69 12.25 1.37
N SER D 183 -17.03 13.23 0.75
CA SER D 183 -16.77 13.19 -0.70
C SER D 183 -15.90 11.99 -1.10
N HIS D 184 -14.97 11.61 -0.22
CA HIS D 184 -14.12 10.45 -0.51
C HIS D 184 -14.80 9.09 -0.27
N LEU D 185 -15.85 9.06 0.54
CA LEU D 185 -16.63 7.81 0.75
C LEU D 185 -17.48 7.47 -0.48
N SER D 186 -17.85 8.49 -1.27
CA SER D 186 -18.64 8.30 -2.50
C SER D 186 -17.95 7.42 -3.53
N LYS D 187 -16.63 7.52 -3.62
CA LYS D 187 -15.89 6.71 -4.59
C LYS D 187 -15.77 5.25 -4.10
N THR D 188 -15.45 5.13 -2.82
CA THR D 188 -15.00 3.88 -2.21
C THR D 188 -15.89 3.05 -1.29
N TYR D 189 -16.92 3.64 -0.70
CA TYR D 189 -17.75 2.90 0.25
C TYR D 189 -19.11 2.49 -0.34
N ALA D 190 -19.57 3.21 -1.35
CA ALA D 190 -20.88 2.92 -1.96
C ALA D 190 -20.90 3.39 -3.41
N THR D 191 -21.80 2.81 -4.21
CA THR D 191 -21.94 3.18 -5.62
C THR D 191 -22.92 4.34 -5.83
N ASP D 192 -23.76 4.58 -4.82
CA ASP D 192 -24.78 5.65 -4.87
C ASP D 192 -24.12 7.00 -5.23
N PRO D 193 -24.46 7.58 -6.41
CA PRO D 193 -23.81 8.84 -6.77
C PRO D 193 -24.12 10.05 -5.86
N ASN D 194 -25.18 9.95 -5.04
CA ASN D 194 -25.52 11.04 -4.11
C ASN D 194 -25.11 10.70 -2.68
N TYR D 195 -24.23 9.71 -2.50
CA TYR D 195 -23.87 9.29 -1.14
C TYR D 195 -23.32 10.43 -0.27
N ALA D 196 -22.42 11.22 -0.83
CA ALA D 196 -21.83 12.35 -0.10
C ALA D 196 -22.89 13.38 0.31
N LYS D 197 -23.72 13.78 -0.66
CA LYS D 197 -24.82 14.75 -0.41
C LYS D 197 -25.74 14.27 0.67
N LYS D 198 -26.03 12.97 0.64
CA LYS D 198 -26.91 12.34 1.63
C LYS D 198 -26.30 12.39 3.04
N LEU D 199 -25.02 12.03 3.16
CA LEU D 199 -24.32 12.09 4.43
C LEU D 199 -24.30 13.53 4.96
N ASN D 200 -24.00 14.49 4.09
CA ASN D 200 -23.92 15.91 4.48
C ASN D 200 -25.25 16.42 4.97
N SER D 201 -26.34 16.00 4.31
CA SER D 201 -27.68 16.39 4.74
C SER D 201 -27.99 15.83 6.13
N ILE D 202 -27.65 14.57 6.37
CA ILE D 202 -27.84 13.95 7.69
C ILE D 202 -27.00 14.68 8.75
N ILE D 203 -25.74 14.97 8.42
CA ILE D 203 -24.84 15.64 9.34
C ILE D 203 -25.38 17.03 9.71
N LYS D 204 -25.85 17.78 8.71
CA LYS D 204 -26.37 19.12 8.94
C LYS D 204 -27.68 19.14 9.72
N HIS D 205 -28.63 18.31 9.32
CA HIS D 205 -29.94 18.30 9.96
C HIS D 205 -29.90 17.82 11.39
N TYR D 206 -29.12 16.77 11.64
CA TYR D 206 -29.01 16.23 12.98
C TYR D 206 -27.89 16.86 13.82
N GLN D 207 -27.20 17.83 13.23
CA GLN D 207 -26.11 18.57 13.88
C GLN D 207 -25.10 17.63 14.53
N LEU D 208 -24.61 16.70 13.71
CA LEU D 208 -23.70 15.68 14.19
C LEU D 208 -22.27 16.15 14.49
N THR D 209 -21.85 17.29 13.96
CA THR D 209 -20.50 17.79 14.26
C THR D 209 -20.30 18.03 15.76
N GLN D 210 -21.40 18.13 16.52
CA GLN D 210 -21.30 18.33 17.98
C GLN D 210 -20.62 17.12 18.65
N PHE D 211 -20.57 15.98 17.96
CA PHE D 211 -19.93 14.78 18.50
C PHE D 211 -18.47 14.64 18.03
N ASP D 212 -17.94 15.67 17.35
CA ASP D 212 -16.55 15.66 16.89
C ASP D 212 -15.57 16.35 17.87
N ASP D 213 -16.08 17.04 18.89
CA ASP D 213 -15.22 17.75 19.84
C ASP D 213 -14.68 16.80 20.93
N GLU D 214 -13.70 17.28 21.69
CA GLU D 214 -13.07 16.50 22.78
C GLU D 214 -14.07 16.03 23.83
N ARG D 215 -14.86 16.96 24.35
CA ARG D 215 -15.87 16.65 25.36
C ARG D 215 -17.18 16.15 24.74
N PRO D 217 -21.10 16.06 24.50
CA PRO D 217 -22.18 16.98 24.88
C PRO D 217 -23.28 16.24 25.67
N ASP D 218 -24.11 17.01 26.38
CA ASP D 218 -25.23 16.46 27.17
C ASP D 218 -26.30 15.94 26.20
N LEU D 219 -26.59 14.64 26.26
CA LEU D 219 -27.60 14.01 25.37
C LEU D 219 -29.07 14.41 25.61
N ASP D 220 -29.37 14.95 26.79
CA ASP D 220 -30.72 15.45 27.11
C ASP D 220 -30.93 16.80 26.43
N LYS D 221 -29.83 17.40 25.97
CA LYS D 221 -29.83 18.69 25.29
C LYS D 221 -29.68 18.50 23.77
N TYR D 222 -29.71 17.25 23.32
CA TYR D 222 -29.51 16.97 21.91
C TYR D 222 -30.72 17.31 21.01
N GLU D 223 -31.91 16.84 21.39
CA GLU D 223 -33.12 17.08 20.55
C GLU D 223 -33.55 18.54 20.42
N ARG D 224 -33.35 19.33 21.47
CA ARG D 224 -33.70 20.76 21.42
C ARG D 224 -32.79 21.55 20.44
N SER D 225 -31.64 20.97 20.10
CA SER D 225 -30.72 21.60 19.13
C SER D 225 -31.08 21.32 17.67
N ILE D 226 -31.94 20.34 17.41
CA ILE D 226 -32.31 19.99 16.04
C ILE D 226 -33.38 20.94 15.49
N LYS D 227 -33.00 21.75 14.50
CA LYS D 227 -33.92 22.69 13.86
C LYS D 227 -34.79 21.92 12.83
N ASP D 228 -36.05 21.67 13.18
CA ASP D 228 -37.00 20.99 12.27
C ASP D 228 -37.15 21.75 10.97
N TYR D 229 -37.51 21.05 9.89
CA TYR D 229 -37.72 21.72 8.59
C TYR D 229 -38.97 22.60 8.65
N ASP D 230 -38.92 23.73 7.96
CA ASP D 230 -40.04 24.64 7.86
C ASP D 230 -41.06 24.05 6.88
N ASP D 231 -42.02 23.29 7.41
CA ASP D 231 -43.09 22.67 6.62
C ASP D 231 -44.35 23.54 6.48
N SER D 232 -44.50 24.55 7.35
CA SER D 232 -45.73 25.39 7.40
C SER D 232 -46.15 26.15 6.12
N SER D 233 -45.25 26.25 5.14
CA SER D 233 -45.58 26.89 3.86
C SER D 233 -45.39 25.91 2.67
N ASP D 234 -45.41 24.62 2.95
CA ASP D 234 -45.31 23.62 1.88
C ASP D 234 -46.64 23.63 1.13
N GLU D 235 -46.57 23.45 -0.19
CA GLU D 235 -47.75 23.42 -1.04
C GLU D 235 -48.62 22.21 -0.70
N PHE D 236 -47.99 21.09 -0.35
CA PHE D 236 -48.72 19.86 -0.02
C PHE D 236 -48.24 19.31 1.32
N LYS D 237 -49.05 18.43 1.91
CA LYS D 237 -48.72 17.83 3.19
C LYS D 237 -47.30 17.23 3.09
N PRO D 238 -46.44 17.46 4.11
CA PRO D 238 -45.09 16.89 4.01
C PRO D 238 -45.09 15.36 4.18
N PHE D 239 -44.08 14.69 3.60
CA PHE D 239 -43.99 13.24 3.70
C PHE D 239 -43.61 12.80 5.10
N ARG D 240 -44.31 11.77 5.57
CA ARG D 240 -44.10 11.19 6.89
C ARG D 240 -44.11 9.68 6.73
N GLU D 241 -43.14 9.02 7.34
CA GLU D 241 -43.01 7.57 7.33
C GLU D 241 -43.52 7.07 8.68
N VAL D 242 -44.84 7.00 8.83
CA VAL D 242 -45.47 6.58 10.09
C VAL D 242 -46.19 5.24 9.87
N SER D 243 -45.40 4.17 9.84
CA SER D 243 -45.91 2.82 9.67
C SER D 243 -44.90 1.83 10.22
N ASP D 244 -45.40 0.69 10.66
CA ASP D 244 -44.57 -0.40 11.16
C ASP D 244 -44.51 -1.47 10.08
N SER D 245 -45.67 -1.76 9.48
CA SER D 245 -45.78 -2.78 8.44
C SER D 245 -44.90 -2.48 7.22
N PRO D 247 -45.27 -3.91 3.73
CA PRO D 247 -45.94 -4.68 2.68
C PRO D 247 -45.16 -4.74 1.36
N TYR D 248 -44.35 -3.70 1.10
CA TYR D 248 -43.51 -3.62 -0.10
C TYR D 248 -42.07 -3.27 0.35
N PRO D 249 -41.05 -3.71 -0.41
CA PRO D 249 -39.65 -3.40 -0.07
C PRO D 249 -39.44 -1.91 0.19
N HIS D 250 -38.78 -1.63 1.30
CA HIS D 250 -38.55 -0.26 1.74
C HIS D 250 -37.97 0.68 0.68
N GLY D 251 -38.65 1.81 0.50
CA GLY D 251 -38.19 2.88 -0.40
C GLY D 251 -38.58 2.76 -1.86
N GLN D 252 -39.03 1.59 -2.27
CA GLN D 252 -39.42 1.41 -3.67
C GLN D 252 -40.69 2.21 -4.00
N CYS D 253 -41.01 2.36 -5.29
CA CYS D 253 -42.17 3.17 -5.69
C CYS D 253 -43.46 2.72 -5.07
N THR D 254 -43.62 1.39 -4.98
CA THR D 254 -44.76 0.73 -4.42
C THR D 254 -44.89 1.04 -2.94
N TRP D 255 -43.80 0.87 -2.20
CA TRP D 255 -43.75 1.20 -0.80
C TRP D 255 -44.10 2.68 -0.56
N TYR D 256 -43.52 3.57 -1.35
CA TYR D 256 -43.81 5.00 -1.21
C TYR D 256 -45.31 5.32 -1.33
N VAL D 257 -45.95 4.85 -2.39
CA VAL D 257 -47.37 5.11 -2.62
C VAL D 257 -48.25 4.55 -1.51
N TYR D 258 -47.92 3.34 -1.04
CA TYR D 258 -48.64 2.71 0.05
C TYR D 258 -48.59 3.62 1.28
N ASN D 259 -47.41 4.13 1.60
CA ASN D 259 -47.22 4.99 2.77
C ASN D 259 -47.81 6.40 2.61
N ARG D 260 -47.65 6.98 1.43
CA ARG D 260 -48.18 8.31 1.16
C ARG D 260 -49.72 8.32 1.27
N LYS D 262 -51.52 6.28 3.12
CA LYS D 262 -51.85 6.13 4.53
C LYS D 262 -51.90 7.46 5.26
N GLN D 263 -51.10 8.44 4.82
CA GLN D 263 -51.12 9.78 5.45
C GLN D 263 -52.42 10.50 5.24
N PHE D 264 -53.18 10.16 4.20
CA PHE D 264 -54.49 10.80 3.95
C PHE D 264 -55.67 9.92 4.38
N GLY D 265 -55.41 8.99 5.30
CA GLY D 265 -56.46 8.09 5.83
C GLY D 265 -57.00 7.07 4.84
N THR D 266 -56.24 6.82 3.77
CA THR D 266 -56.65 5.92 2.72
C THR D 266 -55.70 4.75 2.69
N SER D 267 -56.19 3.58 2.28
CA SER D 267 -55.34 2.40 2.23
C SER D 267 -55.46 1.62 0.95
N ILE D 268 -54.38 0.90 0.66
CA ILE D 268 -54.33 0.06 -0.51
C ILE D 268 -53.70 -1.24 -0.04
N SER D 269 -54.08 -2.32 -0.67
CA SER D 269 -53.62 -3.64 -0.29
C SER D 269 -52.09 -3.86 -0.44
N GLY D 270 -51.56 -4.84 0.29
CA GLY D 270 -50.14 -5.19 0.25
C GLY D 270 -49.81 -6.30 -0.73
N ASP D 271 -50.82 -6.80 -1.46
CA ASP D 271 -50.63 -7.94 -2.35
C ASP D 271 -50.74 -7.59 -3.83
N LEU D 272 -50.54 -6.31 -4.16
CA LEU D 272 -50.69 -5.87 -5.54
C LEU D 272 -49.49 -6.15 -6.45
N GLY D 273 -48.36 -6.57 -5.87
CA GLY D 273 -47.19 -6.92 -6.64
C GLY D 273 -46.41 -5.73 -7.17
N ASP D 274 -45.75 -5.94 -8.32
CA ASP D 274 -44.93 -4.90 -8.94
C ASP D 274 -45.84 -3.82 -9.45
N ALA D 275 -45.30 -2.61 -9.60
CA ALA D 275 -46.09 -1.44 -9.96
C ALA D 275 -47.06 -1.62 -11.10
N HIS D 276 -46.61 -2.24 -12.19
CA HIS D 276 -47.45 -2.38 -13.37
C HIS D 276 -48.66 -3.31 -13.18
N ASN D 277 -48.62 -4.21 -12.19
CA ASN D 277 -49.75 -5.09 -11.91
C ASN D 277 -50.79 -4.44 -10.99
N TRP D 278 -50.46 -3.26 -10.44
CA TRP D 278 -51.35 -2.63 -9.49
C TRP D 278 -52.76 -2.36 -10.02
N ASN D 279 -52.85 -1.85 -11.24
CA ASN D 279 -54.17 -1.53 -11.77
C ASN D 279 -55.03 -2.75 -12.05
N ASN D 280 -54.47 -3.78 -12.69
CA ASN D 280 -55.25 -5.01 -12.96
C ASN D 280 -55.58 -5.73 -11.66
N ARG D 281 -54.64 -5.82 -10.73
CA ARG D 281 -54.91 -6.49 -9.48
C ARG D 281 -55.92 -5.73 -8.62
N ALA D 282 -55.80 -4.41 -8.54
CA ALA D 282 -56.74 -3.62 -7.75
C ALA D 282 -58.15 -3.75 -8.28
N GLN D 283 -58.28 -3.67 -9.61
CA GLN D 283 -59.57 -3.83 -10.28
C GLN D 283 -60.23 -5.14 -9.87
N TYR D 284 -59.46 -6.23 -9.85
CA TYR D 284 -60.00 -7.51 -9.48
C TYR D 284 -60.39 -7.54 -7.99
N ARG D 285 -59.61 -6.84 -7.16
CA ARG D 285 -59.82 -6.82 -5.69
C ARG D 285 -60.79 -5.74 -5.20
N ASP D 286 -61.68 -5.31 -6.10
CA ASP D 286 -62.76 -4.39 -5.79
C ASP D 286 -62.39 -2.92 -5.52
N TYR D 287 -61.25 -2.44 -6.03
CA TYR D 287 -60.92 -1.02 -5.93
C TYR D 287 -61.52 -0.30 -7.15
N GLN D 288 -61.80 1.00 -7.01
CA GLN D 288 -62.27 1.78 -8.14
C GLN D 288 -61.01 2.09 -8.96
N VAL D 289 -61.03 1.75 -10.23
CA VAL D 289 -59.88 2.02 -11.11
C VAL D 289 -60.41 2.61 -12.42
N SER D 290 -59.79 3.69 -12.91
CA SER D 290 -60.21 4.28 -14.20
C SER D 290 -59.10 5.09 -14.85
N HIS D 291 -59.41 5.64 -16.03
CA HIS D 291 -58.47 6.50 -16.77
C HIS D 291 -58.68 7.97 -16.45
N THR D 292 -59.61 8.26 -15.53
CA THR D 292 -59.88 9.62 -15.11
C THR D 292 -58.94 10.02 -13.97
N PRO D 293 -58.08 11.07 -14.19
CA PRO D 293 -57.17 11.51 -13.13
C PRO D 293 -57.93 11.88 -11.88
N LYS D 294 -57.42 11.49 -10.73
CA LYS D 294 -58.10 11.74 -9.46
C LYS D 294 -57.09 12.03 -8.38
N ARG D 295 -57.38 13.03 -7.56
CA ARG D 295 -56.50 13.41 -6.48
C ARG D 295 -56.45 12.31 -5.40
N HIS D 296 -55.23 12.09 -4.90
CA HIS D 296 -54.92 11.09 -3.89
C HIS D 296 -55.08 9.63 -4.35
N ALA D 297 -55.18 9.42 -5.65
CA ALA D 297 -55.19 8.07 -6.19
C ALA D 297 -53.75 7.62 -6.42
N ALA D 298 -53.56 6.32 -6.57
CA ALA D 298 -52.27 5.79 -6.97
C ALA D 298 -52.36 5.81 -8.51
N VAL D 299 -51.39 6.42 -9.17
CA VAL D 299 -51.37 6.47 -10.64
C VAL D 299 -50.37 5.41 -11.13
N VAL D 300 -50.81 4.54 -12.04
CA VAL D 300 -50.01 3.41 -12.54
C VAL D 300 -49.54 3.63 -13.97
N PHE D 301 -48.23 3.45 -14.20
CA PHE D 301 -47.64 3.53 -15.52
C PHE D 301 -47.38 2.05 -15.92
N GLU D 302 -47.79 1.64 -17.10
CA GLU D 302 -47.50 0.28 -17.58
C GLU D 302 -45.99 0.20 -17.91
N ALA D 303 -45.47 -1.00 -18.05
CA ALA D 303 -44.05 -1.17 -18.38
C ALA D 303 -43.66 -0.38 -19.65
N GLY D 304 -42.65 0.46 -19.53
CA GLY D 304 -42.18 1.28 -20.66
C GLY D 304 -43.06 2.46 -21.03
N GLN D 305 -44.15 2.68 -20.31
CA GLN D 305 -45.09 3.75 -20.65
C GLN D 305 -44.54 5.11 -20.20
N PHE D 306 -44.41 6.05 -21.14
CA PHE D 306 -43.87 7.42 -20.90
C PHE D 306 -42.58 7.38 -20.08
N GLY D 307 -41.62 6.57 -20.54
CA GLY D 307 -40.32 6.46 -19.88
C GLY D 307 -40.27 5.60 -18.62
N ALA D 308 -41.40 5.01 -18.23
CA ALA D 308 -41.42 4.16 -17.02
C ALA D 308 -40.59 2.89 -17.24
N ASP D 309 -40.06 2.34 -16.14
CA ASP D 309 -39.25 1.13 -16.16
C ASP D 309 -39.84 0.04 -17.09
N GLN D 310 -38.97 -0.53 -17.93
CA GLN D 310 -39.37 -1.50 -18.96
C GLN D 310 -39.82 -2.86 -18.41
N HIS D 311 -39.37 -3.19 -17.21
CA HIS D 311 -39.72 -4.45 -16.55
C HIS D 311 -40.88 -4.28 -15.58
N TYR D 312 -40.83 -3.28 -14.71
CA TYR D 312 -41.85 -3.09 -13.65
C TYR D 312 -42.91 -2.01 -13.86
N GLY D 313 -42.74 -1.12 -14.82
CA GLY D 313 -43.64 0.01 -14.92
C GLY D 313 -43.35 0.90 -13.71
N HIS D 314 -44.34 1.64 -13.26
CA HIS D 314 -44.13 2.57 -12.16
C HIS D 314 -45.47 2.95 -11.54
N VAL D 315 -45.43 3.30 -10.26
CA VAL D 315 -46.60 3.81 -9.56
C VAL D 315 -46.17 5.06 -8.79
N ALA D 316 -47.06 6.02 -8.69
CA ALA D 316 -46.83 7.29 -8.02
C ALA D 316 -48.15 7.72 -7.39
N PHE D 317 -48.11 8.79 -6.60
CA PHE D 317 -49.28 9.32 -5.91
C PHE D 317 -49.70 10.65 -6.52
N VAL D 318 -50.99 10.82 -6.75
CA VAL D 318 -51.47 12.07 -7.32
C VAL D 318 -51.71 13.11 -6.22
N GLU D 319 -50.87 14.13 -6.20
CA GLU D 319 -50.93 15.21 -5.22
C GLU D 319 -52.00 16.23 -5.63
N LYS D 320 -52.19 16.41 -6.94
CA LYS D 320 -53.11 17.41 -7.44
C LYS D 320 -53.47 17.11 -8.87
N VAL D 321 -54.71 17.45 -9.22
CA VAL D 321 -55.22 17.36 -10.57
C VAL D 321 -55.41 18.84 -10.95
N ASN D 322 -54.62 19.32 -11.91
CA ASN D 322 -54.70 20.72 -12.33
C ASN D 322 -55.95 20.98 -13.19
N SER D 323 -56.31 22.24 -13.33
CA SER D 323 -57.50 22.60 -14.12
C SER D 323 -57.41 22.28 -15.63
N ASP D 324 -56.19 22.12 -16.14
CA ASP D 324 -55.97 21.73 -17.55
C ASP D 324 -55.98 20.22 -17.76
N GLY D 325 -56.15 19.44 -16.70
CA GLY D 325 -56.16 17.99 -16.82
C GLY D 325 -54.81 17.34 -16.51
N SER D 326 -53.74 18.13 -16.41
CA SER D 326 -52.44 17.58 -16.06
C SER D 326 -52.47 17.23 -14.58
N ILE D 327 -51.48 16.47 -14.12
CA ILE D 327 -51.40 16.03 -12.73
C ILE D 327 -50.06 16.33 -12.11
N VAL D 328 -50.06 16.52 -10.80
CA VAL D 328 -48.85 16.72 -10.04
C VAL D 328 -48.69 15.43 -9.25
N ILE D 329 -47.56 14.76 -9.38
CA ILE D 329 -47.34 13.51 -8.67
C ILE D 329 -46.11 13.54 -7.80
N SER D 330 -46.12 12.69 -6.77
CA SER D 330 -44.94 12.44 -5.96
C SER D 330 -44.62 10.93 -6.07
N GLU D 331 -43.35 10.58 -5.97
CA GLU D 331 -42.90 9.20 -6.21
C GLU D 331 -41.50 8.97 -5.67
N SER D 332 -41.04 7.72 -5.62
CA SER D 332 -39.66 7.42 -5.17
C SER D 332 -38.88 6.63 -6.21
N ASN D 333 -37.55 6.66 -6.09
CA ASN D 333 -36.63 5.95 -6.97
C ASN D 333 -36.68 6.23 -8.47
N VAL D 334 -36.95 7.49 -8.83
CA VAL D 334 -36.98 7.94 -10.22
C VAL D 334 -35.79 8.88 -10.46
N LYS D 335 -35.57 9.82 -9.55
CA LYS D 335 -34.43 10.73 -9.66
C LYS D 335 -33.13 10.05 -9.27
N GLY D 336 -33.22 9.10 -8.39
CA GLY D 336 -32.07 8.36 -7.93
C GLY D 336 -32.48 7.41 -6.84
N LEU D 337 -31.51 6.63 -6.41
CA LEU D 337 -31.68 5.65 -5.37
C LEU D 337 -32.09 6.31 -4.05
N GLY D 338 -33.17 5.83 -3.46
CA GLY D 338 -33.67 6.37 -2.18
C GLY D 338 -34.11 7.84 -2.20
N ILE D 339 -34.47 8.36 -3.39
CA ILE D 339 -34.92 9.76 -3.53
C ILE D 339 -36.41 9.86 -3.82
N ILE D 340 -37.10 10.64 -3.00
CA ILE D 340 -38.50 10.95 -3.17
C ILE D 340 -38.50 12.26 -3.96
N SER D 341 -39.16 12.25 -5.13
CA SER D 341 -39.24 13.44 -5.98
C SER D 341 -40.66 13.69 -6.45
N HIS D 342 -40.87 14.81 -7.15
CA HIS D 342 -42.19 15.19 -7.63
C HIS D 342 -42.06 15.78 -9.00
N ARG D 343 -43.16 15.76 -9.77
CA ARG D 343 -43.20 16.35 -11.08
C ARG D 343 -44.64 16.47 -11.60
N THR D 344 -44.76 17.15 -12.73
CA THR D 344 -46.03 17.32 -13.44
C THR D 344 -46.04 16.44 -14.70
N ILE D 345 -47.13 15.71 -14.92
CA ILE D 345 -47.32 14.88 -16.11
C ILE D 345 -48.40 15.62 -16.91
N ASN D 346 -48.12 15.91 -18.19
CA ASN D 346 -49.07 16.64 -19.07
C ASN D 346 -50.43 15.95 -19.22
N ALA D 347 -51.46 16.74 -19.51
CA ALA D 347 -52.84 16.26 -19.63
C ALA D 347 -53.02 15.06 -20.58
N ALA D 348 -52.49 15.15 -21.80
CA ALA D 348 -52.64 14.08 -22.79
C ALA D 348 -52.08 12.77 -22.30
N ALA D 349 -50.90 12.81 -21.67
CA ALA D 349 -50.28 11.62 -21.11
C ALA D 349 -51.07 11.12 -19.89
N ALA D 350 -51.51 12.04 -19.04
CA ALA D 350 -52.26 11.70 -17.81
C ALA D 350 -53.55 10.94 -18.10
N GLU D 351 -54.21 11.28 -19.21
CA GLU D 351 -55.45 10.61 -19.60
C GLU D 351 -55.25 9.15 -19.98
N GLU D 352 -54.01 8.75 -20.26
CA GLU D 352 -53.69 7.37 -20.66
C GLU D 352 -53.20 6.48 -19.52
N LEU D 353 -53.10 7.02 -18.31
CA LEU D 353 -52.66 6.25 -17.15
C LEU D 353 -53.87 5.69 -16.39
N SER D 354 -53.60 4.87 -15.39
CA SER D 354 -54.64 4.26 -14.53
C SER D 354 -54.59 4.85 -13.14
N TYR D 355 -55.76 5.16 -12.62
CA TYR D 355 -55.89 5.77 -11.30
C TYR D 355 -56.65 4.83 -10.39
N ILE D 356 -56.04 4.46 -9.27
CA ILE D 356 -56.65 3.58 -8.28
C ILE D 356 -57.03 4.39 -7.06
N THR D 357 -58.30 4.34 -6.68
CA THR D 357 -58.80 5.02 -5.50
C THR D 357 -58.67 4.02 -4.34
N GLY D 358 -58.00 4.43 -3.26
CA GLY D 358 -57.83 3.55 -2.10
C GLY D 358 -59.11 3.43 -1.27
N LYS D 359 -59.08 2.55 -0.28
CA LYS D 359 -60.21 2.30 0.61
C LYS D 359 -60.02 2.95 1.98
#